data_4AJW
#
_entry.id   4AJW
#
_cell.length_a   63.400
_cell.length_b   220.470
_cell.length_c   78.260
_cell.angle_alpha   90.00
_cell.angle_beta   113.87
_cell.angle_gamma   90.00
#
_symmetry.space_group_name_H-M   'P 1 21 1'
#
loop_
_entity.id
_entity.type
_entity.pdbx_description
1 polymer 'PHOSPHATIDYLINOSITOL-4,5-BISPHOSPHATE 3-KINASE CATALYTIC SUBUNIT DELTA ISOFORM'
2 non-polymer 2-[(1-methyl-1H-benzimidazol-2-yl)methyl]-6-morpholin-4-ylpyrimidin-4(3H)-one
3 water water
#
_entity_poly.entity_id   1
_entity_poly.type   'polypeptide(L)'
_entity_poly.pdbx_seq_one_letter_code
;KKLINSQISLLIGKGLHEFDSLRDPEVNDFRTKMRQFCEEAAAHRQQLGWVEWLQYSFPLQLEPSARGWRAGLLRVSNRA
LLVNVKFEGSEESFTFQVSTKDMPLALMACALRKKATVFRQPLVEQPEEYALQVNGRHEYLYGNYPLCHFQYICSCLHSG
LTPHLTMVHSSSILAMRDEQSNPAPQVQKPRAKPPPIPAKKPSSVSLWSLEQPFSIELIEGRKVNADERMKLVVQAGLFH
GNEMLCKTVSSSEVNVCSEPVWKQRLEFDISVCDLPRMARLCFALYAVVEKAKKARSTKKKSKKADCPIAWANLMLFDYK
DQLKTGERCLYMWPSVPDEKGELLNPAGTVRGNPNTESAAALVIYLPEVAPHPVYFPALEKILELGRHGERGRITEEELQ
LREILERRGSGELYEHEKDLVWKMRHEVQEHFPEALARLLLVTKWNKHEDVAQMLYLLCSWPELPVLSALELLDFSFPDC
YVGSFAIKSLRKLTDDELFQYLLQLVQVLKYESYLDCELTKFLLGRALANRKIGHFLFWHLRSEMHVPSVALRFGLIMEA
YCRGSTHHMKVLMKQGEALSKLKALNDFVKVSSQKTTKPQTKEMMHMCMRQETYMEALSHLQSPLDPSTLLEEVCVEQCT
FMDSKMKPLWIMYSSEEAGSAGNVGIIFKNGDDLRQDMLTLQMIQLMDVLWKQEGLDLRMTPYGCLPTGDRTGLIEVVLH
SDTIANIQLNKSNMAATAAFNKDALLNWLKSKNPGEALDRAIEEFTLSCAGYCVATYVLGIGDRHSDNIMIRESGQLFHI
DFGHFLGNFKTKFGINRERVPFILTYDFVHVIQQGKTNNSEKFERFRGYCERAYTILRRHGLLFLHLFALMRAAGLPELS
CSKDIQYLKDSLALGKTEEEALKHFRVKFNEALRESWKTKVNWLAHNVSKDNRQ
;
_entity_poly.pdbx_strand_id   A,B
#
loop_
_chem_comp.id
_chem_comp.type
_chem_comp.name
_chem_comp.formula
VWN non-polymer 2-[(1-methyl-1H-benzimidazol-2-yl)methyl]-6-morpholin-4-ylpyrimidin-4(3H)-one 'C17 H19 N5 O2'
#
# COMPACT_ATOMS: atom_id res chain seq x y z
N LYS A 1 56.58 0.46 -11.38
CA LYS A 1 57.35 1.69 -11.48
C LYS A 1 57.24 2.33 -12.86
N LYS A 2 57.15 1.50 -13.92
CA LYS A 2 57.06 1.94 -15.32
C LYS A 2 55.94 1.24 -16.10
N LEU A 3 55.61 -0.03 -15.72
CA LEU A 3 54.58 -0.86 -16.36
C LEU A 3 53.17 -0.31 -16.21
N ILE A 4 52.87 0.38 -15.08
CA ILE A 4 51.56 0.97 -14.75
C ILE A 4 51.02 1.84 -15.91
N ASN A 5 51.84 2.78 -16.41
CA ASN A 5 51.50 3.69 -17.52
C ASN A 5 51.18 2.92 -18.80
N SER A 6 51.95 1.85 -19.10
CA SER A 6 51.78 1.00 -20.28
C SER A 6 50.53 0.12 -20.15
N GLN A 7 50.21 -0.32 -18.91
CA GLN A 7 49.06 -1.18 -18.61
C GLN A 7 47.71 -0.46 -18.74
N ILE A 8 47.66 0.85 -18.39
CA ILE A 8 46.45 1.68 -18.48
C ILE A 8 46.03 1.83 -19.96
N SER A 9 47.01 2.09 -20.84
CA SER A 9 46.83 2.25 -22.29
C SER A 9 46.16 1.06 -22.96
N LEU A 10 46.55 -0.17 -22.57
CA LEU A 10 46.00 -1.41 -23.10
C LEU A 10 44.60 -1.66 -22.52
N LEU A 11 44.47 -1.36 -21.25
CA LEU A 11 43.24 -1.47 -20.52
C LEU A 11 42.18 -0.49 -20.94
N ILE A 12 42.53 0.76 -21.18
CA ILE A 12 41.48 1.68 -21.54
C ILE A 12 41.29 1.80 -23.01
N GLY A 13 42.12 1.15 -23.79
CA GLY A 13 41.99 1.19 -25.24
C GLY A 13 42.46 2.43 -25.98
N LYS A 14 43.28 3.20 -25.31
CA LYS A 14 43.81 4.48 -25.80
C LYS A 14 45.12 4.80 -25.08
N GLY A 15 46.15 5.14 -25.85
CA GLY A 15 47.48 5.49 -25.33
C GLY A 15 47.48 6.77 -24.52
N LEU A 16 48.32 6.83 -23.47
CA LEU A 16 48.45 8.00 -22.59
C LEU A 16 49.09 9.20 -23.29
N HIS A 17 49.89 8.94 -24.34
CA HIS A 17 50.58 9.95 -25.17
C HIS A 17 49.58 10.79 -25.96
N GLU A 18 48.40 10.22 -26.28
CA GLU A 18 47.31 10.86 -27.03
C GLU A 18 46.73 12.08 -26.31
N PHE A 19 46.72 12.06 -24.96
CA PHE A 19 46.23 13.19 -24.14
C PHE A 19 47.26 14.32 -24.16
N ASP A 20 48.57 13.96 -24.10
CA ASP A 20 49.69 14.90 -24.11
C ASP A 20 49.92 15.53 -25.48
N SER A 21 49.61 14.78 -26.57
CA SER A 21 49.76 15.22 -27.95
C SER A 21 48.85 16.41 -28.31
N LEU A 22 47.67 16.49 -27.66
CA LEU A 22 46.68 17.56 -27.86
C LEU A 22 47.19 18.91 -27.32
N ARG A 23 48.10 18.86 -26.31
CA ARG A 23 48.73 20.00 -25.65
C ARG A 23 47.73 20.96 -24.96
N ASP A 24 46.54 20.44 -24.61
CA ASP A 24 45.46 21.17 -23.95
C ASP A 24 45.77 21.33 -22.45
N PRO A 25 45.77 22.57 -21.90
CA PRO A 25 46.05 22.72 -20.46
C PRO A 25 44.96 22.16 -19.54
N GLU A 26 43.69 22.13 -20.02
CA GLU A 26 42.53 21.61 -19.31
C GLU A 26 42.67 20.10 -19.04
N VAL A 27 43.14 19.35 -20.06
CA VAL A 27 43.36 17.90 -19.98
C VAL A 27 44.51 17.61 -18.98
N ASN A 28 45.60 18.41 -19.05
CA ASN A 28 46.76 18.30 -18.18
C ASN A 28 46.42 18.66 -16.73
N ASP A 29 45.52 19.64 -16.53
CA ASP A 29 45.05 20.08 -15.20
C ASP A 29 44.18 19.00 -14.55
N PHE A 30 43.42 18.26 -15.37
CA PHE A 30 42.55 17.16 -14.92
C PHE A 30 43.41 15.98 -14.46
N ARG A 31 44.41 15.58 -15.27
CA ARG A 31 45.34 14.47 -14.98
C ARG A 31 46.14 14.66 -13.70
N THR A 32 46.53 15.91 -13.40
CA THR A 32 47.31 16.26 -12.20
C THR A 32 46.46 16.30 -10.94
N LYS A 33 45.28 16.98 -11.00
CA LYS A 33 44.36 17.13 -9.87
C LYS A 33 43.67 15.82 -9.47
N MET A 34 43.12 15.07 -10.45
CA MET A 34 42.42 13.80 -10.21
C MET A 34 43.31 12.70 -9.65
N ARG A 35 44.59 12.62 -10.09
CA ARG A 35 45.56 11.62 -9.61
C ARG A 35 45.80 11.77 -8.11
N GLN A 36 46.00 13.02 -7.63
CA GLN A 36 46.21 13.34 -6.22
C GLN A 36 44.97 12.99 -5.40
N PHE A 37 43.77 13.26 -5.94
CA PHE A 37 42.48 12.96 -5.33
C PHE A 37 42.27 11.43 -5.21
N CYS A 38 42.68 10.68 -6.25
CA CYS A 38 42.57 9.22 -6.29
C CYS A 38 43.60 8.53 -5.39
N GLU A 39 44.82 9.09 -5.30
CA GLU A 39 45.89 8.56 -4.46
C GLU A 39 45.64 8.81 -2.97
N GLU A 40 44.91 9.91 -2.64
CA GLU A 40 44.53 10.25 -1.27
C GLU A 40 43.42 9.30 -0.79
N ALA A 41 42.55 8.87 -1.73
CA ALA A 41 41.46 7.92 -1.50
C ALA A 41 42.04 6.52 -1.28
N ALA A 42 43.20 6.24 -1.93
CA ALA A 42 43.93 4.99 -1.82
C ALA A 42 44.73 4.94 -0.51
N ALA A 43 45.18 6.12 -0.03
CA ALA A 43 45.94 6.27 1.21
C ALA A 43 45.05 6.03 2.43
N HIS A 44 43.80 6.54 2.40
CA HIS A 44 42.79 6.38 3.45
C HIS A 44 42.29 4.92 3.49
N ARG A 45 42.28 4.27 2.31
CA ARG A 45 41.88 2.87 2.09
C ARG A 45 42.79 1.90 2.87
N GLN A 46 44.10 2.21 2.93
CA GLN A 46 45.09 1.41 3.66
C GLN A 46 44.98 1.62 5.17
N GLN A 47 44.49 2.80 5.60
CA GLN A 47 44.30 3.16 7.01
C GLN A 47 43.03 2.53 7.61
N LEU A 48 42.16 1.96 6.76
CA LEU A 48 40.91 1.30 7.15
C LEU A 48 41.16 -0.04 7.86
N GLY A 49 40.22 -0.44 8.72
CA GLY A 49 40.26 -1.71 9.43
C GLY A 49 39.95 -2.90 8.55
N TRP A 50 40.10 -4.13 9.08
CA TRP A 50 39.85 -5.35 8.31
C TRP A 50 38.39 -5.53 7.86
N VAL A 51 37.42 -5.09 8.68
CA VAL A 51 35.98 -5.14 8.36
C VAL A 51 35.66 -4.05 7.31
N GLU A 52 36.28 -2.86 7.46
CA GLU A 52 36.11 -1.72 6.54
C GLU A 52 36.69 -2.04 5.16
N TRP A 53 37.78 -2.84 5.10
CA TRP A 53 38.41 -3.29 3.86
C TRP A 53 37.49 -4.28 3.15
N LEU A 54 36.77 -5.12 3.92
CA LEU A 54 35.80 -6.10 3.41
C LEU A 54 34.62 -5.35 2.79
N GLN A 55 34.21 -4.19 3.37
CA GLN A 55 33.14 -3.33 2.88
C GLN A 55 33.44 -2.74 1.49
N TYR A 56 34.74 -2.61 1.17
CA TYR A 56 35.22 -2.09 -0.12
C TYR A 56 35.36 -3.22 -1.14
N SER A 57 36.23 -4.21 -0.87
CA SER A 57 36.54 -5.36 -1.75
C SER A 57 35.36 -6.31 -1.97
N PHE A 58 34.64 -6.67 -0.90
CA PHE A 58 33.53 -7.62 -0.96
C PHE A 58 32.25 -7.00 -0.36
N PRO A 59 31.56 -6.05 -1.06
CA PRO A 59 30.34 -5.45 -0.48
C PRO A 59 29.23 -6.47 -0.23
N LEU A 60 28.51 -6.32 0.90
CA LEU A 60 27.44 -7.23 1.32
C LEU A 60 26.28 -7.31 0.32
N GLN A 61 26.07 -8.52 -0.23
CA GLN A 61 24.98 -8.80 -1.16
C GLN A 61 23.76 -9.14 -0.31
N LEU A 62 23.00 -8.09 0.08
CA LEU A 62 21.82 -8.20 0.95
C LEU A 62 20.49 -8.23 0.19
N GLU A 63 19.45 -8.80 0.83
CA GLU A 63 18.10 -8.89 0.28
C GLU A 63 17.38 -7.53 0.32
N PRO A 64 16.67 -7.13 -0.76
CA PRO A 64 15.98 -5.82 -0.75
C PRO A 64 14.73 -5.79 0.14
N SER A 77 8.45 -18.76 11.93
CA SER A 77 9.52 -18.50 10.98
C SER A 77 10.88 -19.01 11.50
N ASN A 78 10.86 -20.15 12.24
CA ASN A 78 12.06 -20.78 12.80
C ASN A 78 12.66 -21.87 11.89
N ARG A 79 13.02 -21.46 10.65
CA ARG A 79 13.61 -22.35 9.64
C ARG A 79 15.04 -22.73 9.99
N ALA A 80 15.39 -24.01 9.76
CA ALA A 80 16.72 -24.57 10.03
C ALA A 80 17.30 -25.25 8.80
N LEU A 81 18.62 -25.09 8.60
CA LEU A 81 19.36 -25.66 7.46
C LEU A 81 20.83 -25.87 7.82
N LEU A 82 21.39 -27.04 7.42
CA LEU A 82 22.79 -27.41 7.68
C LEU A 82 23.77 -26.55 6.86
N VAL A 83 25.00 -26.37 7.39
CA VAL A 83 26.05 -25.57 6.75
C VAL A 83 27.43 -26.26 6.82
N ASN A 84 28.13 -26.32 5.67
CA ASN A 84 29.47 -26.91 5.59
C ASN A 84 30.50 -25.80 5.80
N VAL A 85 31.18 -25.83 6.97
CA VAL A 85 32.16 -24.82 7.35
C VAL A 85 33.58 -25.44 7.42
N LYS A 86 34.54 -24.80 6.74
CA LYS A 86 35.94 -25.22 6.68
C LYS A 86 36.91 -24.08 6.99
N PHE A 87 38.20 -24.40 7.22
CA PHE A 87 39.24 -23.41 7.53
C PHE A 87 40.24 -23.21 6.37
N GLU A 88 41.03 -22.11 6.43
CA GLU A 88 42.00 -21.74 5.40
C GLU A 88 43.20 -22.69 5.30
N GLY A 89 43.84 -22.96 6.44
CA GLY A 89 45.03 -23.80 6.54
C GLY A 89 44.85 -25.27 6.18
N SER A 90 43.83 -25.91 6.78
CA SER A 90 43.53 -27.33 6.56
C SER A 90 42.35 -27.58 5.62
N GLU A 91 42.34 -28.77 4.98
CA GLU A 91 41.30 -29.24 4.06
C GLU A 91 40.07 -29.78 4.82
N GLU A 92 40.16 -29.86 6.17
CA GLU A 92 39.13 -30.36 7.08
C GLU A 92 37.84 -29.53 6.99
N SER A 93 36.72 -30.22 6.68
CA SER A 93 35.40 -29.60 6.56
C SER A 93 34.46 -30.14 7.65
N PHE A 94 34.00 -29.25 8.54
CA PHE A 94 33.10 -29.61 9.65
C PHE A 94 31.68 -29.13 9.37
N THR A 95 30.77 -30.07 9.08
CA THR A 95 29.37 -29.79 8.76
C THR A 95 28.48 -29.87 10.01
N PHE A 96 27.64 -28.85 10.22
CA PHE A 96 26.72 -28.74 11.36
C PHE A 96 25.43 -27.99 10.99
N GLN A 97 24.36 -28.19 11.79
CA GLN A 97 23.05 -27.58 11.59
C GLN A 97 22.89 -26.27 12.36
N VAL A 98 22.33 -25.24 11.69
CA VAL A 98 22.08 -23.90 12.26
C VAL A 98 20.64 -23.43 11.95
N SER A 99 20.30 -22.17 12.32
CA SER A 99 18.99 -21.57 12.07
C SER A 99 19.11 -20.40 11.08
N THR A 100 18.04 -20.16 10.29
CA THR A 100 17.98 -19.10 9.29
C THR A 100 17.92 -17.69 9.90
N LYS A 101 17.37 -17.56 11.13
CA LYS A 101 17.27 -16.27 11.84
C LYS A 101 18.55 -15.91 12.62
N ASP A 102 19.53 -16.84 12.69
CA ASP A 102 20.79 -16.64 13.39
C ASP A 102 21.71 -15.63 12.71
N MET A 103 22.56 -14.96 13.50
CA MET A 103 23.55 -13.97 13.05
C MET A 103 24.82 -14.70 12.55
N PRO A 104 25.66 -14.09 11.66
CA PRO A 104 26.88 -14.80 11.21
C PRO A 104 27.88 -15.08 12.32
N LEU A 105 27.91 -14.25 13.39
CA LEU A 105 28.79 -14.39 14.55
C LEU A 105 28.47 -15.67 15.33
N ALA A 106 27.16 -16.05 15.40
CA ALA A 106 26.67 -17.26 16.07
C ALA A 106 27.15 -18.51 15.33
N LEU A 107 27.22 -18.43 13.98
CA LEU A 107 27.69 -19.50 13.10
C LEU A 107 29.21 -19.63 13.25
N MET A 108 29.91 -18.50 13.44
CA MET A 108 31.36 -18.41 13.63
C MET A 108 31.76 -18.99 14.98
N ALA A 109 30.95 -18.72 16.03
CA ALA A 109 31.15 -19.21 17.40
C ALA A 109 30.93 -20.72 17.47
N CYS A 110 29.96 -21.24 16.69
CA CYS A 110 29.63 -22.66 16.61
C CYS A 110 30.74 -23.44 15.89
N ALA A 111 31.33 -22.80 14.86
CA ALA A 111 32.43 -23.38 14.06
C ALA A 111 33.74 -23.41 14.86
N LEU A 112 33.92 -22.45 15.79
CA LEU A 112 35.10 -22.34 16.66
C LEU A 112 35.18 -23.51 17.65
N ARG A 113 34.01 -23.97 18.15
CA ARG A 113 33.90 -25.09 19.10
C ARG A 113 34.21 -26.44 18.43
N LYS A 114 33.96 -26.55 17.11
CA LYS A 114 34.20 -27.76 16.32
C LYS A 114 35.71 -28.02 16.14
N LYS A 115 36.49 -26.95 15.89
CA LYS A 115 37.94 -27.03 15.70
C LYS A 115 38.68 -27.21 17.04
N ALA A 116 38.03 -26.81 18.16
CA ALA A 116 38.56 -26.91 19.52
C ALA A 116 38.80 -28.37 19.94
N THR A 117 37.91 -29.29 19.50
CA THR A 117 38.01 -30.72 19.78
C THR A 117 38.86 -31.41 18.71
N VAL A 118 38.55 -31.18 17.42
CA VAL A 118 39.27 -31.74 16.28
C VAL A 118 39.97 -30.61 15.52
N GLN A 126 38.37 -16.38 19.64
CA GLN A 126 37.17 -15.54 19.66
C GLN A 126 36.57 -15.40 18.25
N PRO A 127 35.23 -15.56 18.09
CA PRO A 127 34.64 -15.46 16.73
C PRO A 127 34.61 -14.06 16.11
N GLU A 128 34.85 -13.01 16.92
CA GLU A 128 34.89 -11.61 16.48
C GLU A 128 36.08 -11.26 15.56
N GLU A 129 37.06 -12.18 15.46
CA GLU A 129 38.26 -12.03 14.64
C GLU A 129 38.16 -12.75 13.28
N TYR A 130 37.00 -13.36 12.98
CA TYR A 130 36.77 -14.12 11.75
C TYR A 130 35.75 -13.47 10.79
N ALA A 131 35.74 -13.97 9.53
CA ALA A 131 34.83 -13.55 8.46
C ALA A 131 34.53 -14.76 7.56
N LEU A 132 33.24 -15.01 7.30
CA LEU A 132 32.78 -16.15 6.50
C LEU A 132 32.86 -15.88 4.99
N GLN A 133 33.82 -16.53 4.31
CA GLN A 133 34.03 -16.40 2.86
C GLN A 133 33.24 -17.46 2.11
N VAL A 134 32.53 -17.06 1.05
CA VAL A 134 31.74 -17.98 0.21
C VAL A 134 32.74 -18.75 -0.67
N ASN A 135 32.71 -20.10 -0.57
CA ASN A 135 33.59 -21.02 -1.31
C ASN A 135 33.60 -20.75 -2.81
N GLY A 136 34.79 -20.53 -3.36
CA GLY A 136 35.03 -20.24 -4.77
C GLY A 136 34.37 -18.98 -5.30
N ARG A 137 34.06 -18.02 -4.40
CA ARG A 137 33.41 -16.74 -4.74
C ARG A 137 34.09 -15.55 -4.08
N HIS A 138 33.89 -14.35 -4.65
CA HIS A 138 34.43 -13.08 -4.17
C HIS A 138 33.36 -12.39 -3.30
N GLU A 139 32.73 -13.16 -2.39
CA GLU A 139 31.68 -12.72 -1.48
C GLU A 139 32.01 -13.09 -0.02
N TYR A 140 31.53 -12.27 0.93
CA TYR A 140 31.75 -12.48 2.37
C TYR A 140 30.49 -12.26 3.20
N LEU A 141 30.36 -13.01 4.30
CA LEU A 141 29.24 -12.94 5.24
C LEU A 141 29.71 -12.35 6.57
N TYR A 142 29.25 -11.12 6.87
CA TYR A 142 29.59 -10.35 8.08
C TYR A 142 28.52 -9.31 8.42
N GLY A 143 28.65 -8.68 9.59
CA GLY A 143 27.75 -7.66 10.08
C GLY A 143 26.54 -8.19 10.82
N ASN A 144 25.87 -7.30 11.59
CA ASN A 144 24.68 -7.65 12.37
C ASN A 144 23.43 -7.73 11.50
N TYR A 145 23.29 -8.87 10.79
CA TYR A 145 22.18 -9.17 9.90
C TYR A 145 21.86 -10.68 9.99
N PRO A 146 20.57 -11.10 10.11
CA PRO A 146 20.28 -12.54 10.17
C PRO A 146 20.58 -13.23 8.83
N LEU A 147 20.89 -14.54 8.86
CA LEU A 147 21.24 -15.34 7.68
C LEU A 147 20.26 -15.26 6.50
N CYS A 148 18.96 -15.03 6.77
CA CYS A 148 17.91 -14.90 5.76
C CYS A 148 18.06 -13.63 4.91
N HIS A 149 18.75 -12.60 5.43
CA HIS A 149 18.99 -11.31 4.76
C HIS A 149 20.09 -11.37 3.69
N PHE A 150 20.84 -12.48 3.59
CA PHE A 150 21.92 -12.65 2.62
C PHE A 150 21.44 -13.28 1.30
N GLN A 151 21.99 -12.81 0.16
CA GLN A 151 21.66 -13.26 -1.19
C GLN A 151 22.11 -14.69 -1.49
N TYR A 152 23.25 -15.12 -0.91
CA TYR A 152 23.79 -16.47 -1.12
C TYR A 152 22.98 -17.55 -0.38
N ILE A 153 22.52 -17.23 0.84
CA ILE A 153 21.74 -18.15 1.69
C ILE A 153 20.36 -18.46 1.09
N CYS A 154 19.61 -17.41 0.66
CA CYS A 154 18.28 -17.56 0.06
C CYS A 154 18.30 -18.31 -1.28
N SER A 155 19.38 -18.14 -2.07
CA SER A 155 19.56 -18.80 -3.35
C SER A 155 19.81 -20.30 -3.18
N CYS A 156 20.49 -20.68 -2.08
CA CYS A 156 20.79 -22.07 -1.72
C CYS A 156 19.54 -22.82 -1.25
N LEU A 157 18.63 -22.11 -0.54
CA LEU A 157 17.38 -22.64 0.00
C LEU A 157 16.41 -23.13 -1.09
N HIS A 158 16.20 -22.31 -2.14
CA HIS A 158 15.31 -22.64 -3.26
C HIS A 158 15.90 -23.70 -4.18
N SER A 159 17.25 -23.79 -4.24
CA SER A 159 17.97 -24.79 -5.03
C SER A 159 18.05 -26.12 -4.28
N GLY A 160 17.87 -26.07 -2.95
CA GLY A 160 17.92 -27.24 -2.07
C GLY A 160 19.33 -27.58 -1.62
N LEU A 161 20.31 -26.75 -2.03
CA LEU A 161 21.73 -26.91 -1.74
C LEU A 161 22.10 -26.38 -0.36
N THR A 162 23.12 -27.00 0.26
CA THR A 162 23.65 -26.59 1.56
C THR A 162 24.73 -25.52 1.37
N PRO A 163 24.69 -24.38 2.10
CA PRO A 163 25.72 -23.34 1.90
C PRO A 163 27.12 -23.79 2.30
N HIS A 164 28.12 -23.40 1.51
CA HIS A 164 29.53 -23.73 1.75
C HIS A 164 30.32 -22.46 2.07
N LEU A 165 30.76 -22.34 3.33
CA LEU A 165 31.50 -21.18 3.81
C LEU A 165 32.88 -21.55 4.35
N THR A 166 33.84 -20.62 4.24
CA THR A 166 35.22 -20.80 4.72
C THR A 166 35.55 -19.72 5.76
N MET A 167 36.09 -20.16 6.91
CA MET A 167 36.48 -19.27 8.00
C MET A 167 37.79 -18.55 7.67
N VAL A 168 37.72 -17.22 7.52
CA VAL A 168 38.88 -16.39 7.20
C VAL A 168 39.16 -15.43 8.36
N HIS A 169 40.34 -15.60 8.99
CA HIS A 169 40.81 -14.81 10.13
C HIS A 169 41.16 -13.38 9.68
N SER A 170 41.10 -12.42 10.63
CA SER A 170 41.41 -10.99 10.42
C SER A 170 42.81 -10.76 9.84
N SER A 171 43.80 -11.56 10.29
CA SER A 171 45.19 -11.52 9.84
C SER A 171 45.34 -11.80 8.34
N SER A 172 44.49 -12.70 7.80
CA SER A 172 44.49 -13.07 6.37
C SER A 172 43.93 -11.93 5.51
N ILE A 173 42.93 -11.19 6.03
CA ILE A 173 42.29 -10.05 5.38
C ILE A 173 43.27 -8.85 5.38
N LEU A 174 44.00 -8.66 6.51
CA LEU A 174 45.01 -7.60 6.67
C LEU A 174 46.20 -7.83 5.75
N ALA A 175 46.61 -9.11 5.56
CA ALA A 175 47.70 -9.51 4.68
C ALA A 175 47.30 -9.32 3.21
N MET A 176 46.00 -9.48 2.91
CA MET A 176 45.43 -9.29 1.56
C MET A 176 45.40 -7.81 1.21
N ARG A 177 45.21 -6.93 2.22
CA ARG A 177 45.21 -5.47 2.08
C ARG A 177 46.61 -4.96 1.74
N ASP A 178 47.65 -5.57 2.35
CA ASP A 178 49.06 -5.22 2.15
C ASP A 178 49.61 -5.67 0.79
N GLU A 179 48.99 -6.68 0.16
CA GLU A 179 49.42 -7.19 -1.15
C GLU A 179 48.63 -6.59 -2.34
N GLN A 180 47.50 -5.92 -2.05
CA GLN A 180 46.64 -5.27 -3.04
C GLN A 180 46.79 -3.74 -3.04
N SER A 181 47.85 -3.24 -2.38
CA SER A 181 48.17 -1.81 -2.28
C SER A 181 48.93 -1.28 -3.50
N ASN A 182 48.89 0.05 -3.72
CA ASN A 182 49.57 0.73 -4.82
C ASN A 182 51.08 0.74 -4.63
N GLN A 212 27.85 45.86 -23.18
CA GLN A 212 27.66 45.83 -24.63
C GLN A 212 27.04 44.50 -25.11
N PRO A 213 26.25 44.49 -26.22
CA PRO A 213 25.65 43.22 -26.68
C PRO A 213 26.69 42.24 -27.23
N PHE A 214 26.48 40.93 -27.00
CA PHE A 214 27.38 39.87 -27.46
C PHE A 214 27.31 39.67 -28.97
N SER A 215 28.49 39.55 -29.61
CA SER A 215 28.64 39.36 -31.05
C SER A 215 29.84 38.47 -31.38
N ILE A 216 29.77 37.73 -32.50
CA ILE A 216 30.83 36.85 -32.99
C ILE A 216 31.07 37.02 -34.48
N GLU A 217 32.34 37.01 -34.91
CA GLU A 217 32.70 37.16 -36.32
C GLU A 217 32.73 35.79 -37.00
N LEU A 218 31.82 35.58 -37.97
CA LEU A 218 31.73 34.33 -38.74
C LEU A 218 32.66 34.51 -39.97
N ILE A 219 33.88 33.96 -39.87
CA ILE A 219 34.94 34.05 -40.90
C ILE A 219 34.68 33.16 -42.13
N GLU A 220 34.88 31.83 -41.99
CA GLU A 220 34.72 30.87 -43.10
C GLU A 220 34.51 29.42 -42.68
N GLY A 221 34.25 28.58 -43.69
CA GLY A 221 34.04 27.15 -43.55
C GLY A 221 34.72 26.33 -44.64
N ARG A 222 34.67 24.99 -44.49
CA ARG A 222 35.23 24.00 -45.43
C ARG A 222 34.47 22.68 -45.31
N LYS A 223 33.43 22.51 -46.16
CA LYS A 223 32.50 21.37 -46.14
C LYS A 223 32.31 20.59 -47.45
N VAL A 224 31.30 19.66 -47.48
CA VAL A 224 30.91 18.81 -48.60
C VAL A 224 29.37 18.78 -48.72
N ASN A 225 28.81 19.18 -49.89
CA ASN A 225 27.36 19.19 -50.17
C ASN A 225 27.03 19.46 -51.66
N ALA A 226 25.75 19.26 -52.03
CA ALA A 226 25.21 19.48 -53.37
C ALA A 226 24.64 20.90 -53.45
N VAL A 234 24.52 29.40 -42.16
CA VAL A 234 25.01 29.07 -40.82
C VAL A 234 24.11 29.76 -39.77
N GLN A 235 23.36 28.96 -39.01
CA GLN A 235 22.45 29.45 -37.97
C GLN A 235 23.14 29.43 -36.60
N ALA A 236 23.20 30.59 -35.93
CA ALA A 236 23.81 30.75 -34.62
C ALA A 236 22.76 31.03 -33.54
N GLY A 237 22.98 30.49 -32.36
CA GLY A 237 22.06 30.66 -31.22
C GLY A 237 22.69 30.40 -29.87
N LEU A 238 22.32 31.22 -28.88
CA LEU A 238 22.81 31.11 -27.50
C LEU A 238 21.82 30.32 -26.63
N PHE A 239 22.35 29.35 -25.86
CA PHE A 239 21.56 28.47 -25.00
C PHE A 239 22.12 28.32 -23.58
N HIS A 240 21.21 28.19 -22.61
CA HIS A 240 21.53 27.90 -21.21
C HIS A 240 20.63 26.72 -20.83
N GLY A 241 21.01 25.54 -21.33
CA GLY A 241 20.29 24.30 -21.15
C GLY A 241 19.51 23.94 -22.39
N ASN A 242 18.28 23.45 -22.19
CA ASN A 242 17.39 23.04 -23.29
C ASN A 242 16.69 24.24 -23.96
N GLU A 243 16.70 25.43 -23.31
CA GLU A 243 16.06 26.64 -23.83
C GLU A 243 17.05 27.79 -24.12
N MET A 244 16.70 28.64 -25.10
CA MET A 244 17.46 29.80 -25.58
C MET A 244 17.67 30.91 -24.54
N LEU A 245 18.65 31.79 -24.80
CA LEU A 245 18.98 32.97 -24.00
C LEU A 245 18.50 34.21 -24.75
N CYS A 246 18.48 34.13 -26.10
CA CYS A 246 18.04 35.17 -27.03
C CYS A 246 17.58 34.49 -28.34
N LYS A 247 16.95 35.27 -29.26
CA LYS A 247 16.48 34.73 -30.55
C LYS A 247 17.64 34.36 -31.48
N THR A 248 17.50 33.22 -32.19
CA THR A 248 18.51 32.69 -33.11
C THR A 248 18.69 33.57 -34.35
N ASP A 269 20.80 39.35 -29.19
CA ASP A 269 19.97 40.20 -28.34
C ASP A 269 20.17 39.86 -26.84
N ILE A 270 21.44 39.95 -26.38
CA ILE A 270 21.87 39.68 -25.00
C ILE A 270 23.18 40.44 -24.69
N SER A 271 23.23 41.13 -23.53
CA SER A 271 24.38 41.89 -23.07
C SER A 271 25.50 40.96 -22.57
N VAL A 272 26.77 41.42 -22.66
CA VAL A 272 27.96 40.67 -22.23
C VAL A 272 27.96 40.39 -20.72
N CYS A 273 27.52 41.38 -19.90
CA CYS A 273 27.42 41.26 -18.45
C CYS A 273 26.20 40.40 -18.05
N ASP A 274 25.22 40.26 -18.97
CA ASP A 274 24.00 39.48 -18.80
C ASP A 274 24.16 38.01 -19.26
N LEU A 275 25.41 37.54 -19.42
CA LEU A 275 25.71 36.17 -19.84
C LEU A 275 25.98 35.23 -18.65
N PRO A 276 25.31 34.06 -18.58
CA PRO A 276 25.58 33.14 -17.47
C PRO A 276 26.87 32.33 -17.66
N ARG A 277 27.35 31.69 -16.58
CA ARG A 277 28.58 30.88 -16.56
C ARG A 277 28.49 29.63 -17.45
N MET A 278 27.32 28.97 -17.47
CA MET A 278 27.10 27.75 -18.26
C MET A 278 26.41 28.01 -19.62
N ALA A 279 26.70 29.17 -20.24
CA ALA A 279 26.16 29.56 -21.54
C ALA A 279 26.83 28.82 -22.68
N ARG A 280 26.03 28.36 -23.68
CA ARG A 280 26.49 27.62 -24.84
C ARG A 280 26.20 28.35 -26.14
N LEU A 281 27.20 28.43 -27.04
CA LEU A 281 27.08 29.06 -28.35
C LEU A 281 26.96 27.93 -29.39
N CYS A 282 25.74 27.73 -29.91
CA CYS A 282 25.42 26.67 -30.86
C CYS A 282 25.39 27.12 -32.32
N PHE A 283 25.94 26.27 -33.21
CA PHE A 283 26.01 26.51 -34.65
C PHE A 283 25.44 25.33 -35.45
N ALA A 284 24.86 25.63 -36.63
CA ALA A 284 24.28 24.63 -37.53
C ALA A 284 24.47 25.05 -38.99
N LEU A 285 25.13 24.19 -39.79
CA LEU A 285 25.40 24.41 -41.21
C LEU A 285 24.39 23.60 -42.03
N TYR A 286 23.61 24.28 -42.88
CA TYR A 286 22.59 23.67 -43.73
C TYR A 286 22.43 24.36 -45.09
N ALA A 287 21.72 23.69 -46.03
CA ALA A 287 21.46 24.20 -47.39
C ALA A 287 19.97 24.18 -47.72
N ASP A 306 15.46 22.07 -48.09
CA ASP A 306 16.05 21.99 -46.76
C ASP A 306 16.88 20.71 -46.60
N CYS A 307 18.15 20.86 -46.16
CA CYS A 307 19.08 19.75 -45.95
C CYS A 307 20.12 20.06 -44.86
N PRO A 308 20.05 19.38 -43.68
CA PRO A 308 21.05 19.65 -42.64
C PRO A 308 22.39 18.96 -42.93
N ILE A 309 23.51 19.68 -42.73
CA ILE A 309 24.85 19.16 -43.01
C ILE A 309 25.64 18.84 -41.74
N ALA A 310 25.95 19.88 -40.92
CA ALA A 310 26.74 19.71 -39.70
C ALA A 310 26.37 20.65 -38.54
N TRP A 311 26.83 20.32 -37.32
CA TRP A 311 26.59 21.12 -36.10
C TRP A 311 27.86 21.25 -35.24
N ALA A 312 27.95 22.36 -34.47
CA ALA A 312 29.08 22.64 -33.57
C ALA A 312 28.64 23.51 -32.39
N ASN A 313 29.02 23.10 -31.17
CA ASN A 313 28.72 23.82 -29.93
C ASN A 313 30.00 24.10 -29.15
N LEU A 314 30.03 25.23 -28.41
CA LEU A 314 31.19 25.63 -27.59
C LEU A 314 30.79 26.50 -26.40
N MET A 315 31.60 26.47 -25.34
CA MET A 315 31.41 27.26 -24.13
C MET A 315 32.05 28.64 -24.30
N LEU A 316 31.37 29.70 -23.83
CA LEU A 316 31.87 31.08 -23.91
C LEU A 316 33.02 31.30 -22.93
N PHE A 317 32.94 30.66 -21.76
CA PHE A 317 33.95 30.72 -20.71
C PHE A 317 34.77 29.42 -20.71
N ASP A 318 36.04 29.50 -20.27
CA ASP A 318 36.93 28.33 -20.20
C ASP A 318 36.80 27.61 -18.84
N TYR A 319 37.70 26.64 -18.55
CA TYR A 319 37.70 25.90 -17.30
C TYR A 319 38.19 26.74 -16.11
N LYS A 320 38.90 27.86 -16.39
CA LYS A 320 39.42 28.79 -15.38
C LYS A 320 38.52 30.03 -15.19
N ASP A 321 37.22 29.90 -15.57
CA ASP A 321 36.15 30.91 -15.46
C ASP A 321 36.36 32.21 -16.27
N GLN A 322 37.27 32.20 -17.25
CA GLN A 322 37.58 33.36 -18.10
C GLN A 322 36.90 33.23 -19.47
N LEU A 323 36.33 34.35 -19.99
CA LEU A 323 35.66 34.40 -21.29
C LEU A 323 36.70 34.25 -22.41
N LYS A 324 36.43 33.31 -23.34
CA LYS A 324 37.31 32.95 -24.46
C LYS A 324 37.51 34.08 -25.49
N THR A 325 38.78 34.30 -25.88
CA THR A 325 39.24 35.30 -26.87
C THR A 325 40.55 34.80 -27.52
N GLY A 326 40.67 34.83 -28.85
CA GLY A 326 39.66 35.32 -29.79
C GLY A 326 39.29 34.33 -30.87
N GLU A 327 40.24 34.03 -31.78
CA GLU A 327 40.04 33.11 -32.89
C GLU A 327 39.91 31.66 -32.43
N ARG A 328 38.87 30.96 -32.92
CA ARG A 328 38.57 29.56 -32.58
C ARG A 328 38.10 28.77 -33.80
N CYS A 329 38.67 27.56 -33.99
CA CYS A 329 38.31 26.65 -35.08
C CYS A 329 37.35 25.59 -34.55
N LEU A 330 36.15 25.51 -35.15
CA LEU A 330 35.11 24.58 -34.72
C LEU A 330 35.00 23.37 -35.65
N TYR A 331 35.55 22.22 -35.23
CA TYR A 331 35.48 20.99 -36.00
C TYR A 331 34.10 20.36 -35.81
N MET A 332 33.21 20.64 -36.78
CA MET A 332 31.81 20.23 -36.81
C MET A 332 31.56 18.72 -36.87
N TRP A 333 30.41 18.29 -36.31
CA TRP A 333 29.95 16.90 -36.26
C TRP A 333 28.82 16.71 -37.29
N PRO A 334 28.74 15.56 -38.02
CA PRO A 334 27.67 15.39 -39.01
C PRO A 334 26.26 15.31 -38.43
N SER A 335 25.26 15.78 -39.21
CA SER A 335 23.85 15.79 -38.83
C SER A 335 23.06 14.70 -39.54
N LEU A 343 16.39 21.35 -35.58
CA LEU A 343 17.51 21.64 -36.49
C LEU A 343 18.79 21.89 -35.68
N LEU A 344 18.74 22.87 -34.75
CA LEU A 344 19.86 23.25 -33.89
C LEU A 344 19.86 22.34 -32.65
N ASN A 345 21.02 21.70 -32.39
CA ASN A 345 21.19 20.75 -31.29
C ASN A 345 22.03 21.31 -30.11
N PRO A 346 21.39 21.80 -29.02
CA PRO A 346 22.17 22.31 -27.89
C PRO A 346 22.68 21.25 -26.93
N ALA A 347 22.05 20.05 -26.94
CA ALA A 347 22.37 18.90 -26.09
C ALA A 347 23.74 18.26 -26.37
N GLY A 348 24.23 18.40 -27.61
CA GLY A 348 25.50 17.87 -28.07
C GLY A 348 26.73 18.39 -27.36
N THR A 349 27.86 17.66 -27.51
CA THR A 349 29.16 17.97 -26.91
C THR A 349 29.73 19.34 -27.30
N VAL A 350 30.44 19.99 -26.37
CA VAL A 350 31.09 21.30 -26.55
C VAL A 350 32.54 21.18 -27.07
N ARG A 351 32.97 19.93 -27.37
CA ARG A 351 34.30 19.61 -27.88
C ARG A 351 34.21 19.31 -29.38
N GLY A 352 35.23 19.76 -30.13
CA GLY A 352 35.33 19.57 -31.57
C GLY A 352 35.56 18.13 -32.00
N ASN A 353 35.31 17.85 -33.29
CA ASN A 353 35.48 16.53 -33.92
C ASN A 353 36.97 16.12 -33.93
N PRO A 354 37.32 14.90 -33.45
CA PRO A 354 38.74 14.49 -33.45
C PRO A 354 39.30 14.21 -34.84
N ASN A 355 38.42 13.85 -35.80
CA ASN A 355 38.79 13.58 -37.20
C ASN A 355 38.97 14.91 -37.94
N THR A 356 40.11 15.59 -37.69
CA THR A 356 40.47 16.88 -38.28
C THR A 356 40.88 16.78 -39.77
N GLU A 357 40.84 15.56 -40.33
CA GLU A 357 41.20 15.27 -41.72
C GLU A 357 39.98 15.26 -42.66
N SER A 358 38.85 14.65 -42.23
CA SER A 358 37.64 14.55 -43.06
C SER A 358 36.48 15.45 -42.65
N ALA A 359 36.26 15.66 -41.33
CA ALA A 359 35.16 16.49 -40.81
C ALA A 359 35.32 17.98 -41.14
N ALA A 360 34.18 18.67 -41.32
CA ALA A 360 34.10 20.09 -41.65
C ALA A 360 34.53 20.99 -40.49
N ALA A 361 35.20 22.12 -40.80
CA ALA A 361 35.69 23.08 -39.82
C ALA A 361 35.14 24.49 -40.09
N LEU A 362 34.82 25.22 -39.00
CA LEU A 362 34.29 26.58 -39.05
C LEU A 362 35.13 27.53 -38.20
N VAL A 363 35.72 28.57 -38.82
CA VAL A 363 36.56 29.55 -38.12
C VAL A 363 35.71 30.72 -37.63
N ILE A 364 35.75 30.98 -36.32
CA ILE A 364 35.03 32.07 -35.66
C ILE A 364 35.98 32.93 -34.83
N TYR A 365 35.64 34.22 -34.64
CA TYR A 365 36.44 35.14 -33.84
C TYR A 365 35.63 35.74 -32.70
N LEU A 366 36.22 35.76 -31.50
CA LEU A 366 35.60 36.33 -30.29
C LEU A 366 36.23 37.71 -30.02
N PRO A 367 35.46 38.81 -30.12
CA PRO A 367 36.04 40.14 -29.90
C PRO A 367 36.41 40.43 -28.46
N GLU A 368 37.60 41.03 -28.26
CA GLU A 368 38.12 41.40 -26.94
C GLU A 368 37.43 42.66 -26.39
N VAL A 369 37.03 42.62 -25.12
CA VAL A 369 36.34 43.73 -24.44
C VAL A 369 37.21 44.45 -23.40
N ALA A 370 38.26 43.78 -22.89
CA ALA A 370 39.18 44.34 -21.90
C ALA A 370 40.64 44.07 -22.30
N PRO A 373 40.60 40.46 -20.54
CA PRO A 373 40.90 39.47 -19.50
C PRO A 373 39.79 39.48 -18.49
N VAL A 374 38.58 39.25 -18.98
CA VAL A 374 37.41 39.28 -18.13
C VAL A 374 36.99 37.87 -17.75
N TYR A 375 36.94 37.63 -16.47
CA TYR A 375 36.52 36.37 -15.97
C TYR A 375 35.07 36.48 -15.63
N PHE A 376 34.61 35.48 -14.93
CA PHE A 376 33.25 35.42 -14.36
C PHE A 376 33.33 35.70 -12.86
N PRO A 377 32.44 36.56 -12.30
CA PRO A 377 32.51 36.88 -10.86
C PRO A 377 32.27 35.67 -9.94
N ALA A 378 33.13 35.54 -8.91
CA ALA A 378 33.10 34.47 -7.91
C ALA A 378 31.86 34.54 -7.02
N LEU A 379 31.48 33.40 -6.39
CA LEU A 379 30.34 33.20 -5.50
C LEU A 379 30.16 34.31 -4.44
N GLU A 380 31.28 34.85 -3.90
CA GLU A 380 31.30 35.92 -2.90
C GLU A 380 30.61 37.19 -3.43
N LYS A 381 30.86 37.54 -4.70
CA LYS A 381 30.30 38.71 -5.38
C LYS A 381 28.84 38.46 -5.80
N ILE A 382 28.48 37.20 -6.12
CA ILE A 382 27.15 36.77 -6.55
C ILE A 382 26.11 36.93 -5.43
N LEU A 383 26.47 36.56 -4.18
CA LEU A 383 25.60 36.63 -3.01
C LEU A 383 25.08 38.03 -2.66
N GLU A 384 25.86 39.09 -3.01
CA GLU A 384 25.49 40.49 -2.76
C GLU A 384 24.33 40.96 -3.65
N LEU A 385 24.36 40.59 -4.95
CA LEU A 385 23.32 40.95 -5.91
C LEU A 385 22.19 39.91 -5.90
N GLU A 415 2.23 31.04 -18.27
CA GLU A 415 2.54 32.36 -18.81
C GLU A 415 2.67 33.38 -17.66
N HIS A 416 1.54 33.72 -16.99
CA HIS A 416 1.50 34.65 -15.86
C HIS A 416 1.88 33.93 -14.56
N GLU A 417 1.79 32.58 -14.56
CA GLU A 417 2.11 31.71 -13.44
C GLU A 417 3.61 31.79 -13.11
N LYS A 418 4.46 31.85 -14.16
CA LYS A 418 5.92 31.95 -14.09
C LYS A 418 6.37 33.16 -13.28
N ASP A 419 5.70 34.32 -13.47
CA ASP A 419 5.96 35.58 -12.77
C ASP A 419 5.54 35.50 -11.30
N LEU A 420 4.42 34.78 -11.02
CA LEU A 420 3.88 34.58 -9.68
C LEU A 420 4.79 33.67 -8.84
N VAL A 421 5.35 32.60 -9.46
CA VAL A 421 6.25 31.64 -8.82
C VAL A 421 7.58 32.33 -8.42
N TRP A 422 8.11 33.19 -9.32
CA TRP A 422 9.35 33.96 -9.07
C TRP A 422 9.12 35.05 -8.00
N LYS A 423 7.89 35.57 -7.89
CA LYS A 423 7.49 36.58 -6.90
C LYS A 423 7.47 35.94 -5.50
N MET A 424 7.02 34.68 -5.42
CA MET A 424 6.88 33.89 -4.19
C MET A 424 8.15 33.09 -3.84
N ARG A 425 9.30 33.36 -4.52
CA ARG A 425 10.58 32.67 -4.33
C ARG A 425 11.04 32.43 -2.88
N HIS A 426 10.75 33.38 -1.97
CA HIS A 426 11.11 33.29 -0.55
C HIS A 426 10.21 32.28 0.18
N GLU A 427 8.91 32.21 -0.22
CA GLU A 427 7.92 31.28 0.34
C GLU A 427 8.20 29.85 -0.13
N VAL A 428 8.83 29.71 -1.31
CA VAL A 428 9.22 28.41 -1.90
C VAL A 428 10.38 27.83 -1.08
N GLN A 429 11.38 28.66 -0.73
CA GLN A 429 12.55 28.26 0.08
C GLN A 429 12.14 27.86 1.50
N GLU A 430 11.07 28.47 2.04
CA GLU A 430 10.56 28.25 3.40
C GLU A 430 9.50 27.15 3.52
N HIS A 431 8.56 27.05 2.56
CA HIS A 431 7.46 26.09 2.62
C HIS A 431 7.46 24.95 1.59
N PHE A 432 7.97 25.19 0.37
CA PHE A 432 7.98 24.17 -0.69
C PHE A 432 9.42 23.85 -1.19
N PRO A 433 10.27 23.15 -0.41
CA PRO A 433 11.65 22.88 -0.88
C PRO A 433 11.72 21.99 -2.13
N GLU A 434 10.76 21.05 -2.26
CA GLU A 434 10.65 20.10 -3.38
C GLU A 434 10.35 20.81 -4.72
N ALA A 435 9.76 22.01 -4.67
CA ALA A 435 9.40 22.82 -5.84
C ALA A 435 10.56 23.66 -6.43
N LEU A 436 11.82 23.34 -6.05
CA LEU A 436 13.03 24.01 -6.55
C LEU A 436 13.20 23.86 -8.06
N ALA A 437 12.89 22.66 -8.60
CA ALA A 437 12.97 22.33 -10.03
C ALA A 437 12.04 23.22 -10.86
N ARG A 438 10.81 23.49 -10.36
CA ARG A 438 9.83 24.36 -11.01
C ARG A 438 10.24 25.83 -10.90
N LEU A 439 10.93 26.19 -9.80
CA LEU A 439 11.43 27.55 -9.54
C LEU A 439 12.67 27.87 -10.39
N LEU A 440 13.53 26.85 -10.65
CA LEU A 440 14.74 27.00 -11.46
C LEU A 440 14.46 27.14 -12.96
N LEU A 441 13.26 26.72 -13.42
CA LEU A 441 12.86 26.80 -14.82
C LEU A 441 12.21 28.15 -15.16
N VAL A 442 11.56 28.78 -14.15
CA VAL A 442 10.88 30.07 -14.30
C VAL A 442 11.81 31.28 -14.24
N THR A 443 12.97 31.15 -13.54
CA THR A 443 13.97 32.20 -13.38
C THR A 443 14.65 32.58 -14.70
N LYS A 444 14.77 33.90 -14.95
CA LYS A 444 15.37 34.42 -16.17
C LYS A 444 16.90 34.32 -16.14
N TRP A 445 17.44 33.33 -16.86
CA TRP A 445 18.88 33.08 -16.95
C TRP A 445 19.59 34.09 -17.87
N ASN A 446 18.81 34.77 -18.74
CA ASN A 446 19.29 35.80 -19.66
C ASN A 446 19.60 37.13 -18.97
N LYS A 447 19.14 37.30 -17.71
CA LYS A 447 19.35 38.49 -16.88
C LYS A 447 20.21 38.10 -15.68
N HIS A 448 21.38 38.74 -15.52
CA HIS A 448 22.32 38.45 -14.42
C HIS A 448 21.81 38.78 -13.01
N GLU A 449 20.78 39.66 -12.91
CA GLU A 449 20.16 40.06 -11.65
C GLU A 449 19.35 38.90 -11.05
N ASP A 450 18.56 38.20 -11.90
CA ASP A 450 17.74 37.05 -11.51
C ASP A 450 18.58 35.84 -11.10
N VAL A 451 19.73 35.63 -11.77
CA VAL A 451 20.67 34.52 -11.52
C VAL A 451 21.29 34.67 -10.13
N ALA A 452 21.78 35.88 -9.79
CA ALA A 452 22.40 36.19 -8.50
C ALA A 452 21.42 36.12 -7.33
N GLN A 453 20.13 36.48 -7.57
CA GLN A 453 19.06 36.44 -6.57
C GLN A 453 18.68 34.98 -6.25
N MET A 454 18.63 34.12 -7.29
CA MET A 454 18.31 32.69 -7.19
C MET A 454 19.44 31.94 -6.47
N LEU A 455 20.71 32.25 -6.83
CA LEU A 455 21.91 31.64 -6.25
C LEU A 455 22.07 31.90 -4.75
N TYR A 456 21.58 33.07 -4.27
CA TYR A 456 21.61 33.44 -2.84
C TYR A 456 20.69 32.52 -2.04
N LEU A 457 19.53 32.15 -2.63
CA LEU A 457 18.55 31.24 -2.03
C LEU A 457 19.04 29.80 -2.09
N LEU A 458 19.73 29.42 -3.19
CA LEU A 458 20.28 28.08 -3.44
C LEU A 458 21.37 27.70 -2.42
N CYS A 459 22.19 28.68 -2.00
CA CYS A 459 23.26 28.49 -1.02
C CYS A 459 22.71 28.24 0.39
N SER A 460 21.48 28.73 0.66
CA SER A 460 20.78 28.58 1.94
C SER A 460 19.61 27.57 1.85
N TRP A 461 19.39 26.98 0.65
CA TRP A 461 18.34 26.01 0.37
C TRP A 461 18.53 24.70 1.13
N PRO A 462 17.48 24.17 1.81
CA PRO A 462 17.64 22.89 2.56
C PRO A 462 17.92 21.69 1.66
N GLU A 463 18.54 20.64 2.22
CA GLU A 463 18.89 19.39 1.54
C GLU A 463 17.66 18.68 0.96
N LEU A 464 17.69 18.38 -0.34
CA LEU A 464 16.60 17.72 -1.06
C LEU A 464 16.73 16.20 -1.06
N PRO A 465 15.61 15.43 -1.01
CA PRO A 465 15.73 13.95 -1.06
C PRO A 465 16.22 13.43 -2.41
N VAL A 466 16.71 12.16 -2.42
CA VAL A 466 17.25 11.44 -3.58
C VAL A 466 16.43 11.63 -4.88
N LEU A 467 15.09 11.47 -4.80
CA LEU A 467 14.15 11.61 -5.91
C LEU A 467 14.20 13.02 -6.55
N SER A 468 14.29 14.07 -5.71
CA SER A 468 14.35 15.47 -6.15
C SER A 468 15.70 15.81 -6.78
N ALA A 469 16.80 15.24 -6.23
CA ALA A 469 18.17 15.46 -6.70
C ALA A 469 18.42 14.87 -8.10
N LEU A 470 17.77 13.73 -8.42
CA LEU A 470 17.89 13.05 -9.72
C LEU A 470 17.23 13.85 -10.84
N GLU A 471 16.19 14.64 -10.51
CA GLU A 471 15.46 15.51 -11.43
C GLU A 471 16.34 16.69 -11.85
N LEU A 472 17.17 17.21 -10.92
CA LEU A 472 18.07 18.35 -11.13
C LEU A 472 19.31 18.02 -11.99
N LEU A 473 19.64 16.72 -12.15
CA LEU A 473 20.77 16.26 -12.95
C LEU A 473 20.53 16.37 -14.46
N ASP A 474 19.25 16.58 -14.87
CA ASP A 474 18.79 16.71 -16.25
C ASP A 474 19.42 17.92 -16.97
N PHE A 475 19.44 17.90 -18.32
CA PHE A 475 20.02 18.95 -19.16
C PHE A 475 19.31 20.32 -19.03
N SER A 476 18.04 20.32 -18.53
CA SER A 476 17.24 21.52 -18.30
C SER A 476 17.83 22.42 -17.20
N PHE A 477 18.71 21.86 -16.34
CA PHE A 477 19.40 22.55 -15.26
C PHE A 477 20.92 22.48 -15.52
N PRO A 478 21.48 23.38 -16.36
CA PRO A 478 22.92 23.29 -16.68
C PRO A 478 23.89 23.92 -15.69
N ASP A 479 23.42 24.91 -14.90
CA ASP A 479 24.21 25.67 -13.93
C ASP A 479 25.02 24.78 -12.98
N CYS A 480 26.32 25.09 -12.86
CA CYS A 480 27.30 24.36 -12.04
C CYS A 480 26.94 24.35 -10.54
N TYR A 481 26.33 25.44 -10.05
CA TYR A 481 25.90 25.59 -8.66
C TYR A 481 24.70 24.68 -8.36
N VAL A 482 23.82 24.49 -9.37
CA VAL A 482 22.66 23.60 -9.30
C VAL A 482 23.17 22.16 -9.31
N GLY A 483 24.18 21.90 -10.15
CA GLY A 483 24.85 20.61 -10.28
C GLY A 483 25.57 20.22 -9.00
N SER A 484 26.23 21.20 -8.35
CA SER A 484 26.95 21.03 -7.08
C SER A 484 25.96 20.77 -5.93
N PHE A 485 24.79 21.43 -5.96
CA PHE A 485 23.71 21.28 -4.97
C PHE A 485 23.10 19.88 -5.07
N ALA A 486 23.00 19.35 -6.32
CA ALA A 486 22.48 18.01 -6.60
C ALA A 486 23.42 16.95 -6.01
N ILE A 487 24.75 17.09 -6.24
CA ILE A 487 25.81 16.21 -5.71
C ILE A 487 25.79 16.22 -4.18
N LYS A 488 25.60 17.41 -3.56
CA LYS A 488 25.51 17.61 -2.12
C LYS A 488 24.32 16.83 -1.54
N SER A 489 23.21 16.75 -2.31
CA SER A 489 22.00 16.00 -1.95
C SER A 489 22.17 14.50 -2.25
N LEU A 490 23.01 14.16 -3.25
CA LEU A 490 23.29 12.77 -3.63
C LEU A 490 24.33 12.10 -2.72
N ARG A 491 24.97 12.87 -1.81
CA ARG A 491 25.96 12.38 -0.86
C ARG A 491 25.39 11.36 0.15
N LYS A 492 24.07 11.44 0.43
CA LYS A 492 23.37 10.54 1.35
C LYS A 492 23.01 9.17 0.75
N LEU A 493 23.29 8.97 -0.56
CA LEU A 493 23.02 7.71 -1.28
C LEU A 493 23.82 6.54 -0.71
N THR A 494 23.17 5.39 -0.55
CA THR A 494 23.82 4.17 -0.07
C THR A 494 24.45 3.48 -1.29
N ASP A 495 25.43 2.59 -1.05
CA ASP A 495 26.14 1.86 -2.11
C ASP A 495 25.22 1.00 -2.98
N ASP A 496 24.07 0.54 -2.42
CA ASP A 496 23.07 -0.25 -3.12
C ASP A 496 22.20 0.66 -4.00
N GLU A 497 21.82 1.84 -3.48
CA GLU A 497 21.02 2.84 -4.20
C GLU A 497 21.81 3.46 -5.35
N LEU A 498 23.12 3.72 -5.12
CA LEU A 498 24.03 4.29 -6.12
C LEU A 498 24.24 3.32 -7.29
N PHE A 499 24.32 2.01 -7.00
CA PHE A 499 24.49 0.92 -7.97
C PHE A 499 23.28 0.82 -8.90
N GLN A 500 22.07 1.13 -8.37
CA GLN A 500 20.80 1.10 -9.08
C GLN A 500 20.71 2.21 -10.14
N TYR A 501 21.19 3.42 -9.82
CA TYR A 501 21.14 4.58 -10.72
C TYR A 501 22.48 4.93 -11.39
N LEU A 502 23.52 4.08 -11.21
CA LEU A 502 24.88 4.26 -11.76
C LEU A 502 24.92 4.49 -13.27
N LEU A 503 24.10 3.73 -14.04
CA LEU A 503 24.00 3.83 -15.49
C LEU A 503 23.56 5.23 -15.93
N GLN A 504 22.56 5.79 -15.23
CA GLN A 504 22.01 7.12 -15.48
C GLN A 504 23.00 8.23 -15.13
N LEU A 505 23.78 8.06 -14.04
CA LEU A 505 24.79 9.01 -13.57
C LEU A 505 25.96 9.15 -14.55
N VAL A 506 26.33 8.05 -15.22
CA VAL A 506 27.41 7.99 -16.22
C VAL A 506 26.97 8.77 -17.48
N GLN A 507 25.65 8.74 -17.79
CA GLN A 507 25.05 9.44 -18.93
C GLN A 507 25.07 10.96 -18.75
N VAL A 508 25.00 11.46 -17.48
CA VAL A 508 25.03 12.88 -17.13
C VAL A 508 26.39 13.50 -17.52
N LEU A 509 27.48 12.69 -17.55
CA LEU A 509 28.84 13.10 -17.94
C LEU A 509 28.88 13.61 -19.39
N LYS A 510 28.00 13.07 -20.26
CA LYS A 510 27.87 13.46 -21.67
C LYS A 510 27.30 14.88 -21.78
N TYR A 511 26.38 15.25 -20.87
CA TYR A 511 25.75 16.57 -20.81
C TYR A 511 26.69 17.63 -20.23
N GLU A 512 27.69 17.21 -19.42
CA GLU A 512 28.68 18.08 -18.77
C GLU A 512 29.47 18.95 -19.73
N SER A 513 29.85 20.16 -19.28
CA SER A 513 30.58 21.15 -20.07
C SER A 513 32.10 21.01 -19.97
N TYR A 514 32.61 20.71 -18.78
CA TYR A 514 34.06 20.58 -18.54
C TYR A 514 34.43 19.23 -17.96
N LEU A 515 35.70 18.81 -18.16
CA LEU A 515 36.25 17.54 -17.67
C LEU A 515 36.26 17.48 -16.15
N ASP A 516 36.82 18.53 -15.50
CA ASP A 516 36.89 18.64 -14.04
C ASP A 516 35.55 19.17 -13.52
N CYS A 517 34.70 18.26 -13.00
CA CYS A 517 33.38 18.60 -12.45
C CYS A 517 33.07 17.80 -11.19
N GLU A 518 32.07 18.26 -10.41
CA GLU A 518 31.63 17.63 -9.15
C GLU A 518 31.10 16.21 -9.31
N LEU A 519 30.44 15.91 -10.45
CA LEU A 519 29.91 14.57 -10.77
C LEU A 519 31.05 13.56 -10.94
N THR A 520 32.15 13.97 -11.61
CA THR A 520 33.34 13.14 -11.83
C THR A 520 34.00 12.83 -10.47
N LYS A 521 34.11 13.85 -9.59
CA LYS A 521 34.68 13.75 -8.24
C LYS A 521 33.85 12.82 -7.36
N PHE A 522 32.51 12.89 -7.49
CA PHE A 522 31.56 12.07 -6.74
C PHE A 522 31.58 10.61 -7.21
N LEU A 523 31.54 10.38 -8.55
CA LEU A 523 31.57 9.04 -9.13
C LEU A 523 32.89 8.32 -8.86
N LEU A 524 34.02 9.05 -8.91
CA LEU A 524 35.37 8.53 -8.67
C LEU A 524 35.62 8.25 -7.19
N GLY A 525 35.15 9.15 -6.33
CA GLY A 525 35.28 9.05 -4.87
C GLY A 525 34.53 7.87 -4.28
N ARG A 526 33.37 7.53 -4.87
CA ARG A 526 32.54 6.41 -4.46
C ARG A 526 33.01 5.09 -5.08
N ALA A 527 33.65 5.16 -6.26
CA ALA A 527 34.20 4.02 -6.99
C ALA A 527 35.44 3.46 -6.28
N LEU A 528 36.21 4.34 -5.61
CA LEU A 528 37.41 3.97 -4.87
C LEU A 528 37.08 3.57 -3.42
N ALA A 529 35.84 3.87 -2.98
CA ALA A 529 35.33 3.53 -1.65
C ALA A 529 34.61 2.17 -1.67
N ASN A 530 34.17 1.73 -2.86
CA ASN A 530 33.45 0.47 -3.08
C ASN A 530 33.91 -0.14 -4.41
N ARG A 531 34.59 -1.31 -4.35
CA ARG A 531 35.13 -2.03 -5.51
C ARG A 531 34.08 -2.52 -6.52
N LYS A 532 32.84 -2.79 -6.06
CA LYS A 532 31.73 -3.23 -6.92
C LYS A 532 31.27 -2.04 -7.79
N ILE A 533 31.25 -0.82 -7.21
CA ILE A 533 30.89 0.44 -7.89
C ILE A 533 31.97 0.75 -8.94
N GLY A 534 33.24 0.62 -8.53
CA GLY A 534 34.41 0.85 -9.38
C GLY A 534 34.53 -0.11 -10.55
N HIS A 535 33.98 -1.33 -10.40
CA HIS A 535 33.96 -2.37 -11.42
C HIS A 535 32.99 -1.98 -12.54
N PHE A 536 31.73 -1.65 -12.17
CA PHE A 536 30.69 -1.26 -13.12
C PHE A 536 30.88 0.12 -13.73
N LEU A 537 31.49 1.07 -12.99
CA LEU A 537 31.77 2.42 -13.49
C LEU A 537 32.74 2.33 -14.66
N PHE A 538 33.81 1.52 -14.51
CA PHE A 538 34.83 1.26 -15.53
C PHE A 538 34.21 0.73 -16.83
N TRP A 539 33.35 -0.31 -16.73
CA TRP A 539 32.69 -0.92 -17.89
C TRP A 539 31.67 -0.03 -18.59
N HIS A 540 31.07 0.92 -17.85
CA HIS A 540 30.12 1.89 -18.43
C HIS A 540 30.88 2.94 -19.24
N LEU A 541 32.16 3.19 -18.89
CA LEU A 541 33.03 4.14 -19.58
C LEU A 541 33.79 3.46 -20.73
N ARG A 542 34.25 2.21 -20.52
CA ARG A 542 34.99 1.40 -21.50
C ARG A 542 34.16 0.99 -22.73
N SER A 543 32.88 0.66 -22.52
CA SER A 543 31.96 0.26 -23.59
C SER A 543 31.65 1.38 -24.58
N GLU A 544 31.75 2.65 -24.14
CA GLU A 544 31.47 3.84 -24.96
C GLU A 544 32.73 4.51 -25.55
N MET A 545 33.91 3.86 -25.39
CA MET A 545 35.21 4.36 -25.89
C MET A 545 35.30 4.49 -27.41
N HIS A 546 34.53 3.66 -28.16
CA HIS A 546 34.49 3.68 -29.61
C HIS A 546 33.83 4.94 -30.17
N VAL A 547 32.95 5.59 -29.36
CA VAL A 547 32.25 6.83 -29.72
C VAL A 547 33.26 7.99 -29.54
N PRO A 548 33.58 8.76 -30.62
CA PRO A 548 34.58 9.84 -30.50
C PRO A 548 34.21 11.03 -29.61
N SER A 549 32.89 11.29 -29.42
CA SER A 549 32.40 12.40 -28.60
C SER A 549 32.68 12.24 -27.10
N VAL A 550 32.77 10.98 -26.62
CA VAL A 550 33.02 10.66 -25.21
C VAL A 550 34.37 9.94 -24.95
N ALA A 551 35.12 9.63 -26.04
CA ALA A 551 36.41 8.94 -25.99
C ALA A 551 37.46 9.59 -25.10
N LEU A 552 37.54 10.95 -25.11
CA LEU A 552 38.50 11.69 -24.29
C LEU A 552 38.10 11.73 -22.81
N ARG A 553 36.84 12.15 -22.52
CA ARG A 553 36.31 12.27 -21.16
C ARG A 553 36.34 10.96 -20.38
N PHE A 554 35.68 9.91 -20.92
CA PHE A 554 35.58 8.57 -20.32
C PHE A 554 36.94 7.91 -20.09
N GLY A 555 37.86 8.09 -21.03
CA GLY A 555 39.22 7.57 -20.96
C GLY A 555 40.05 8.22 -19.87
N LEU A 556 39.84 9.54 -19.66
CA LEU A 556 40.53 10.32 -18.63
C LEU A 556 40.05 9.97 -17.22
N ILE A 557 38.75 9.61 -17.08
CA ILE A 557 38.14 9.20 -15.80
C ILE A 557 38.69 7.81 -15.41
N MET A 558 38.77 6.89 -16.39
CA MET A 558 39.31 5.53 -16.21
C MET A 558 40.79 5.56 -15.83
N GLU A 559 41.57 6.46 -16.47
CA GLU A 559 43.01 6.65 -16.22
C GLU A 559 43.24 7.09 -14.78
N ALA A 560 42.40 8.03 -14.28
CA ALA A 560 42.44 8.55 -12.92
C ALA A 560 42.12 7.47 -11.90
N TYR A 561 41.09 6.63 -12.18
CA TYR A 561 40.67 5.51 -11.33
C TYR A 561 41.78 4.47 -11.17
N CYS A 562 42.52 4.19 -12.27
CA CYS A 562 43.63 3.23 -12.31
C CYS A 562 44.80 3.65 -11.42
N ARG A 563 45.00 4.97 -11.23
CA ARG A 563 46.05 5.55 -10.37
C ARG A 563 45.74 5.28 -8.90
N GLY A 564 44.44 5.32 -8.56
CA GLY A 564 43.95 5.05 -7.22
C GLY A 564 43.92 3.58 -6.89
N SER A 565 43.42 2.75 -7.82
CA SER A 565 43.35 1.30 -7.64
C SER A 565 44.26 0.57 -8.65
N THR A 566 45.49 0.26 -8.20
CA THR A 566 46.51 -0.43 -9.00
C THR A 566 46.22 -1.93 -9.13
N HIS A 567 45.73 -2.57 -8.05
CA HIS A 567 45.40 -4.00 -8.05
C HIS A 567 44.15 -4.30 -8.89
N HIS A 568 43.08 -3.47 -8.76
CA HIS A 568 41.84 -3.63 -9.52
C HIS A 568 42.05 -3.44 -11.02
N MET A 569 43.05 -2.63 -11.40
CA MET A 569 43.47 -2.36 -12.78
C MET A 569 43.96 -3.68 -13.41
N LYS A 570 44.73 -4.48 -12.65
CA LYS A 570 45.27 -5.78 -13.06
C LYS A 570 44.15 -6.83 -13.16
N VAL A 571 43.13 -6.73 -12.28
CA VAL A 571 41.96 -7.61 -12.22
C VAL A 571 41.10 -7.40 -13.49
N LEU A 572 40.86 -6.12 -13.86
CA LEU A 572 40.09 -5.74 -15.05
C LEU A 572 40.84 -6.08 -16.36
N MET A 573 42.20 -6.15 -16.29
CA MET A 573 43.05 -6.50 -17.44
C MET A 573 42.83 -7.94 -17.87
N LYS A 574 42.64 -8.86 -16.89
CA LYS A 574 42.36 -10.28 -17.12
C LYS A 574 41.01 -10.44 -17.83
N GLN A 575 40.04 -9.56 -17.52
CA GLN A 575 38.71 -9.51 -18.13
C GLN A 575 38.85 -9.00 -19.57
N GLY A 576 39.74 -8.02 -19.76
CA GLY A 576 40.06 -7.41 -21.05
C GLY A 576 40.72 -8.38 -22.01
N GLU A 577 41.60 -9.26 -21.48
CA GLU A 577 42.29 -10.30 -22.24
C GLU A 577 41.30 -11.40 -22.66
N ALA A 578 40.35 -11.75 -21.77
CA ALA A 578 39.32 -12.76 -21.99
C ALA A 578 38.34 -12.32 -23.09
N LEU A 579 37.93 -11.03 -23.08
CA LEU A 579 37.01 -10.47 -24.07
C LEU A 579 37.67 -10.31 -25.44
N SER A 580 39.00 -10.06 -25.46
CA SER A 580 39.79 -9.94 -26.69
C SER A 580 39.88 -11.30 -27.38
N LYS A 581 40.04 -12.37 -26.58
CA LYS A 581 40.10 -13.76 -27.05
C LYS A 581 38.73 -14.24 -27.52
N LEU A 582 37.65 -13.74 -26.87
CA LEU A 582 36.26 -14.05 -27.21
C LEU A 582 35.88 -13.46 -28.57
N LYS A 583 36.42 -12.26 -28.89
CA LYS A 583 36.22 -11.54 -30.15
C LYS A 583 36.86 -12.36 -31.29
N ALA A 584 38.09 -12.88 -31.06
CA ALA A 584 38.84 -13.70 -32.00
C ALA A 584 38.17 -15.07 -32.20
N LEU A 585 37.57 -15.61 -31.12
CA LEU A 585 36.84 -16.89 -31.15
C LEU A 585 35.52 -16.73 -31.90
N ASN A 586 34.85 -15.56 -31.73
CA ASN A 586 33.59 -15.25 -32.42
C ASN A 586 33.86 -15.04 -33.91
N ASP A 587 35.00 -14.40 -34.26
CA ASP A 587 35.44 -14.17 -35.63
C ASP A 587 35.75 -15.51 -36.31
N PHE A 588 36.33 -16.47 -35.55
CA PHE A 588 36.66 -17.83 -36.00
C PHE A 588 35.36 -18.59 -36.33
N VAL A 589 34.32 -18.42 -35.48
CA VAL A 589 33.00 -19.04 -35.63
C VAL A 589 32.23 -18.41 -36.82
N LYS A 590 32.24 -17.05 -36.92
CA LYS A 590 31.57 -16.28 -37.98
C LYS A 590 32.02 -16.68 -39.40
N VAL A 591 33.32 -16.99 -39.56
CA VAL A 591 33.92 -17.39 -40.83
C VAL A 591 33.62 -18.87 -41.16
N SER A 592 33.91 -19.78 -40.21
CA SER A 592 33.73 -21.23 -40.34
C SER A 592 32.29 -21.69 -40.59
N SER A 593 31.30 -21.08 -39.92
CA SER A 593 29.87 -21.42 -40.05
C SER A 593 29.32 -21.23 -41.46
N GLN A 594 29.99 -20.40 -42.28
CA GLN A 594 29.64 -20.12 -43.67
C GLN A 594 30.36 -21.10 -44.60
N LYS A 595 31.61 -21.40 -44.25
CA LYS A 595 32.45 -22.39 -44.90
C LYS A 595 32.00 -23.82 -44.71
N THR A 596 31.47 -24.12 -43.54
CA THR A 596 31.04 -25.47 -43.20
C THR A 596 29.75 -25.47 -42.46
N THR A 597 29.40 -26.63 -41.91
CA THR A 597 28.17 -26.78 -41.15
C THR A 597 28.30 -26.56 -39.66
N LYS A 598 27.16 -26.58 -39.00
CA LYS A 598 27.02 -26.37 -37.56
C LYS A 598 27.81 -27.34 -36.64
N PRO A 599 27.78 -28.71 -36.82
CA PRO A 599 28.56 -29.57 -35.91
C PRO A 599 30.07 -29.46 -36.09
N GLN A 600 30.53 -29.23 -37.34
CA GLN A 600 31.94 -29.08 -37.69
C GLN A 600 32.52 -27.75 -37.18
N THR A 601 31.69 -26.69 -37.16
CA THR A 601 32.06 -25.35 -36.68
C THR A 601 32.21 -25.39 -35.15
N LYS A 602 31.34 -26.19 -34.48
CA LYS A 602 31.33 -26.38 -33.02
C LYS A 602 32.65 -27.04 -32.57
N GLU A 603 33.12 -28.05 -33.32
CA GLU A 603 34.38 -28.76 -33.03
C GLU A 603 35.59 -27.86 -33.32
N MET A 604 35.47 -26.97 -34.33
CA MET A 604 36.50 -25.99 -34.69
C MET A 604 36.68 -24.97 -33.57
N MET A 605 35.57 -24.58 -32.92
CA MET A 605 35.51 -23.66 -31.79
C MET A 605 36.16 -24.34 -30.58
N HIS A 606 35.87 -25.65 -30.38
CA HIS A 606 36.40 -26.48 -29.29
C HIS A 606 37.92 -26.64 -29.41
N MET A 607 38.43 -26.91 -30.63
CA MET A 607 39.86 -27.07 -30.92
C MET A 607 40.61 -25.74 -30.75
N CYS A 608 39.94 -24.61 -31.03
CA CYS A 608 40.49 -23.26 -30.88
C CYS A 608 40.61 -22.90 -29.41
N MET A 609 39.62 -23.30 -28.58
CA MET A 609 39.57 -23.04 -27.14
C MET A 609 40.62 -23.84 -26.36
N ARG A 610 40.92 -25.08 -26.81
CA ARG A 610 41.88 -26.00 -26.18
C ARG A 610 43.34 -25.50 -26.21
N GLN A 611 43.64 -24.50 -27.05
CA GLN A 611 44.98 -23.90 -27.21
C GLN A 611 45.46 -23.20 -25.93
N GLU A 612 46.80 -23.12 -25.76
CA GLU A 612 47.48 -22.52 -24.60
C GLU A 612 47.03 -21.08 -24.30
N THR A 613 47.03 -20.21 -25.33
CA THR A 613 46.64 -18.80 -25.23
C THR A 613 45.17 -18.61 -24.83
N TYR A 614 44.28 -19.46 -25.37
CA TYR A 614 42.84 -19.43 -25.09
C TYR A 614 42.51 -20.00 -23.70
N MET A 615 43.17 -21.10 -23.31
CA MET A 615 42.96 -21.76 -22.01
C MET A 615 43.42 -20.92 -20.82
N GLU A 616 44.47 -20.09 -21.02
CA GLU A 616 45.04 -19.24 -19.97
C GLU A 616 44.24 -17.94 -19.78
N ALA A 617 43.91 -17.24 -20.87
CA ALA A 617 43.18 -15.97 -20.85
C ALA A 617 41.71 -16.09 -20.43
N LEU A 618 41.02 -17.15 -20.88
CA LEU A 618 39.61 -17.39 -20.57
C LEU A 618 39.35 -18.05 -19.20
N SER A 619 40.42 -18.40 -18.46
CA SER A 619 40.29 -19.05 -17.14
C SER A 619 40.85 -18.21 -16.00
N HIS A 620 40.29 -18.40 -14.78
CA HIS A 620 40.67 -17.74 -13.52
C HIS A 620 40.52 -16.20 -13.55
N LEU A 621 39.26 -15.73 -13.61
CA LEU A 621 38.94 -14.30 -13.66
C LEU A 621 37.60 -13.95 -13.00
N GLN A 622 37.48 -12.68 -12.56
CA GLN A 622 36.24 -12.14 -11.99
C GLN A 622 35.29 -11.86 -13.15
N SER A 623 34.01 -12.25 -13.01
CA SER A 623 33.02 -12.04 -14.07
C SER A 623 32.68 -10.56 -14.25
N PRO A 624 32.68 -10.03 -15.50
CA PRO A 624 32.36 -8.60 -15.71
C PRO A 624 30.90 -8.26 -15.40
N LEU A 625 30.01 -9.26 -15.46
CA LEU A 625 28.58 -9.14 -15.18
C LEU A 625 28.29 -9.09 -13.67
N ASP A 626 29.17 -9.73 -12.86
CA ASP A 626 29.08 -9.78 -11.41
C ASP A 626 30.49 -10.05 -10.82
N PRO A 627 31.14 -9.06 -10.16
CA PRO A 627 32.49 -9.29 -9.61
C PRO A 627 32.58 -10.36 -8.52
N SER A 628 31.45 -10.69 -7.87
CA SER A 628 31.36 -11.71 -6.82
C SER A 628 31.54 -13.12 -7.39
N THR A 629 31.13 -13.35 -8.65
CA THR A 629 31.24 -14.62 -9.35
C THR A 629 32.64 -14.78 -9.96
N LEU A 630 33.30 -15.92 -9.69
CA LEU A 630 34.64 -16.23 -10.20
C LEU A 630 34.56 -17.28 -11.32
N LEU A 631 35.10 -16.93 -12.47
CA LEU A 631 35.14 -17.81 -13.60
C LEU A 631 36.50 -18.43 -13.67
N GLU A 632 36.53 -19.74 -13.48
CA GLU A 632 37.78 -20.44 -13.43
C GLU A 632 38.00 -21.38 -14.57
N GLU A 633 37.44 -22.56 -14.45
CA GLU A 633 37.60 -23.56 -15.46
C GLU A 633 36.52 -23.43 -16.45
N VAL A 634 36.91 -23.56 -17.69
CA VAL A 634 35.97 -23.45 -18.76
C VAL A 634 35.70 -24.80 -19.38
N CYS A 635 34.45 -25.20 -19.36
CA CYS A 635 34.06 -26.47 -19.88
C CYS A 635 33.82 -26.37 -21.34
N VAL A 636 34.86 -26.71 -22.05
CA VAL A 636 35.00 -26.70 -23.51
C VAL A 636 33.89 -27.50 -24.22
N GLU A 637 33.59 -28.72 -23.75
CA GLU A 637 32.55 -29.59 -24.31
C GLU A 637 31.13 -29.01 -24.17
N GLN A 638 30.88 -28.26 -23.07
CA GLN A 638 29.60 -27.61 -22.79
C GLN A 638 29.44 -26.32 -23.61
N CYS A 639 30.56 -25.72 -24.07
CA CYS A 639 30.59 -24.49 -24.87
C CYS A 639 30.04 -24.71 -26.27
N THR A 640 29.13 -23.83 -26.71
CA THR A 640 28.50 -23.89 -28.05
C THR A 640 28.26 -22.48 -28.64
N PHE A 641 27.46 -22.40 -29.73
CA PHE A 641 27.11 -21.15 -30.41
C PHE A 641 25.72 -21.24 -31.05
N MET A 642 25.01 -20.10 -31.12
CA MET A 642 23.69 -20.03 -31.75
C MET A 642 23.88 -19.78 -33.25
N ASP A 643 23.21 -20.58 -34.10
CA ASP A 643 23.31 -20.45 -35.55
C ASP A 643 22.36 -19.37 -36.09
N SER A 644 22.66 -18.10 -35.72
CA SER A 644 21.92 -16.91 -36.11
C SER A 644 22.85 -15.86 -36.74
N LYS A 645 22.26 -14.81 -37.36
CA LYS A 645 22.94 -13.70 -38.06
C LYS A 645 24.25 -13.16 -37.47
N MET A 646 24.35 -13.06 -36.12
CA MET A 646 25.52 -12.54 -35.43
C MET A 646 26.39 -13.63 -34.77
N LYS A 647 25.88 -14.87 -34.71
CA LYS A 647 26.52 -16.07 -34.12
C LYS A 647 27.03 -15.84 -32.68
N PRO A 648 26.14 -15.66 -31.66
CA PRO A 648 26.63 -15.44 -30.28
C PRO A 648 27.24 -16.71 -29.67
N LEU A 649 28.28 -16.54 -28.82
CA LEU A 649 28.98 -17.63 -28.16
C LEU A 649 28.39 -18.00 -26.80
N TRP A 650 28.29 -19.30 -26.51
CA TRP A 650 27.82 -19.86 -25.26
C TRP A 650 29.05 -20.37 -24.51
N ILE A 651 29.42 -19.71 -23.40
CA ILE A 651 30.61 -20.09 -22.63
C ILE A 651 30.23 -20.56 -21.23
N MET A 652 30.52 -21.83 -20.93
CA MET A 652 30.23 -22.46 -19.63
C MET A 652 31.46 -22.54 -18.74
N TYR A 653 31.26 -22.48 -17.41
CA TYR A 653 32.32 -22.53 -16.41
C TYR A 653 32.01 -23.50 -15.27
N SER A 654 33.05 -23.86 -14.50
CA SER A 654 32.97 -24.76 -13.33
C SER A 654 34.10 -24.50 -12.36
N SER A 655 33.79 -24.54 -11.05
CA SER A 655 34.76 -24.33 -9.97
C SER A 655 34.69 -25.48 -8.97
N GLU A 656 35.83 -26.13 -8.69
CA GLU A 656 35.95 -27.26 -7.76
C GLU A 656 35.69 -26.83 -6.31
N GLU A 657 36.17 -25.62 -5.94
CA GLU A 657 36.02 -25.05 -4.60
C GLU A 657 34.56 -24.65 -4.33
N ALA A 658 33.90 -24.03 -5.32
CA ALA A 658 32.51 -23.56 -5.23
C ALA A 658 31.48 -24.68 -5.43
N GLY A 659 31.83 -25.68 -6.24
CA GLY A 659 30.96 -26.80 -6.55
C GLY A 659 29.92 -26.45 -7.59
N SER A 660 28.63 -26.59 -7.23
CA SER A 660 27.51 -26.26 -8.11
C SER A 660 27.31 -24.76 -8.27
N ALA A 661 27.79 -23.96 -7.29
CA ALA A 661 27.73 -22.50 -7.30
C ALA A 661 28.69 -21.93 -8.35
N GLY A 662 29.77 -22.66 -8.62
CA GLY A 662 30.79 -22.33 -9.61
C GLY A 662 30.35 -22.61 -11.03
N ASN A 663 29.30 -23.44 -11.20
CA ASN A 663 28.74 -23.77 -12.50
C ASN A 663 27.92 -22.57 -12.99
N VAL A 664 28.59 -21.72 -13.79
CA VAL A 664 28.03 -20.49 -14.35
C VAL A 664 28.27 -20.38 -15.86
N GLY A 665 27.37 -19.71 -16.56
CA GLY A 665 27.46 -19.51 -18.00
C GLY A 665 27.40 -18.05 -18.43
N ILE A 666 28.08 -17.72 -19.54
CA ILE A 666 28.11 -16.37 -20.12
C ILE A 666 27.88 -16.39 -21.64
N ILE A 667 26.97 -15.52 -22.13
CA ILE A 667 26.67 -15.38 -23.55
C ILE A 667 27.44 -14.18 -24.11
N PHE A 668 28.35 -14.43 -25.06
CA PHE A 668 29.14 -13.40 -25.70
C PHE A 668 28.51 -13.02 -27.04
N LYS A 669 28.01 -11.78 -27.14
CA LYS A 669 27.36 -11.27 -28.35
C LYS A 669 28.20 -10.18 -29.02
N ASN A 670 28.29 -10.22 -30.36
CA ASN A 670 29.05 -9.26 -31.15
C ASN A 670 28.30 -8.87 -32.43
N GLY A 671 28.15 -7.57 -32.64
CA GLY A 671 27.46 -7.00 -33.79
C GLY A 671 26.20 -6.23 -33.48
N ASP A 672 25.60 -6.48 -32.29
CA ASP A 672 24.39 -5.83 -31.83
C ASP A 672 24.66 -4.91 -30.63
N ASP A 673 23.89 -3.80 -30.53
CA ASP A 673 24.00 -2.84 -29.43
C ASP A 673 23.18 -3.36 -28.25
N LEU A 674 23.85 -3.65 -27.12
CA LEU A 674 23.20 -4.20 -25.93
C LEU A 674 22.89 -3.16 -24.83
N ARG A 675 22.94 -1.86 -25.19
CA ARG A 675 22.65 -0.75 -24.27
C ARG A 675 21.16 -0.70 -23.91
N GLN A 676 20.29 -0.97 -24.91
CA GLN A 676 18.83 -0.98 -24.76
C GLN A 676 18.38 -2.23 -23.98
N ASP A 677 19.08 -3.37 -24.18
CA ASP A 677 18.82 -4.63 -23.52
C ASP A 677 19.12 -4.55 -22.02
N MET A 678 20.26 -3.91 -21.66
CA MET A 678 20.71 -3.70 -20.28
C MET A 678 19.76 -2.79 -19.51
N LEU A 679 19.39 -1.63 -20.10
CA LEU A 679 18.48 -0.63 -19.52
C LEU A 679 17.12 -1.24 -19.18
N THR A 680 16.55 -2.04 -20.10
CA THR A 680 15.26 -2.73 -19.92
C THR A 680 15.36 -3.73 -18.77
N LEU A 681 16.46 -4.50 -18.71
CA LEU A 681 16.74 -5.47 -17.64
C LEU A 681 17.00 -4.80 -16.29
N GLN A 682 17.57 -3.57 -16.31
CA GLN A 682 17.84 -2.78 -15.11
C GLN A 682 16.55 -2.20 -14.55
N MET A 683 15.59 -1.86 -15.43
CA MET A 683 14.27 -1.34 -15.04
C MET A 683 13.41 -2.44 -14.43
N ILE A 684 13.53 -3.68 -14.97
CA ILE A 684 12.83 -4.87 -14.46
C ILE A 684 13.41 -5.21 -13.08
N GLN A 685 14.75 -5.04 -12.92
CA GLN A 685 15.49 -5.22 -11.66
C GLN A 685 14.99 -4.19 -10.65
N LEU A 686 14.79 -2.92 -11.10
CA LEU A 686 14.28 -1.81 -10.28
C LEU A 686 12.84 -2.10 -9.84
N MET A 687 11.99 -2.62 -10.76
CA MET A 687 10.60 -2.99 -10.49
C MET A 687 10.53 -4.04 -9.38
N ASP A 688 11.39 -5.07 -9.45
CA ASP A 688 11.50 -6.16 -8.47
C ASP A 688 11.94 -5.64 -7.10
N VAL A 689 12.85 -4.64 -7.07
CA VAL A 689 13.35 -3.99 -5.85
C VAL A 689 12.23 -3.18 -5.18
N LEU A 690 11.47 -2.40 -5.97
CA LEU A 690 10.35 -1.58 -5.49
C LEU A 690 9.19 -2.45 -4.97
N TRP A 691 9.00 -3.65 -5.55
CA TRP A 691 7.97 -4.59 -5.14
C TRP A 691 8.38 -5.30 -3.84
N LYS A 692 9.68 -5.65 -3.70
CA LYS A 692 10.25 -6.30 -2.52
C LYS A 692 10.25 -5.37 -1.30
N GLN A 693 10.30 -4.04 -1.54
CA GLN A 693 10.26 -3.00 -0.50
C GLN A 693 8.91 -2.97 0.20
N GLU A 694 7.83 -3.33 -0.51
CA GLU A 694 6.47 -3.37 0.02
C GLU A 694 6.02 -4.80 0.40
N GLY A 695 7.00 -5.70 0.55
CA GLY A 695 6.79 -7.09 0.93
C GLY A 695 6.10 -7.98 -0.08
N LEU A 696 6.27 -7.68 -1.38
CA LEU A 696 5.67 -8.45 -2.47
C LEU A 696 6.76 -9.00 -3.41
N ASP A 697 7.08 -10.29 -3.27
CA ASP A 697 8.08 -10.96 -4.10
C ASP A 697 7.39 -11.68 -5.26
N LEU A 698 7.48 -11.08 -6.46
CA LEU A 698 6.87 -11.62 -7.69
C LEU A 698 7.85 -12.51 -8.47
N ARG A 699 8.84 -13.10 -7.76
CA ARG A 699 9.87 -14.02 -8.25
C ARG A 699 10.44 -13.71 -9.64
N MET A 700 10.94 -12.47 -9.81
CA MET A 700 11.52 -11.99 -11.06
C MET A 700 12.92 -12.58 -11.28
N THR A 701 13.36 -12.67 -12.55
CA THR A 701 14.68 -13.19 -12.92
C THR A 701 15.51 -12.05 -13.55
N PRO A 702 16.19 -11.20 -12.73
CA PRO A 702 16.96 -10.09 -13.30
C PRO A 702 18.41 -10.48 -13.60
N TYR A 703 18.63 -11.20 -14.71
CA TYR A 703 19.95 -11.65 -15.13
C TYR A 703 20.81 -10.50 -15.65
N GLY A 704 22.11 -10.59 -15.44
CA GLY A 704 23.08 -9.58 -15.83
C GLY A 704 23.28 -9.44 -17.32
N CYS A 705 23.27 -8.19 -17.81
CA CYS A 705 23.50 -7.81 -19.20
C CYS A 705 24.41 -6.58 -19.17
N LEU A 706 25.58 -6.67 -19.82
CA LEU A 706 26.55 -5.57 -19.81
C LEU A 706 27.34 -5.42 -21.12
N PRO A 707 27.25 -4.25 -21.80
CA PRO A 707 28.07 -4.03 -23.00
C PRO A 707 29.53 -3.80 -22.61
N THR A 708 30.47 -4.32 -23.40
CA THR A 708 31.90 -4.22 -23.10
C THR A 708 32.71 -3.35 -24.08
N GLY A 709 32.20 -3.14 -25.29
CA GLY A 709 32.84 -2.33 -26.31
C GLY A 709 31.97 -1.97 -27.49
N ASP A 710 32.59 -1.84 -28.69
CA ASP A 710 31.92 -1.51 -29.95
C ASP A 710 31.05 -2.71 -30.39
N ARG A 711 29.72 -2.61 -30.12
CA ARG A 711 28.71 -3.63 -30.41
C ARG A 711 29.02 -4.99 -29.74
N THR A 712 29.87 -4.96 -28.69
CA THR A 712 30.35 -6.09 -27.91
C THR A 712 29.72 -6.04 -26.52
N GLY A 713 29.33 -7.20 -25.99
CA GLY A 713 28.72 -7.32 -24.68
C GLY A 713 28.59 -8.73 -24.15
N LEU A 714 28.11 -8.83 -22.90
CA LEU A 714 27.90 -10.11 -22.21
C LEU A 714 26.50 -10.25 -21.61
N ILE A 715 25.98 -11.50 -21.58
CA ILE A 715 24.67 -11.85 -21.03
C ILE A 715 24.85 -13.04 -20.08
N GLU A 716 24.35 -12.91 -18.83
CA GLU A 716 24.44 -13.96 -17.81
C GLU A 716 23.44 -15.09 -18.13
N VAL A 717 23.92 -16.34 -18.12
CA VAL A 717 23.09 -17.52 -18.40
C VAL A 717 22.30 -17.93 -17.16
N VAL A 718 20.98 -18.04 -17.31
CA VAL A 718 20.09 -18.51 -16.25
C VAL A 718 20.05 -20.03 -16.47
N LEU A 719 20.88 -20.76 -15.72
CA LEU A 719 20.97 -22.22 -15.83
C LEU A 719 19.72 -22.93 -15.32
N HIS A 720 19.42 -24.12 -15.90
CA HIS A 720 18.26 -24.96 -15.60
C HIS A 720 16.96 -24.25 -16.03
N SER A 721 16.92 -23.80 -17.30
CA SER A 721 15.78 -23.11 -17.91
C SER A 721 15.75 -23.31 -19.42
N ASP A 722 14.54 -23.33 -20.00
CA ASP A 722 14.33 -23.51 -21.44
C ASP A 722 13.20 -22.63 -21.97
N THR A 723 13.21 -22.36 -23.30
CA THR A 723 12.20 -21.55 -24.00
C THR A 723 10.87 -22.30 -24.11
N ILE A 724 9.76 -21.58 -24.33
CA ILE A 724 8.42 -22.15 -24.49
C ILE A 724 8.37 -23.05 -25.75
N ALA A 725 9.03 -22.60 -26.85
CA ALA A 725 9.11 -23.31 -28.12
C ALA A 725 9.81 -24.66 -28.02
N ASN A 726 10.93 -24.74 -27.24
CA ASN A 726 11.69 -25.98 -27.02
C ASN A 726 10.89 -27.01 -26.22
N ILE A 727 10.07 -26.55 -25.26
CA ILE A 727 9.23 -27.40 -24.42
C ILE A 727 7.99 -27.90 -25.20
N GLN A 728 7.40 -27.02 -26.04
CA GLN A 728 6.24 -27.35 -26.89
C GLN A 728 6.54 -28.43 -27.93
N LEU A 729 7.79 -28.46 -28.46
CA LEU A 729 8.23 -29.45 -29.45
C LEU A 729 8.45 -30.82 -28.81
N THR A 737 5.00 -37.88 -22.21
CA THR A 737 4.77 -36.91 -23.29
C THR A 737 3.39 -36.26 -23.20
N ALA A 738 3.23 -35.08 -23.82
CA ALA A 738 1.98 -34.31 -23.82
C ALA A 738 1.14 -34.53 -25.07
N ALA A 739 -0.19 -34.55 -24.90
CA ALA A 739 -1.18 -34.74 -25.96
C ALA A 739 -1.56 -33.44 -26.65
N PHE A 740 -1.62 -32.32 -25.89
CA PHE A 740 -1.97 -30.99 -26.38
C PHE A 740 -0.93 -29.94 -25.99
N ASN A 741 -0.98 -28.75 -26.63
CA ASN A 741 -0.08 -27.62 -26.38
C ASN A 741 -0.21 -27.07 -24.96
N LYS A 742 -1.44 -27.10 -24.40
CA LYS A 742 -1.76 -26.66 -23.04
C LYS A 742 -1.12 -27.57 -21.97
N ASP A 743 -0.93 -28.86 -22.32
CA ASP A 743 -0.33 -29.89 -21.46
C ASP A 743 1.20 -29.85 -21.47
N ALA A 744 1.81 -29.39 -22.58
CA ALA A 744 3.26 -29.30 -22.80
C ALA A 744 4.02 -28.59 -21.67
N LEU A 745 3.51 -27.42 -21.22
CA LEU A 745 4.13 -26.63 -20.16
C LEU A 745 3.91 -27.27 -18.78
N LEU A 746 2.69 -27.80 -18.55
CA LEU A 746 2.29 -28.45 -17.29
C LEU A 746 3.04 -29.77 -17.04
N ASN A 747 3.22 -30.60 -18.09
CA ASN A 747 3.94 -31.88 -18.01
C ASN A 747 5.43 -31.70 -17.76
N TRP A 748 6.00 -30.59 -18.27
CA TRP A 748 7.42 -30.23 -18.08
C TRP A 748 7.66 -29.85 -16.62
N LEU A 749 6.67 -29.16 -15.99
CA LEU A 749 6.70 -28.76 -14.59
C LEU A 749 6.52 -29.97 -13.67
N LYS A 750 5.73 -30.97 -14.12
CA LYS A 750 5.47 -32.22 -13.39
C LYS A 750 6.72 -33.10 -13.36
N SER A 751 7.58 -32.99 -14.40
CA SER A 751 8.82 -33.74 -14.53
C SER A 751 9.94 -33.15 -13.67
N LYS A 752 10.07 -31.81 -13.66
CA LYS A 752 11.09 -31.09 -12.89
C LYS A 752 10.72 -30.91 -11.41
N ASN A 753 9.41 -30.83 -11.11
CA ASN A 753 8.88 -30.69 -9.75
C ASN A 753 7.86 -31.81 -9.46
N PRO A 754 8.31 -33.02 -9.04
CA PRO A 754 7.37 -34.11 -8.80
C PRO A 754 6.72 -34.11 -7.42
N GLY A 755 5.52 -34.70 -7.34
CA GLY A 755 4.75 -34.82 -6.10
C GLY A 755 4.16 -33.51 -5.63
N GLU A 756 4.50 -33.11 -4.38
CA GLU A 756 4.02 -31.87 -3.77
C GLU A 756 4.86 -30.64 -4.14
N ALA A 757 6.00 -30.86 -4.83
CA ALA A 757 6.91 -29.80 -5.30
C ALA A 757 6.28 -28.98 -6.44
N LEU A 758 5.30 -29.58 -7.15
CA LEU A 758 4.55 -28.97 -8.26
C LEU A 758 3.71 -27.79 -7.76
N ASP A 759 3.15 -27.88 -6.53
CA ASP A 759 2.33 -26.85 -5.89
C ASP A 759 3.09 -25.52 -5.75
N ARG A 760 4.41 -25.60 -5.48
CA ARG A 760 5.28 -24.43 -5.35
C ARG A 760 5.56 -23.84 -6.74
N ALA A 761 5.80 -24.72 -7.76
CA ALA A 761 6.09 -24.35 -9.14
C ALA A 761 4.96 -23.54 -9.81
N ILE A 762 3.69 -23.83 -9.46
CA ILE A 762 2.51 -23.12 -9.97
C ILE A 762 2.49 -21.70 -9.36
N GLU A 763 2.78 -21.60 -8.04
CA GLU A 763 2.86 -20.34 -7.29
C GLU A 763 4.00 -19.48 -7.84
N GLU A 764 5.17 -20.11 -8.13
CA GLU A 764 6.35 -19.46 -8.70
C GLU A 764 6.06 -18.91 -10.10
N PHE A 765 5.24 -19.66 -10.88
CA PHE A 765 4.83 -19.28 -12.24
C PHE A 765 3.84 -18.11 -12.19
N THR A 766 2.80 -18.20 -11.33
CA THR A 766 1.76 -17.18 -11.15
C THR A 766 2.35 -15.82 -10.76
N LEU A 767 3.29 -15.80 -9.81
CA LEU A 767 3.97 -14.59 -9.34
C LEU A 767 4.84 -13.97 -10.43
N SER A 768 5.63 -14.81 -11.14
CA SER A 768 6.52 -14.37 -12.22
C SER A 768 5.77 -13.89 -13.46
N CYS A 769 4.64 -14.55 -13.80
CA CYS A 769 3.80 -14.18 -14.95
C CYS A 769 3.13 -12.82 -14.70
N ALA A 770 2.62 -12.60 -13.46
CA ALA A 770 1.99 -11.35 -13.03
C ALA A 770 2.98 -10.18 -13.00
N GLY A 771 4.21 -10.48 -12.57
CA GLY A 771 5.30 -9.51 -12.50
C GLY A 771 5.76 -9.05 -13.86
N TYR A 772 5.98 -10.00 -14.79
CA TYR A 772 6.41 -9.70 -16.16
C TYR A 772 5.29 -9.13 -17.04
N CYS A 773 4.00 -9.40 -16.70
CA CYS A 773 2.84 -8.89 -17.43
C CYS A 773 2.76 -7.37 -17.31
N VAL A 774 2.99 -6.84 -16.08
CA VAL A 774 3.01 -5.41 -15.77
C VAL A 774 4.28 -4.79 -16.37
N ALA A 775 5.43 -5.50 -16.24
CA ALA A 775 6.75 -5.09 -16.75
C ALA A 775 6.76 -4.89 -18.27
N THR A 776 6.16 -5.83 -19.03
CA THR A 776 6.06 -5.77 -20.49
C THR A 776 5.05 -4.72 -20.97
N TYR A 777 4.09 -4.33 -20.11
CA TYR A 777 3.06 -3.33 -20.41
C TYR A 777 3.57 -1.91 -20.14
N VAL A 778 4.20 -1.69 -18.96
CA VAL A 778 4.75 -0.39 -18.53
C VAL A 778 5.91 0.04 -19.44
N LEU A 779 6.88 -0.87 -19.68
CA LEU A 779 8.05 -0.62 -20.54
C LEU A 779 7.70 -0.70 -22.04
N GLY A 780 6.59 -1.35 -22.37
CA GLY A 780 6.09 -1.51 -23.73
C GLY A 780 6.94 -2.41 -24.60
N ILE A 781 7.25 -3.62 -24.09
CA ILE A 781 8.07 -4.60 -24.80
C ILE A 781 7.24 -5.39 -25.82
N GLY A 782 7.48 -5.08 -27.10
CA GLY A 782 6.83 -5.74 -28.22
C GLY A 782 7.64 -6.92 -28.72
N ASP A 783 7.24 -7.50 -29.87
CA ASP A 783 7.88 -8.66 -30.53
C ASP A 783 8.04 -9.83 -29.52
N ARG A 784 6.90 -10.30 -28.98
CA ARG A 784 6.87 -11.38 -27.99
C ARG A 784 6.30 -12.68 -28.55
N HIS A 785 7.15 -13.72 -28.61
CA HIS A 785 6.81 -15.06 -29.09
C HIS A 785 7.39 -16.15 -28.16
N SER A 786 7.06 -17.43 -28.42
CA SER A 786 7.51 -18.59 -27.64
C SER A 786 9.04 -18.76 -27.52
N ASP A 787 9.80 -18.23 -28.49
CA ASP A 787 11.26 -18.30 -28.53
C ASP A 787 11.95 -17.30 -27.59
N ASN A 788 11.35 -16.11 -27.38
CA ASN A 788 11.92 -15.08 -26.51
C ASN A 788 11.36 -15.07 -25.07
N ILE A 789 10.56 -16.10 -24.73
CA ILE A 789 9.99 -16.28 -23.39
C ILE A 789 10.56 -17.58 -22.81
N MET A 790 11.18 -17.50 -21.63
CA MET A 790 11.81 -18.65 -20.96
C MET A 790 11.19 -18.99 -19.60
N ILE A 791 11.32 -20.26 -19.18
CA ILE A 791 10.80 -20.77 -17.92
C ILE A 791 11.86 -21.61 -17.17
N ARG A 792 12.13 -21.26 -15.91
CA ARG A 792 13.07 -21.96 -15.03
C ARG A 792 12.52 -23.31 -14.58
N GLU A 793 13.40 -24.23 -14.14
CA GLU A 793 13.03 -25.56 -13.64
C GLU A 793 12.21 -25.47 -12.34
N SER A 794 12.36 -24.36 -11.59
CA SER A 794 11.64 -24.08 -10.35
C SER A 794 10.21 -23.59 -10.63
N GLY A 795 9.96 -23.14 -11.86
CA GLY A 795 8.65 -22.65 -12.30
C GLY A 795 8.60 -21.20 -12.74
N GLN A 796 9.62 -20.41 -12.39
CA GLN A 796 9.73 -18.98 -12.70
C GLN A 796 9.78 -18.66 -14.20
N LEU A 797 8.85 -17.81 -14.66
CA LEU A 797 8.69 -17.34 -16.04
C LEU A 797 9.43 -16.01 -16.22
N PHE A 798 10.21 -15.87 -17.32
CA PHE A 798 10.96 -14.64 -17.63
C PHE A 798 11.19 -14.42 -19.13
N HIS A 799 11.32 -13.16 -19.50
CA HIS A 799 11.59 -12.71 -20.83
C HIS A 799 13.05 -12.51 -21.12
N ILE A 800 13.40 -12.57 -22.39
CA ILE A 800 14.74 -12.38 -22.85
C ILE A 800 14.67 -11.65 -24.14
N ASP A 801 15.82 -11.22 -24.63
CA ASP A 801 15.90 -10.49 -25.90
C ASP A 801 15.08 -9.26 -26.08
N PHE A 802 15.41 -8.23 -25.33
CA PHE A 802 14.73 -6.96 -25.43
C PHE A 802 15.34 -6.02 -26.50
N GLY A 803 14.87 -6.17 -27.73
CA GLY A 803 15.29 -5.43 -28.92
C GLY A 803 14.47 -4.19 -29.19
N HIS A 804 13.15 -4.24 -28.97
CA HIS A 804 12.22 -3.13 -29.19
C HIS A 804 11.38 -2.86 -27.94
N PHE A 805 11.34 -1.59 -27.50
CA PHE A 805 10.57 -1.16 -26.33
C PHE A 805 9.82 0.17 -26.53
N LEU A 806 8.87 0.48 -25.63
CA LEU A 806 8.00 1.68 -25.65
C LEU A 806 7.11 1.75 -26.90
N GLY A 807 6.36 0.68 -27.13
CA GLY A 807 5.45 0.55 -28.28
C GLY A 807 5.98 -0.38 -29.35
N PRO A 821 -0.75 -2.94 -25.08
CA PRO A 821 -1.29 -4.13 -24.41
C PRO A 821 -0.20 -5.15 -24.02
N PHE A 822 -0.57 -6.11 -23.15
CA PHE A 822 0.33 -7.16 -22.67
C PHE A 822 -0.26 -8.55 -22.95
N ILE A 823 0.60 -9.46 -23.46
CA ILE A 823 0.23 -10.83 -23.82
C ILE A 823 -0.21 -11.68 -22.62
N LEU A 824 -1.44 -12.24 -22.72
CA LEU A 824 -2.05 -13.10 -21.71
C LEU A 824 -2.63 -14.35 -22.40
N THR A 825 -1.80 -15.06 -23.20
CA THR A 825 -2.18 -16.27 -23.92
C THR A 825 -2.60 -17.39 -22.98
N TYR A 826 -3.64 -18.16 -23.36
CA TYR A 826 -4.22 -19.25 -22.58
C TYR A 826 -3.25 -20.37 -22.17
N ASP A 827 -2.08 -20.47 -22.83
CA ASP A 827 -1.03 -21.44 -22.53
C ASP A 827 -0.46 -21.22 -21.12
N PHE A 828 -0.32 -19.94 -20.71
CA PHE A 828 0.16 -19.54 -19.38
C PHE A 828 -0.99 -19.56 -18.36
N VAL A 829 -2.20 -19.13 -18.80
CA VAL A 829 -3.43 -19.06 -17.99
C VAL A 829 -3.84 -20.47 -17.50
N HIS A 830 -3.62 -21.51 -18.35
CA HIS A 830 -3.91 -22.92 -18.05
C HIS A 830 -3.07 -23.42 -16.86
N VAL A 831 -1.81 -22.94 -16.76
CA VAL A 831 -0.87 -23.29 -15.68
C VAL A 831 -1.32 -22.61 -14.37
N ILE A 832 -1.71 -21.32 -14.44
CA ILE A 832 -2.20 -20.51 -13.32
C ILE A 832 -3.47 -21.14 -12.72
N GLN A 833 -4.38 -21.62 -13.58
CA GLN A 833 -5.64 -22.29 -13.19
C GLN A 833 -5.45 -23.77 -12.79
N GLN A 834 -4.19 -24.20 -12.53
CA GLN A 834 -3.77 -25.55 -12.11
C GLN A 834 -4.08 -26.69 -13.10
N GLY A 835 -4.47 -26.34 -14.32
CA GLY A 835 -4.82 -27.30 -15.37
C GLY A 835 -6.32 -27.40 -15.62
N LYS A 836 -7.12 -26.71 -14.79
CA LYS A 836 -8.58 -26.69 -14.89
C LYS A 836 -9.02 -25.68 -15.95
N THR A 837 -10.12 -25.99 -16.66
CA THR A 837 -10.69 -25.12 -17.70
C THR A 837 -11.29 -23.86 -17.07
N ASN A 838 -11.97 -24.02 -15.92
CA ASN A 838 -12.60 -22.92 -15.17
C ASN A 838 -12.21 -22.96 -13.69
N ASN A 839 -11.33 -22.03 -13.29
CA ASN A 839 -10.84 -21.89 -11.91
C ASN A 839 -10.77 -20.39 -11.58
N SER A 840 -11.88 -19.86 -11.04
CA SER A 840 -12.03 -18.45 -10.68
C SER A 840 -11.18 -18.02 -9.49
N GLU A 841 -11.15 -18.84 -8.42
CA GLU A 841 -10.39 -18.58 -7.18
C GLU A 841 -8.88 -18.45 -7.40
N LYS A 842 -8.32 -19.18 -8.38
CA LYS A 842 -6.91 -19.13 -8.72
C LYS A 842 -6.58 -18.01 -9.71
N PHE A 843 -7.55 -17.64 -10.57
CA PHE A 843 -7.40 -16.57 -11.55
C PHE A 843 -7.59 -15.18 -10.95
N GLU A 844 -8.60 -15.00 -10.06
CA GLU A 844 -8.89 -13.72 -9.40
C GLU A 844 -7.76 -13.28 -8.46
N ARG A 845 -6.98 -14.24 -7.95
CA ARG A 845 -5.82 -14.02 -7.09
C ARG A 845 -4.70 -13.42 -7.97
N PHE A 846 -4.50 -14.01 -9.18
CA PHE A 846 -3.54 -13.56 -10.20
C PHE A 846 -3.89 -12.15 -10.70
N ARG A 847 -5.20 -11.86 -10.82
CA ARG A 847 -5.74 -10.55 -11.24
C ARG A 847 -5.39 -9.49 -10.18
N GLY A 848 -5.40 -9.90 -8.91
CA GLY A 848 -5.05 -9.06 -7.77
C GLY A 848 -3.57 -8.73 -7.71
N TYR A 849 -2.71 -9.70 -8.09
CA TYR A 849 -1.25 -9.54 -8.14
C TYR A 849 -0.83 -8.55 -9.22
N CYS A 850 -1.54 -8.55 -10.37
CA CYS A 850 -1.30 -7.64 -11.49
C CYS A 850 -1.70 -6.21 -11.13
N GLU A 851 -2.84 -6.06 -10.42
CA GLU A 851 -3.38 -4.78 -9.97
C GLU A 851 -2.52 -4.12 -8.90
N ARG A 852 -2.00 -4.92 -7.93
CA ARG A 852 -1.14 -4.42 -6.86
C ARG A 852 0.23 -3.97 -7.40
N ALA A 853 0.82 -4.77 -8.32
CA ALA A 853 2.10 -4.47 -8.96
C ALA A 853 2.05 -3.18 -9.77
N TYR A 854 0.91 -2.91 -10.43
CA TYR A 854 0.66 -1.72 -11.23
C TYR A 854 0.56 -0.46 -10.33
N THR A 855 -0.13 -0.58 -9.18
CA THR A 855 -0.30 0.53 -8.22
C THR A 855 0.98 0.92 -7.50
N ILE A 856 1.85 -0.07 -7.18
CA ILE A 856 3.15 0.14 -6.52
C ILE A 856 4.07 0.96 -7.44
N LEU A 857 4.08 0.64 -8.75
CA LEU A 857 4.87 1.34 -9.77
C LEU A 857 4.35 2.76 -10.04
N ARG A 858 3.04 3.00 -9.82
CA ARG A 858 2.40 4.30 -9.99
C ARG A 858 2.85 5.27 -8.89
N ARG A 859 3.05 4.73 -7.66
CA ARG A 859 3.51 5.47 -6.48
C ARG A 859 4.97 5.93 -6.68
N HIS A 860 5.77 5.09 -7.37
CA HIS A 860 7.16 5.37 -7.72
C HIS A 860 7.25 5.79 -9.21
N GLY A 861 6.16 6.35 -9.73
CA GLY A 861 6.01 6.80 -11.10
C GLY A 861 7.00 7.86 -11.54
N LEU A 862 7.33 8.81 -10.63
CA LEU A 862 8.28 9.89 -10.89
C LEU A 862 9.70 9.37 -11.04
N LEU A 863 10.08 8.31 -10.28
CA LEU A 863 11.40 7.66 -10.32
C LEU A 863 11.69 7.14 -11.73
N PHE A 864 10.69 6.52 -12.39
CA PHE A 864 10.82 6.02 -13.76
C PHE A 864 10.89 7.18 -14.75
N LEU A 865 10.22 8.31 -14.46
CA LEU A 865 10.22 9.50 -15.30
C LEU A 865 11.55 10.25 -15.25
N HIS A 866 12.17 10.36 -14.05
CA HIS A 866 13.45 11.04 -13.85
C HIS A 866 14.62 10.26 -14.47
N LEU A 867 14.67 8.92 -14.26
CA LEU A 867 15.73 8.05 -14.76
C LEU A 867 15.73 7.91 -16.28
N PHE A 868 14.54 7.84 -16.91
CA PHE A 868 14.40 7.74 -18.37
C PHE A 868 14.76 9.05 -19.08
N ALA A 869 14.57 10.20 -18.40
CA ALA A 869 14.90 11.53 -18.91
C ALA A 869 16.42 11.72 -18.95
N LEU A 870 17.15 11.10 -18.00
CA LEU A 870 18.61 11.15 -17.90
C LEU A 870 19.26 10.22 -18.93
N MET A 871 18.54 9.18 -19.39
CA MET A 871 19.01 8.21 -20.37
C MET A 871 18.95 8.70 -21.82
N ARG A 872 18.40 9.92 -22.03
CA ARG A 872 18.28 10.57 -23.35
C ARG A 872 19.66 10.96 -23.90
N ALA A 873 20.64 11.17 -23.00
CA ALA A 873 22.02 11.55 -23.32
C ALA A 873 22.80 10.44 -24.04
N ALA A 874 22.45 9.16 -23.78
CA ALA A 874 23.07 7.96 -24.37
C ALA A 874 22.97 7.92 -25.90
N GLY A 875 21.87 8.43 -26.44
CA GLY A 875 21.62 8.45 -27.87
C GLY A 875 20.99 7.17 -28.37
N LEU A 876 19.98 6.68 -27.63
CA LEU A 876 19.23 5.46 -27.95
C LEU A 876 18.30 5.68 -29.15
N PRO A 877 18.17 4.70 -30.08
CA PRO A 877 17.29 4.90 -31.25
C PRO A 877 15.80 4.92 -30.90
N GLU A 878 15.40 4.20 -29.82
CA GLU A 878 14.02 4.12 -29.36
C GLU A 878 13.74 5.00 -28.12
N LEU A 879 14.70 5.78 -27.69
CA LEU A 879 14.47 6.67 -26.57
C LEU A 879 15.14 7.99 -26.82
N SER A 880 14.67 8.73 -27.79
CA SER A 880 15.27 10.00 -28.13
C SER A 880 14.38 11.22 -28.10
N CYS A 881 13.10 11.02 -28.32
CA CYS A 881 12.18 12.12 -28.41
C CYS A 881 11.20 12.21 -27.30
N SER A 882 10.56 13.36 -27.19
CA SER A 882 9.59 13.52 -26.11
C SER A 882 8.45 12.49 -26.15
N LYS A 883 8.18 11.91 -27.34
CA LYS A 883 7.14 10.90 -27.57
C LYS A 883 7.45 9.57 -26.85
N ASP A 884 8.74 9.26 -26.63
CA ASP A 884 9.21 8.04 -25.96
C ASP A 884 8.89 8.05 -24.46
N ILE A 885 9.12 9.19 -23.78
CA ILE A 885 8.85 9.37 -22.34
C ILE A 885 7.33 9.43 -22.09
N GLN A 886 6.56 9.90 -23.10
CA GLN A 886 5.10 10.01 -23.08
C GLN A 886 4.42 8.64 -22.92
N TYR A 887 5.06 7.56 -23.43
CA TYR A 887 4.57 6.18 -23.32
C TYR A 887 4.41 5.74 -21.87
N LEU A 888 5.36 6.13 -20.99
CA LEU A 888 5.32 5.84 -19.55
C LEU A 888 4.18 6.59 -18.87
N LYS A 889 3.91 7.83 -19.35
CA LYS A 889 2.82 8.68 -18.86
C LYS A 889 1.46 8.15 -19.30
N ASP A 890 1.41 7.37 -20.40
CA ASP A 890 0.20 6.77 -20.95
C ASP A 890 -0.07 5.38 -20.38
N SER A 891 1.01 4.55 -20.20
CA SER A 891 0.90 3.20 -19.66
C SER A 891 0.61 3.18 -18.16
N LEU A 892 1.32 4.00 -17.37
CA LEU A 892 1.14 4.09 -15.92
C LEU A 892 0.02 5.06 -15.52
N ALA A 893 -0.34 6.02 -16.41
CA ALA A 893 -1.37 7.05 -16.21
C ALA A 893 -1.11 7.90 -14.95
N LEU A 894 -0.07 8.74 -15.02
CA LEU A 894 0.36 9.62 -13.92
C LEU A 894 -0.60 10.78 -13.67
N GLY A 895 -1.19 11.30 -14.76
CA GLY A 895 -2.14 12.41 -14.71
C GLY A 895 -3.45 12.08 -14.01
N LYS A 896 -3.91 10.82 -14.17
CA LYS A 896 -5.13 10.30 -13.56
C LYS A 896 -4.92 9.93 -12.08
N THR A 897 -6.02 9.76 -11.32
CA THR A 897 -6.01 9.38 -9.91
C THR A 897 -5.79 7.86 -9.75
N GLU A 898 -5.65 7.39 -8.48
CA GLU A 898 -5.42 5.97 -8.16
C GLU A 898 -6.56 5.06 -8.62
N GLU A 899 -7.83 5.50 -8.46
CA GLU A 899 -9.01 4.72 -8.87
C GLU A 899 -9.27 4.80 -10.37
N GLU A 900 -9.07 5.99 -10.98
CA GLU A 900 -9.26 6.24 -12.42
C GLU A 900 -8.30 5.43 -13.29
N ALA A 901 -7.05 5.26 -12.83
CA ALA A 901 -6.01 4.49 -13.53
C ALA A 901 -6.22 2.99 -13.35
N LEU A 902 -6.75 2.57 -12.18
CA LEU A 902 -7.02 1.16 -11.85
C LEU A 902 -8.21 0.64 -12.69
N LYS A 903 -9.23 1.48 -12.90
CA LYS A 903 -10.41 1.17 -13.71
C LYS A 903 -10.01 1.06 -15.18
N HIS A 904 -9.07 1.93 -15.62
CA HIS A 904 -8.51 1.96 -16.97
C HIS A 904 -7.64 0.70 -17.23
N PHE A 905 -6.95 0.23 -16.18
CA PHE A 905 -6.11 -0.97 -16.20
C PHE A 905 -6.97 -2.23 -16.32
N ARG A 906 -8.18 -2.21 -15.72
CA ARG A 906 -9.15 -3.31 -15.75
C ARG A 906 -9.71 -3.54 -17.16
N VAL A 907 -9.81 -2.46 -17.97
CA VAL A 907 -10.28 -2.51 -19.36
C VAL A 907 -9.18 -3.20 -20.21
N LYS A 908 -7.90 -2.83 -19.97
CA LYS A 908 -6.72 -3.39 -20.64
C LYS A 908 -6.49 -4.86 -20.28
N PHE A 909 -6.80 -5.24 -19.01
CA PHE A 909 -6.67 -6.61 -18.52
C PHE A 909 -7.70 -7.52 -19.17
N ASN A 910 -8.95 -7.03 -19.33
CA ASN A 910 -10.05 -7.76 -19.96
C ASN A 910 -9.85 -7.88 -21.47
N GLU A 911 -9.17 -6.88 -22.09
CA GLU A 911 -8.85 -6.83 -23.52
C GLU A 911 -7.92 -7.98 -23.90
N ALA A 912 -6.93 -8.29 -23.04
CA ALA A 912 -5.97 -9.38 -23.22
C ALA A 912 -6.62 -10.73 -22.99
N LEU A 913 -7.62 -10.80 -22.08
CA LEU A 913 -8.36 -12.01 -21.74
C LEU A 913 -9.36 -12.37 -22.85
N ARG A 914 -9.94 -11.35 -23.51
CA ARG A 914 -10.88 -11.53 -24.63
C ARG A 914 -10.17 -12.04 -25.88
N GLU A 915 -8.90 -11.66 -26.06
CA GLU A 915 -8.05 -12.07 -27.18
C GLU A 915 -7.43 -13.46 -26.94
N SER A 916 -7.41 -13.92 -25.67
CA SER A 916 -6.87 -15.21 -25.25
C SER A 916 -7.72 -16.37 -25.76
N LYS B 2 -49.41 -19.04 19.73
CA LYS B 2 -50.23 -18.22 20.61
C LYS B 2 -49.42 -17.44 21.65
N LEU B 3 -48.40 -18.09 22.26
CA LEU B 3 -47.53 -17.50 23.27
C LEU B 3 -46.49 -16.55 22.65
N ILE B 4 -46.23 -16.70 21.32
CA ILE B 4 -45.28 -15.91 20.52
C ILE B 4 -45.54 -14.41 20.66
N ASN B 5 -46.83 -13.98 20.53
CA ASN B 5 -47.27 -12.58 20.64
C ASN B 5 -46.90 -11.95 21.99
N SER B 6 -47.07 -12.70 23.09
CA SER B 6 -46.75 -12.25 24.44
C SER B 6 -45.23 -12.19 24.67
N GLN B 7 -44.48 -13.09 24.01
CA GLN B 7 -43.02 -13.18 24.09
C GLN B 7 -42.31 -12.01 23.41
N ILE B 8 -42.88 -11.50 22.28
CA ILE B 8 -42.34 -10.37 21.51
C ILE B 8 -42.41 -9.08 22.34
N SER B 9 -43.57 -8.84 23.00
CA SER B 9 -43.84 -7.67 23.84
C SER B 9 -42.82 -7.48 24.97
N LEU B 10 -42.43 -8.59 25.64
CA LEU B 10 -41.45 -8.58 26.72
C LEU B 10 -40.04 -8.39 26.17
N LEU B 11 -39.77 -9.00 25.04
CA LEU B 11 -38.52 -8.90 24.33
C LEU B 11 -38.20 -7.54 23.74
N ILE B 12 -39.18 -6.89 23.14
CA ILE B 12 -38.87 -5.62 22.52
C ILE B 12 -39.18 -4.43 23.38
N GLY B 13 -39.66 -4.65 24.58
CA GLY B 13 -39.96 -3.54 25.48
C GLY B 13 -41.17 -2.71 25.18
N LYS B 14 -42.10 -3.28 24.45
CA LYS B 14 -43.31 -2.57 24.05
C LYS B 14 -44.39 -3.57 23.63
N GLY B 15 -45.59 -3.40 24.17
CA GLY B 15 -46.74 -4.25 23.88
C GLY B 15 -47.22 -4.14 22.44
N LEU B 16 -47.69 -5.27 21.87
CA LEU B 16 -48.20 -5.33 20.49
C LEU B 16 -49.51 -4.56 20.30
N HIS B 17 -50.28 -4.39 21.39
CA HIS B 17 -51.55 -3.66 21.43
C HIS B 17 -51.35 -2.16 21.16
N GLU B 18 -50.15 -1.63 21.50
CA GLU B 18 -49.77 -0.22 21.33
C GLU B 18 -49.74 0.21 19.86
N PHE B 19 -49.40 -0.72 18.94
CA PHE B 19 -49.40 -0.45 17.50
C PHE B 19 -50.84 -0.38 16.98
N ASP B 20 -51.71 -1.27 17.47
CA ASP B 20 -53.12 -1.37 17.10
C ASP B 20 -53.95 -0.21 17.67
N SER B 21 -53.57 0.30 18.86
CA SER B 21 -54.25 1.41 19.56
C SER B 21 -54.18 2.72 18.78
N LEU B 22 -53.10 2.93 18.00
CA LEU B 22 -52.88 4.13 17.18
C LEU B 22 -53.86 4.19 16.01
N ARG B 23 -54.35 3.01 15.55
CA ARG B 23 -55.32 2.81 14.45
C ARG B 23 -54.82 3.35 13.08
N ASP B 24 -53.49 3.46 12.93
CA ASP B 24 -52.83 3.95 11.71
C ASP B 24 -52.81 2.84 10.65
N PRO B 25 -53.32 3.10 9.41
CA PRO B 25 -53.30 2.06 8.37
C PRO B 25 -51.89 1.70 7.88
N GLU B 26 -50.94 2.67 7.94
CA GLU B 26 -49.54 2.51 7.53
C GLU B 26 -48.83 1.47 8.41
N VAL B 27 -49.06 1.53 9.74
CA VAL B 27 -48.48 0.62 10.73
C VAL B 27 -49.05 -0.80 10.51
N ASN B 28 -50.37 -0.90 10.26
CA ASN B 28 -51.07 -2.17 9.99
C ASN B 28 -50.65 -2.79 8.67
N ASP B 29 -50.36 -1.95 7.64
CA ASP B 29 -49.89 -2.40 6.32
C ASP B 29 -48.47 -2.96 6.41
N PHE B 30 -47.64 -2.38 7.31
CA PHE B 30 -46.26 -2.80 7.56
C PHE B 30 -46.25 -4.18 8.23
N ARG B 31 -47.06 -4.34 9.30
CA ARG B 31 -47.19 -5.58 10.09
C ARG B 31 -47.66 -6.78 9.25
N THR B 32 -48.55 -6.54 8.27
CA THR B 32 -49.09 -7.59 7.39
C THR B 32 -48.11 -7.98 6.29
N LYS B 33 -47.50 -6.99 5.61
CA LYS B 33 -46.56 -7.22 4.51
C LYS B 33 -45.22 -7.81 4.96
N MET B 34 -44.61 -7.24 6.03
CA MET B 34 -43.32 -7.71 6.56
C MET B 34 -43.37 -9.12 7.14
N ARG B 35 -44.48 -9.51 7.80
CA ARG B 35 -44.66 -10.85 8.38
C ARG B 35 -44.59 -11.93 7.29
N GLN B 36 -45.29 -11.71 6.15
CA GLN B 36 -45.30 -12.63 5.00
C GLN B 36 -43.90 -12.73 4.38
N PHE B 37 -43.17 -11.60 4.31
CA PHE B 37 -41.80 -11.51 3.78
C PHE B 37 -40.82 -12.28 4.69
N CYS B 38 -41.02 -12.16 6.02
CA CYS B 38 -40.18 -12.83 7.03
C CYS B 38 -40.47 -14.32 7.12
N GLU B 39 -41.75 -14.72 6.95
CA GLU B 39 -42.17 -16.13 7.00
C GLU B 39 -41.74 -16.89 5.73
N GLU B 40 -41.62 -16.17 4.58
CA GLU B 40 -41.17 -16.74 3.32
C GLU B 40 -39.66 -16.99 3.38
N ALA B 41 -38.93 -16.12 4.11
CA ALA B 41 -37.49 -16.21 4.35
C ALA B 41 -37.20 -17.38 5.29
N ALA B 42 -38.15 -17.68 6.20
CA ALA B 42 -38.10 -18.78 7.16
C ALA B 42 -38.43 -20.10 6.47
N ALA B 43 -39.29 -20.05 5.43
CA ALA B 43 -39.72 -21.21 4.65
C ALA B 43 -38.57 -21.72 3.76
N HIS B 44 -37.81 -20.79 3.14
CA HIS B 44 -36.65 -21.07 2.30
C HIS B 44 -35.48 -21.59 3.15
N ARG B 45 -35.41 -21.12 4.41
CA ARG B 45 -34.41 -21.49 5.42
C ARG B 45 -34.48 -22.98 5.76
N GLN B 46 -35.71 -23.55 5.81
CA GLN B 46 -35.93 -24.97 6.09
C GLN B 46 -35.61 -25.84 4.87
N GLN B 47 -35.71 -25.26 3.66
CA GLN B 47 -35.41 -25.94 2.38
C GLN B 47 -33.91 -26.03 2.11
N LEU B 48 -33.09 -25.30 2.88
CA LEU B 48 -31.63 -25.27 2.77
C LEU B 48 -30.99 -26.58 3.26
N GLY B 49 -29.80 -26.88 2.72
CA GLY B 49 -29.01 -28.05 3.11
C GLY B 49 -28.36 -27.89 4.46
N TRP B 50 -27.73 -28.97 4.97
CA TRP B 50 -27.06 -28.95 6.28
C TRP B 50 -25.88 -27.98 6.37
N VAL B 51 -25.11 -27.81 5.27
CA VAL B 51 -23.97 -26.89 5.20
C VAL B 51 -24.50 -25.45 5.10
N GLU B 52 -25.59 -25.24 4.33
CA GLU B 52 -26.26 -23.94 4.15
C GLU B 52 -26.90 -23.44 5.46
N TRP B 53 -27.38 -24.39 6.30
CA TRP B 53 -27.97 -24.10 7.61
C TRP B 53 -26.86 -23.64 8.56
N LEU B 54 -25.66 -24.25 8.43
CA LEU B 54 -24.46 -23.90 9.22
C LEU B 54 -24.02 -22.48 8.88
N GLN B 55 -24.15 -22.08 7.59
CA GLN B 55 -23.81 -20.73 7.09
C GLN B 55 -24.69 -19.65 7.72
N TYR B 56 -25.91 -20.02 8.15
CA TYR B 56 -26.87 -19.12 8.80
C TYR B 56 -26.63 -19.07 10.31
N SER B 57 -26.78 -20.21 11.02
CA SER B 57 -26.64 -20.35 12.48
C SER B 57 -25.23 -20.09 13.01
N PHE B 58 -24.20 -20.65 12.34
CA PHE B 58 -22.81 -20.52 12.77
C PHE B 58 -21.93 -19.95 11.62
N PRO B 59 -22.01 -18.65 11.30
CA PRO B 59 -21.19 -18.10 10.20
C PRO B 59 -19.69 -18.23 10.47
N LEU B 60 -18.91 -18.55 9.41
CA LEU B 60 -17.47 -18.76 9.49
C LEU B 60 -16.69 -17.53 9.97
N GLN B 61 -16.03 -17.67 11.13
CA GLN B 61 -15.20 -16.62 11.73
C GLN B 61 -13.82 -16.75 11.07
N LEU B 62 -13.64 -16.08 9.92
CA LEU B 62 -12.41 -16.13 9.12
C LEU B 62 -11.48 -14.94 9.36
N GLU B 63 -10.18 -15.13 9.05
CA GLU B 63 -9.14 -14.11 9.19
C GLU B 63 -9.24 -13.07 8.07
N PRO B 64 -9.12 -11.75 8.37
CA PRO B 64 -9.20 -10.73 7.31
C PRO B 64 -7.98 -10.68 6.38
N SER B 65 -6.97 -11.55 6.60
CA SER B 65 -5.74 -11.62 5.81
C SER B 65 -6.00 -12.04 4.36
N ALA B 66 -5.38 -11.34 3.40
CA ALA B 66 -5.50 -11.59 1.96
C ALA B 66 -4.14 -11.78 1.29
N VAL B 76 7.72 -19.38 2.73
CA VAL B 76 6.86 -20.52 3.08
C VAL B 76 7.52 -21.44 4.12
N SER B 77 6.72 -21.87 5.13
CA SER B 77 7.17 -22.74 6.21
C SER B 77 6.05 -23.67 6.67
N ASN B 78 6.38 -24.96 6.89
CA ASN B 78 5.43 -25.98 7.34
C ASN B 78 5.35 -26.07 8.87
N ARG B 79 4.26 -25.52 9.44
CA ARG B 79 4.01 -25.51 10.88
C ARG B 79 3.00 -26.59 11.28
N ALA B 80 3.28 -27.28 12.40
CA ALA B 80 2.43 -28.35 12.91
C ALA B 80 1.98 -28.13 14.36
N LEU B 81 0.72 -28.48 14.65
CA LEU B 81 0.11 -28.36 15.97
C LEU B 81 -0.91 -29.48 16.22
N LEU B 82 -0.87 -30.09 17.41
CA LEU B 82 -1.77 -31.17 17.82
C LEU B 82 -3.21 -30.67 18.01
N VAL B 83 -4.20 -31.57 17.82
CA VAL B 83 -5.62 -31.26 17.96
C VAL B 83 -6.39 -32.37 18.69
N ASN B 84 -7.20 -31.99 19.69
CA ASN B 84 -8.03 -32.92 20.46
C ASN B 84 -9.39 -33.02 19.79
N VAL B 85 -9.68 -34.18 19.17
CA VAL B 85 -10.92 -34.43 18.44
C VAL B 85 -11.74 -35.52 19.14
N LYS B 86 -13.03 -35.22 19.41
CA LYS B 86 -13.98 -36.12 20.06
C LYS B 86 -15.31 -36.23 19.28
N PHE B 87 -16.15 -37.22 19.65
CA PHE B 87 -17.45 -37.46 19.01
C PHE B 87 -18.64 -37.07 19.90
N GLU B 88 -19.84 -36.94 19.29
CA GLU B 88 -21.08 -36.55 19.98
C GLU B 88 -21.60 -37.59 20.97
N GLY B 89 -21.74 -38.84 20.52
CA GLY B 89 -22.26 -39.96 21.30
C GLY B 89 -21.44 -40.37 22.50
N SER B 90 -20.13 -40.59 22.30
CA SER B 90 -19.21 -41.02 23.35
C SER B 90 -18.31 -39.91 23.89
N GLU B 91 -17.84 -40.08 25.15
CA GLU B 91 -16.95 -39.15 25.86
C GLU B 91 -15.48 -39.33 25.42
N GLU B 92 -15.20 -40.34 24.56
CA GLU B 92 -13.89 -40.69 24.04
C GLU B 92 -13.26 -39.54 23.24
N SER B 93 -12.06 -39.10 23.66
CA SER B 93 -11.30 -38.03 23.01
C SER B 93 -10.01 -38.57 22.41
N PHE B 94 -9.87 -38.48 21.08
CA PHE B 94 -8.70 -38.96 20.35
C PHE B 94 -7.85 -37.79 19.88
N THR B 95 -6.67 -37.62 20.50
CA THR B 95 -5.72 -36.53 20.22
C THR B 95 -4.66 -36.98 19.20
N PHE B 96 -4.46 -36.15 18.16
CA PHE B 96 -3.48 -36.40 17.08
C PHE B 96 -2.88 -35.10 16.52
N GLN B 97 -1.72 -35.20 15.87
CA GLN B 97 -1.00 -34.06 15.27
C GLN B 97 -1.36 -33.83 13.81
N VAL B 98 -1.59 -32.56 13.44
CA VAL B 98 -1.93 -32.11 12.08
C VAL B 98 -1.05 -30.92 11.64
N SER B 99 -1.32 -30.36 10.44
CA SER B 99 -0.59 -29.20 9.90
C SER B 99 -1.48 -27.96 9.83
N THR B 100 -0.87 -26.77 9.97
CA THR B 100 -1.56 -25.47 9.94
C THR B 100 -2.12 -25.15 8.55
N LYS B 101 -1.44 -25.61 7.48
CA LYS B 101 -1.83 -25.40 6.08
C LYS B 101 -2.89 -26.40 5.58
N ASP B 102 -3.23 -27.42 6.39
CA ASP B 102 -4.22 -28.45 6.05
C ASP B 102 -5.65 -27.89 6.09
N MET B 103 -6.56 -28.52 5.31
CA MET B 103 -7.97 -28.14 5.24
C MET B 103 -8.82 -28.89 6.30
N PRO B 104 -10.07 -28.46 6.64
CA PRO B 104 -10.83 -29.15 7.69
C PRO B 104 -11.25 -30.58 7.35
N LEU B 105 -11.45 -30.88 6.05
CA LEU B 105 -11.83 -32.21 5.56
C LEU B 105 -10.72 -33.24 5.81
N ALA B 106 -9.44 -32.82 5.72
CA ALA B 106 -8.26 -33.65 5.97
C ALA B 106 -8.18 -34.03 7.45
N LEU B 107 -8.59 -33.11 8.34
CA LEU B 107 -8.63 -33.29 9.79
C LEU B 107 -9.78 -34.25 10.13
N MET B 108 -10.91 -34.14 9.39
CA MET B 108 -12.11 -34.99 9.54
C MET B 108 -11.83 -36.42 9.08
N ALA B 109 -11.04 -36.57 7.99
CA ALA B 109 -10.66 -37.87 7.42
C ALA B 109 -9.67 -38.59 8.35
N CYS B 110 -8.79 -37.83 9.02
CA CYS B 110 -7.80 -38.34 9.97
C CYS B 110 -8.49 -38.81 11.25
N ALA B 111 -9.54 -38.09 11.69
CA ALA B 111 -10.34 -38.39 12.87
C ALA B 111 -11.22 -39.63 12.65
N LEU B 112 -11.64 -39.87 11.39
CA LEU B 112 -12.47 -41.01 10.98
C LEU B 112 -11.71 -42.33 11.12
N ARG B 113 -10.39 -42.32 10.82
CA ARG B 113 -9.51 -43.49 10.90
C ARG B 113 -9.22 -43.89 12.36
N LYS B 114 -9.27 -42.92 13.29
CA LYS B 114 -9.03 -43.13 14.72
C LYS B 114 -10.17 -43.92 15.37
N LYS B 115 -11.43 -43.59 15.00
CA LYS B 115 -12.64 -44.25 15.51
C LYS B 115 -12.84 -45.63 14.88
N ALA B 116 -12.25 -45.86 13.69
CA ALA B 116 -12.32 -47.12 12.93
C ALA B 116 -11.68 -48.28 13.69
N THR B 117 -10.57 -48.00 14.42
CA THR B 117 -9.85 -48.99 15.24
C THR B 117 -10.46 -49.05 16.64
N VAL B 118 -10.61 -47.88 17.30
CA VAL B 118 -11.17 -47.76 18.65
C VAL B 118 -12.51 -47.01 18.56
N GLN B 126 -17.55 -41.64 5.61
CA GLN B 126 -16.98 -40.61 4.75
C GLN B 126 -16.88 -39.27 5.48
N PRO B 127 -15.73 -38.55 5.40
CA PRO B 127 -15.61 -37.26 6.12
C PRO B 127 -16.46 -36.10 5.59
N GLU B 128 -17.01 -36.23 4.37
CA GLU B 128 -17.85 -35.22 3.73
C GLU B 128 -19.23 -35.02 4.41
N GLU B 129 -19.59 -35.94 5.33
CA GLU B 129 -20.86 -35.92 6.07
C GLU B 129 -20.70 -35.31 7.48
N TYR B 130 -19.50 -34.83 7.84
CA TYR B 130 -19.21 -34.26 9.16
C TYR B 130 -18.93 -32.74 9.14
N ALA B 131 -18.95 -32.13 10.34
CA ALA B 131 -18.67 -30.71 10.60
C ALA B 131 -18.00 -30.57 11.97
N LEU B 132 -16.86 -29.86 12.03
CA LEU B 132 -16.10 -29.67 13.26
C LEU B 132 -16.64 -28.53 14.13
N GLN B 133 -17.26 -28.90 15.27
CA GLN B 133 -17.83 -27.95 16.23
C GLN B 133 -16.80 -27.59 17.30
N VAL B 134 -16.67 -26.28 17.59
CA VAL B 134 -15.74 -25.78 18.62
C VAL B 134 -16.36 -26.09 19.99
N ASN B 135 -15.63 -26.85 20.84
CA ASN B 135 -16.06 -27.26 22.17
C ASN B 135 -16.55 -26.10 23.03
N GLY B 136 -17.77 -26.23 23.53
CA GLY B 136 -18.44 -25.23 24.37
C GLY B 136 -18.68 -23.88 23.72
N ARG B 137 -18.70 -23.84 22.38
CA ARG B 137 -18.89 -22.62 21.59
C ARG B 137 -19.92 -22.81 20.47
N HIS B 138 -20.50 -21.69 20.00
CA HIS B 138 -21.49 -21.63 18.93
C HIS B 138 -20.76 -21.32 17.60
N GLU B 139 -19.63 -22.02 17.35
CA GLU B 139 -18.78 -21.87 16.18
C GLU B 139 -18.53 -23.23 15.51
N TYR B 140 -18.33 -23.21 14.17
CA TYR B 140 -18.09 -24.41 13.36
C TYR B 140 -16.95 -24.22 12.35
N LEU B 141 -16.20 -25.29 12.07
CA LEU B 141 -15.10 -25.33 11.11
C LEU B 141 -15.50 -26.17 9.90
N TYR B 142 -15.68 -25.50 8.74
CA TYR B 142 -16.08 -26.11 7.46
C TYR B 142 -15.65 -25.26 6.26
N GLY B 143 -15.80 -25.80 5.06
CA GLY B 143 -15.47 -25.13 3.80
C GLY B 143 -14.03 -25.31 3.37
N ASN B 144 -13.76 -25.02 2.09
CA ASN B 144 -12.42 -25.13 1.50
C ASN B 144 -11.55 -23.92 1.87
N TYR B 145 -11.01 -23.96 3.10
CA TYR B 145 -10.13 -22.93 3.67
C TYR B 145 -9.08 -23.61 4.56
N PRO B 146 -7.76 -23.29 4.44
CA PRO B 146 -6.78 -23.92 5.33
C PRO B 146 -6.95 -23.48 6.79
N LEU B 147 -6.58 -24.37 7.74
CA LEU B 147 -6.71 -24.13 9.19
C LEU B 147 -6.21 -22.79 9.72
N CYS B 148 -5.18 -22.20 9.08
CA CYS B 148 -4.62 -20.90 9.45
C CYS B 148 -5.58 -19.72 9.21
N HIS B 149 -6.57 -19.89 8.31
CA HIS B 149 -7.57 -18.87 7.96
C HIS B 149 -8.71 -18.74 9.00
N PHE B 150 -8.77 -19.64 9.99
CA PHE B 150 -9.81 -19.63 11.03
C PHE B 150 -9.39 -18.80 12.25
N GLN B 151 -10.37 -18.06 12.84
CA GLN B 151 -10.16 -17.20 14.01
C GLN B 151 -9.88 -17.97 15.31
N TYR B 152 -10.45 -19.17 15.47
CA TYR B 152 -10.26 -20.00 16.66
C TYR B 152 -8.87 -20.65 16.69
N ILE B 153 -8.37 -21.09 15.53
CA ILE B 153 -7.05 -21.74 15.37
C ILE B 153 -5.89 -20.78 15.69
N CYS B 154 -5.92 -19.57 15.10
CA CYS B 154 -4.87 -18.55 15.30
C CYS B 154 -4.81 -18.02 16.74
N SER B 155 -5.97 -17.95 17.43
CA SER B 155 -6.08 -17.51 18.83
C SER B 155 -5.47 -18.54 19.77
N CYS B 156 -5.58 -19.83 19.43
CA CYS B 156 -5.03 -20.95 20.20
C CYS B 156 -3.51 -21.02 20.09
N LEU B 157 -2.96 -20.67 18.90
CA LEU B 157 -1.53 -20.68 18.60
C LEU B 157 -0.74 -19.68 19.46
N HIS B 158 -1.22 -18.43 19.57
CA HIS B 158 -0.58 -17.38 20.37
C HIS B 158 -0.72 -17.61 21.88
N SER B 159 -1.80 -18.30 22.29
CA SER B 159 -2.06 -18.65 23.69
C SER B 159 -1.27 -19.90 24.10
N GLY B 160 -0.84 -20.68 23.11
CA GLY B 160 -0.08 -21.92 23.29
C GLY B 160 -0.98 -23.12 23.55
N LEU B 161 -2.30 -22.92 23.50
CA LEU B 161 -3.33 -23.92 23.74
C LEU B 161 -3.59 -24.79 22.51
N THR B 162 -3.96 -26.06 22.74
CA THR B 162 -4.31 -27.01 21.68
C THR B 162 -5.80 -26.88 21.34
N PRO B 163 -6.18 -26.76 20.04
CA PRO B 163 -7.62 -26.62 19.71
C PRO B 163 -8.45 -27.85 20.07
N HIS B 164 -9.66 -27.63 20.59
CA HIS B 164 -10.59 -28.67 20.97
C HIS B 164 -11.83 -28.64 20.07
N LEU B 165 -11.97 -29.67 19.21
CA LEU B 165 -13.07 -29.77 18.25
C LEU B 165 -13.88 -31.05 18.45
N THR B 166 -15.18 -30.99 18.11
CA THR B 166 -16.13 -32.10 18.23
C THR B 166 -16.71 -32.44 16.85
N MET B 167 -16.66 -33.73 16.47
CA MET B 167 -17.19 -34.22 15.20
C MET B 167 -18.72 -34.29 15.25
N VAL B 168 -19.38 -33.46 14.42
CA VAL B 168 -20.84 -33.40 14.34
C VAL B 168 -21.30 -33.86 12.96
N HIS B 169 -22.03 -34.98 12.91
CA HIS B 169 -22.56 -35.57 11.68
C HIS B 169 -23.69 -34.73 11.10
N SER B 170 -23.93 -34.83 9.78
CA SER B 170 -24.96 -34.10 9.02
C SER B 170 -26.36 -34.31 9.59
N SER B 171 -26.66 -35.55 10.06
CA SER B 171 -27.94 -35.93 10.66
C SER B 171 -28.27 -35.13 11.93
N SER B 172 -27.23 -34.79 12.72
CA SER B 172 -27.37 -34.00 13.96
C SER B 172 -27.69 -32.54 13.64
N ILE B 173 -27.12 -32.00 12.55
CA ILE B 173 -27.34 -30.62 12.07
C ILE B 173 -28.76 -30.52 11.49
N LEU B 174 -29.20 -31.55 10.74
CA LEU B 174 -30.53 -31.65 10.14
C LEU B 174 -31.62 -31.75 11.21
N ALA B 175 -31.33 -32.48 12.32
CA ALA B 175 -32.24 -32.65 13.46
C ALA B 175 -32.35 -31.34 14.25
N MET B 176 -31.27 -30.54 14.26
CA MET B 176 -31.19 -29.24 14.93
C MET B 176 -32.02 -28.22 14.16
N ARG B 177 -32.08 -28.36 12.82
CA ARG B 177 -32.85 -27.50 11.91
C ARG B 177 -34.36 -27.72 12.12
N ASP B 178 -34.76 -28.99 12.35
CA ASP B 178 -36.15 -29.40 12.58
C ASP B 178 -36.70 -29.00 13.95
N GLU B 179 -35.81 -28.75 14.94
CA GLU B 179 -36.20 -28.36 16.30
C GLU B 179 -36.14 -26.83 16.53
N GLN B 180 -35.48 -26.09 15.59
CA GLN B 180 -35.33 -24.63 15.65
C GLN B 180 -36.25 -23.92 14.64
N SER B 181 -37.24 -24.66 14.08
CA SER B 181 -38.20 -24.15 13.11
C SER B 181 -39.39 -23.44 13.77
N ASN B 182 -40.10 -22.59 13.00
CA ASN B 182 -41.26 -21.81 13.45
C ASN B 182 -42.46 -22.72 13.67
N GLU B 211 -49.98 22.80 -11.01
CA GLU B 211 -49.97 24.05 -11.76
C GLU B 211 -50.02 25.31 -10.88
N GLN B 212 -50.78 25.24 -9.77
CA GLN B 212 -50.96 26.32 -8.79
C GLN B 212 -49.86 26.29 -7.70
N PRO B 213 -49.46 27.46 -7.11
CA PRO B 213 -48.43 27.40 -6.06
C PRO B 213 -48.90 26.75 -4.77
N PHE B 214 -48.00 26.02 -4.08
CA PHE B 214 -48.32 25.32 -2.83
C PHE B 214 -48.51 26.28 -1.66
N SER B 215 -49.57 26.05 -0.86
CA SER B 215 -49.93 26.86 0.31
C SER B 215 -50.54 26.00 1.42
N ILE B 216 -50.36 26.42 2.67
CA ILE B 216 -50.90 25.76 3.87
C ILE B 216 -51.53 26.75 4.84
N GLU B 217 -52.67 26.36 5.44
CA GLU B 217 -53.37 27.21 6.40
C GLU B 217 -52.86 26.96 7.83
N LEU B 218 -52.15 27.94 8.38
CA LEU B 218 -51.61 27.84 9.72
C LEU B 218 -52.72 28.29 10.68
N ILE B 219 -53.44 27.32 11.25
CA ILE B 219 -54.60 27.60 12.10
C ILE B 219 -54.27 28.05 13.53
N GLU B 220 -53.74 27.18 14.40
CA GLU B 220 -53.41 27.52 15.80
C GLU B 220 -52.41 26.60 16.50
N GLY B 221 -51.95 27.01 17.69
CA GLY B 221 -51.01 26.28 18.53
C GLY B 221 -51.40 26.27 19.99
N ARG B 222 -50.64 25.50 20.81
CA ARG B 222 -50.81 25.34 22.26
C ARG B 222 -49.47 24.96 22.91
N LYS B 223 -48.72 25.99 23.38
CA LYS B 223 -47.36 25.86 23.93
C LYS B 223 -47.10 26.44 25.34
N VAL B 224 -45.79 26.50 25.75
CA VAL B 224 -45.29 27.03 27.04
C VAL B 224 -44.03 27.89 26.78
N ASN B 225 -44.06 29.19 27.19
CA ASN B 225 -42.93 30.14 27.04
C ASN B 225 -43.14 31.46 27.80
N ALA B 226 -42.08 32.28 27.90
CA ALA B 226 -42.07 33.59 28.54
C ALA B 226 -42.35 34.67 27.48
N MET B 230 -42.96 38.89 25.00
CA MET B 230 -42.49 38.21 23.80
C MET B 230 -43.61 37.87 22.83
N LYS B 231 -43.26 37.54 21.57
CA LYS B 231 -44.23 37.19 20.53
C LYS B 231 -43.90 35.88 19.81
N LEU B 232 -44.95 35.11 19.49
CA LEU B 232 -44.88 33.82 18.82
C LEU B 232 -44.70 33.95 17.31
N VAL B 233 -43.67 33.27 16.77
CA VAL B 233 -43.36 33.27 15.33
C VAL B 233 -43.19 31.83 14.86
N VAL B 234 -43.98 31.42 13.85
CA VAL B 234 -43.92 30.07 13.26
C VAL B 234 -43.29 30.17 11.87
N GLN B 235 -42.07 29.64 11.70
CA GLN B 235 -41.34 29.65 10.43
C GLN B 235 -41.57 28.34 9.67
N ALA B 236 -42.06 28.46 8.43
CA ALA B 236 -42.34 27.32 7.54
C ALA B 236 -41.37 27.28 6.37
N GLY B 237 -40.99 26.08 5.96
CA GLY B 237 -40.06 25.86 4.86
C GLY B 237 -40.14 24.48 4.24
N LEU B 238 -40.02 24.41 2.90
CA LEU B 238 -40.04 23.17 2.14
C LEU B 238 -38.63 22.66 1.85
N PHE B 239 -38.39 21.37 2.10
CA PHE B 239 -37.08 20.73 1.93
C PHE B 239 -37.13 19.40 1.18
N HIS B 240 -36.09 19.12 0.39
CA HIS B 240 -35.87 17.86 -0.31
C HIS B 240 -34.44 17.45 0.02
N GLY B 241 -34.28 16.99 1.26
CA GLY B 241 -32.99 16.59 1.83
C GLY B 241 -32.45 17.66 2.76
N ASN B 242 -31.14 17.91 2.66
CA ASN B 242 -30.45 18.91 3.49
C ASN B 242 -30.64 20.35 2.98
N GLU B 243 -31.11 20.50 1.73
CA GLU B 243 -31.33 21.82 1.10
C GLU B 243 -32.80 22.09 0.74
N MET B 244 -33.17 23.39 0.75
CA MET B 244 -34.51 23.92 0.48
C MET B 244 -35.00 23.68 -0.96
N LEU B 245 -36.34 23.80 -1.15
CA LEU B 245 -37.02 23.71 -2.44
C LEU B 245 -37.45 25.11 -2.88
N CYS B 246 -37.70 26.00 -1.90
CA CYS B 246 -38.08 27.40 -2.06
C CYS B 246 -37.66 28.18 -0.80
N LYS B 247 -37.76 29.53 -0.83
CA LYS B 247 -37.39 30.38 0.30
C LYS B 247 -38.38 30.23 1.48
N THR B 248 -37.84 30.20 2.71
CA THR B 248 -38.61 30.03 3.95
C THR B 248 -39.51 31.23 4.24
N VAL B 249 -40.80 30.97 4.49
CA VAL B 249 -41.82 31.98 4.78
C VAL B 249 -42.20 32.01 6.26
N SER B 250 -42.16 33.20 6.87
CA SER B 250 -42.49 33.41 8.28
C SER B 250 -43.86 34.08 8.45
N SER B 251 -44.61 33.65 9.47
CA SER B 251 -45.94 34.18 9.79
C SER B 251 -45.85 35.44 10.65
N SER B 252 -46.94 36.24 10.70
CA SER B 252 -47.03 37.47 11.49
C SER B 252 -47.03 37.16 12.98
N GLU B 253 -46.19 37.89 13.75
CA GLU B 253 -46.02 37.71 15.19
C GLU B 253 -47.27 37.99 16.04
N VAL B 254 -47.64 37.01 16.88
CA VAL B 254 -48.80 37.05 17.80
C VAL B 254 -48.27 36.89 19.23
N ASN B 255 -48.75 37.74 20.17
CA ASN B 255 -48.35 37.74 21.59
C ASN B 255 -48.48 36.39 22.31
N VAL B 256 -47.65 36.17 23.36
CA VAL B 256 -47.58 34.95 24.17
C VAL B 256 -48.93 34.61 24.82
N CYS B 257 -49.47 33.42 24.47
CA CYS B 257 -50.74 32.90 24.97
C CYS B 257 -50.64 31.38 25.18
N SER B 258 -51.55 30.82 26.02
CA SER B 258 -51.62 29.39 26.30
C SER B 258 -52.05 28.60 25.05
N GLU B 259 -52.96 29.20 24.26
CA GLU B 259 -53.46 28.63 23.01
C GLU B 259 -53.46 29.73 21.90
N PRO B 260 -52.28 30.09 21.31
CA PRO B 260 -52.26 31.15 20.29
C PRO B 260 -52.89 30.76 18.95
N VAL B 261 -53.69 31.67 18.37
CA VAL B 261 -54.40 31.46 17.10
C VAL B 261 -53.81 32.34 15.98
N TRP B 262 -53.79 31.83 14.74
CA TRP B 262 -53.27 32.53 13.56
C TRP B 262 -54.28 32.63 12.41
N LYS B 263 -54.72 31.48 11.84
CA LYS B 263 -55.64 31.37 10.70
C LYS B 263 -55.13 32.13 9.45
N GLN B 264 -53.81 32.02 9.20
CA GLN B 264 -53.09 32.67 8.11
C GLN B 264 -52.69 31.64 7.05
N ARG B 265 -52.80 32.02 5.76
CA ARG B 265 -52.41 31.17 4.64
C ARG B 265 -51.00 31.50 4.15
N LEU B 266 -50.04 30.59 4.45
CA LEU B 266 -48.63 30.75 4.07
C LEU B 266 -48.41 30.24 2.65
N GLU B 267 -47.93 31.12 1.74
CA GLU B 267 -47.68 30.78 0.35
C GLU B 267 -46.20 30.47 0.11
N PHE B 268 -45.92 29.41 -0.68
CA PHE B 268 -44.57 28.97 -1.02
C PHE B 268 -44.27 29.23 -2.50
N ASP B 269 -43.02 29.61 -2.80
CA ASP B 269 -42.56 29.90 -4.16
C ASP B 269 -42.21 28.60 -4.92
N ILE B 270 -43.20 27.68 -5.01
CA ILE B 270 -43.10 26.38 -5.67
C ILE B 270 -44.49 25.88 -6.11
N SER B 271 -44.59 25.54 -7.37
CA SER B 271 -45.80 25.07 -7.97
C SER B 271 -46.09 23.70 -7.47
N VAL B 272 -47.36 23.36 -7.40
CA VAL B 272 -47.77 22.06 -6.95
C VAL B 272 -47.32 20.89 -7.81
N CYS B 273 -47.34 21.04 -9.12
CA CYS B 273 -46.91 19.98 -10.01
C CYS B 273 -45.41 19.80 -9.97
N ASP B 274 -44.76 20.82 -9.47
CA ASP B 274 -43.30 20.94 -9.33
C ASP B 274 -42.79 20.40 -7.98
N LEU B 275 -43.62 19.63 -7.25
CA LEU B 275 -43.26 19.05 -5.95
C LEU B 275 -42.72 17.62 -6.07
N PRO B 276 -41.56 17.30 -5.47
CA PRO B 276 -41.05 15.93 -5.54
C PRO B 276 -41.73 14.99 -4.56
N ARG B 277 -41.56 13.67 -4.76
CA ARG B 277 -42.15 12.60 -3.95
C ARG B 277 -41.64 12.61 -2.49
N MET B 278 -40.34 12.88 -2.29
CA MET B 278 -39.71 12.90 -0.97
C MET B 278 -39.60 14.32 -0.36
N ALA B 279 -40.58 15.19 -0.66
CA ALA B 279 -40.63 16.57 -0.16
C ALA B 279 -41.07 16.61 1.31
N ARG B 280 -40.40 17.47 2.12
CA ARG B 280 -40.67 17.64 3.54
C ARG B 280 -41.11 19.07 3.87
N LEU B 281 -42.19 19.21 4.67
CA LEU B 281 -42.71 20.49 5.12
C LEU B 281 -42.28 20.67 6.57
N CYS B 282 -41.29 21.56 6.79
CA CYS B 282 -40.69 21.82 8.11
C CYS B 282 -41.24 23.06 8.80
N PHE B 283 -41.47 22.95 10.12
CA PHE B 283 -41.98 24.02 10.98
C PHE B 283 -41.09 24.26 12.19
N ALA B 284 -41.04 25.51 12.67
CA ALA B 284 -40.26 25.91 13.85
C ALA B 284 -40.97 27.04 14.62
N LEU B 285 -41.25 26.78 15.91
CA LEU B 285 -41.91 27.73 16.80
C LEU B 285 -40.86 28.39 17.70
N TYR B 286 -40.77 29.73 17.63
CA TYR B 286 -39.80 30.52 18.41
C TYR B 286 -40.34 31.88 18.85
N ALA B 287 -39.63 32.55 19.79
CA ALA B 287 -39.99 33.86 20.32
C ALA B 287 -38.83 34.85 20.22
N ASP B 306 -34.09 36.33 20.87
CA ASP B 306 -34.23 35.06 20.15
C ASP B 306 -34.24 33.88 21.12
N CYS B 307 -35.25 33.00 21.00
CA CYS B 307 -35.40 31.80 21.83
C CYS B 307 -36.16 30.68 21.09
N PRO B 308 -35.49 29.56 20.72
CA PRO B 308 -36.22 28.47 20.05
C PRO B 308 -37.03 27.63 21.03
N ILE B 309 -38.28 27.29 20.65
CA ILE B 309 -39.18 26.52 21.52
C ILE B 309 -39.38 25.08 21.04
N ALA B 310 -39.98 24.90 19.83
CA ALA B 310 -40.26 23.57 19.29
C ALA B 310 -40.16 23.46 17.76
N TRP B 311 -40.10 22.22 17.24
CA TRP B 311 -40.02 21.91 15.81
C TRP B 311 -40.94 20.75 15.40
N ALA B 312 -41.41 20.74 14.14
CA ALA B 312 -42.28 19.70 13.58
C ALA B 312 -42.08 19.57 12.07
N ASN B 313 -41.92 18.33 11.59
CA ASN B 313 -41.74 18.01 10.17
C ASN B 313 -42.76 16.96 9.73
N LEU B 314 -43.20 17.03 8.46
CA LEU B 314 -44.17 16.08 7.89
C LEU B 314 -44.01 15.92 6.37
N MET B 315 -44.43 14.75 5.85
CA MET B 315 -44.38 14.45 4.42
C MET B 315 -45.65 14.94 3.75
N LEU B 316 -45.54 15.53 2.53
CA LEU B 316 -46.68 16.04 1.77
C LEU B 316 -47.51 14.89 1.20
N PHE B 317 -46.84 13.79 0.82
CA PHE B 317 -47.46 12.58 0.29
C PHE B 317 -47.48 11.50 1.36
N ASP B 318 -48.46 10.57 1.29
CA ASP B 318 -48.58 9.47 2.25
C ASP B 318 -47.80 8.23 1.77
N TYR B 319 -47.97 7.08 2.45
CA TYR B 319 -47.30 5.82 2.08
C TYR B 319 -47.85 5.21 0.80
N LYS B 320 -49.08 5.61 0.40
CA LYS B 320 -49.75 5.13 -0.82
C LYS B 320 -49.60 6.11 -2.01
N ASP B 321 -48.55 6.97 -1.96
CA ASP B 321 -48.16 7.97 -2.96
C ASP B 321 -49.19 9.08 -3.25
N GLN B 322 -50.17 9.28 -2.35
CA GLN B 322 -51.21 10.30 -2.49
C GLN B 322 -50.91 11.52 -1.61
N LEU B 323 -51.13 12.74 -2.15
CA LEU B 323 -50.92 14.01 -1.44
C LEU B 323 -51.95 14.16 -0.31
N LYS B 324 -51.46 14.45 0.90
CA LYS B 324 -52.27 14.58 2.13
C LYS B 324 -53.24 15.76 2.11
N THR B 325 -54.49 15.50 2.52
CA THR B 325 -55.61 16.45 2.64
C THR B 325 -56.61 15.96 3.73
N GLY B 326 -57.02 16.83 4.66
CA GLY B 326 -56.65 18.24 4.73
C GLY B 326 -56.09 18.66 6.08
N GLU B 327 -56.93 18.64 7.12
CA GLU B 327 -56.54 19.03 8.48
C GLU B 327 -55.59 18.02 9.13
N ARG B 328 -54.49 18.53 9.70
CA ARG B 328 -53.45 17.73 10.36
C ARG B 328 -52.94 18.39 11.63
N CYS B 329 -52.83 17.60 12.71
CA CYS B 329 -52.32 18.06 14.02
C CYS B 329 -50.85 17.63 14.14
N LEU B 330 -49.96 18.61 14.33
CA LEU B 330 -48.52 18.37 14.44
C LEU B 330 -48.02 18.44 15.88
N TYR B 331 -47.80 17.28 16.51
CA TYR B 331 -47.28 17.20 17.87
C TYR B 331 -45.78 17.46 17.85
N MET B 332 -45.41 18.72 18.12
CA MET B 332 -44.04 19.25 18.09
C MET B 332 -43.08 18.63 19.11
N TRP B 333 -41.78 18.63 18.76
CA TRP B 333 -40.68 18.12 19.58
C TRP B 333 -39.89 19.30 20.15
N PRO B 334 -39.40 19.23 21.42
CA PRO B 334 -38.65 20.38 21.99
C PRO B 334 -37.32 20.68 21.30
N SER B 335 -36.91 21.96 21.30
CA SER B 335 -35.66 22.43 20.69
C SER B 335 -34.61 22.76 21.76
N LEU B 343 -31.44 26.93 12.97
CA LEU B 343 -32.74 27.24 13.51
C LEU B 343 -33.79 26.20 13.08
N LEU B 344 -33.93 25.99 11.75
CA LEU B 344 -34.87 25.04 11.15
C LEU B 344 -34.17 23.68 11.01
N ASN B 345 -34.83 22.61 11.48
CA ASN B 345 -34.28 21.25 11.46
C ASN B 345 -34.98 20.29 10.46
N PRO B 346 -34.43 20.13 9.23
CA PRO B 346 -35.08 19.21 8.27
C PRO B 346 -34.73 17.73 8.47
N ALA B 347 -33.61 17.45 9.15
CA ALA B 347 -33.08 16.11 9.42
C ALA B 347 -33.96 15.27 10.36
N GLY B 348 -34.70 15.94 11.24
CA GLY B 348 -35.59 15.31 12.22
C GLY B 348 -36.72 14.47 11.65
N THR B 349 -37.31 13.62 12.51
CA THR B 349 -38.41 12.70 12.18
C THR B 349 -39.67 13.38 11.66
N VAL B 350 -40.37 12.70 10.72
CA VAL B 350 -41.62 13.18 10.11
C VAL B 350 -42.87 12.73 10.89
N ARG B 351 -42.65 12.06 12.03
CA ARG B 351 -43.71 11.56 12.93
C ARG B 351 -43.84 12.48 14.14
N GLY B 352 -45.07 12.69 14.59
CA GLY B 352 -45.39 13.52 15.74
C GLY B 352 -44.96 12.95 17.08
N ASN B 353 -44.90 13.82 18.10
CA ASN B 353 -44.51 13.47 19.47
C ASN B 353 -45.53 12.50 20.11
N PRO B 354 -45.08 11.36 20.71
CA PRO B 354 -46.04 10.43 21.31
C PRO B 354 -46.68 10.95 22.60
N ASN B 355 -46.00 11.87 23.29
CA ASN B 355 -46.48 12.49 24.52
C ASN B 355 -47.50 13.60 24.18
N THR B 356 -48.72 13.19 23.81
CA THR B 356 -49.82 14.08 23.41
C THR B 356 -50.45 14.83 24.60
N GLU B 357 -49.92 14.61 25.82
CA GLU B 357 -50.39 15.22 27.06
C GLU B 357 -49.60 16.49 27.44
N SER B 358 -48.26 16.47 27.30
CA SER B 358 -47.39 17.59 27.66
C SER B 358 -46.80 18.39 26.48
N ALA B 359 -46.42 17.70 25.38
CA ALA B 359 -45.81 18.33 24.20
C ALA B 359 -46.79 19.25 23.45
N ALA B 360 -46.23 20.32 22.83
CA ALA B 360 -46.98 21.31 22.06
C ALA B 360 -47.53 20.76 20.75
N ALA B 361 -48.73 21.22 20.36
CA ALA B 361 -49.42 20.79 19.13
C ALA B 361 -49.74 21.98 18.22
N LEU B 362 -49.60 21.77 16.89
CA LEU B 362 -49.87 22.80 15.88
C LEU B 362 -50.86 22.26 14.84
N VAL B 363 -52.02 22.93 14.70
CA VAL B 363 -53.05 22.52 13.73
C VAL B 363 -52.83 23.25 12.41
N ILE B 364 -52.71 22.46 11.32
CA ILE B 364 -52.53 22.95 9.95
C ILE B 364 -53.56 22.34 9.01
N TYR B 365 -53.89 23.05 7.91
CA TYR B 365 -54.86 22.58 6.92
C TYR B 365 -54.21 22.51 5.53
N LEU B 366 -54.44 21.40 4.82
CA LEU B 366 -53.94 21.19 3.46
C LEU B 366 -55.11 21.40 2.47
N PRO B 367 -55.05 22.44 1.60
CA PRO B 367 -56.17 22.67 0.68
C PRO B 367 -56.29 21.64 -0.43
N GLU B 368 -57.53 21.21 -0.71
CA GLU B 368 -57.85 20.23 -1.75
C GLU B 368 -57.81 20.86 -3.14
N VAL B 369 -57.15 20.17 -4.09
CA VAL B 369 -57.00 20.65 -5.48
C VAL B 369 -57.84 19.85 -6.50
N ALA B 370 -58.25 18.62 -6.14
CA ALA B 370 -59.06 17.76 -6.99
C ALA B 370 -60.22 17.15 -6.21
N PRO B 373 -57.85 13.74 -4.92
CA PRO B 373 -57.31 12.39 -5.02
C PRO B 373 -56.18 12.39 -6.01
N VAL B 374 -55.17 13.19 -5.72
CA VAL B 374 -54.03 13.30 -6.60
C VAL B 374 -52.93 12.41 -6.07
N TYR B 375 -52.52 11.49 -6.90
CA TYR B 375 -51.46 10.61 -6.55
C TYR B 375 -50.27 11.05 -7.34
N PHE B 376 -49.11 10.76 -6.83
CA PHE B 376 -47.83 11.03 -7.49
C PHE B 376 -47.69 10.12 -8.70
N PRO B 377 -47.26 10.64 -9.89
CA PRO B 377 -47.16 9.78 -11.08
C PRO B 377 -46.13 8.65 -10.95
N ALA B 378 -46.52 7.44 -11.37
CA ALA B 378 -45.71 6.22 -11.34
C ALA B 378 -44.51 6.28 -12.29
N LEU B 379 -43.48 5.46 -12.02
CA LEU B 379 -42.22 5.34 -12.78
C LEU B 379 -42.40 5.28 -14.31
N GLU B 380 -43.47 4.62 -14.79
CA GLU B 380 -43.81 4.47 -16.21
C GLU B 380 -44.01 5.85 -16.89
N LYS B 381 -44.70 6.77 -16.18
CA LYS B 381 -44.99 8.13 -16.64
C LYS B 381 -43.76 9.05 -16.52
N ILE B 382 -42.90 8.79 -15.51
CA ILE B 382 -41.67 9.56 -15.22
C ILE B 382 -40.62 9.40 -16.35
N LEU B 383 -40.45 8.17 -16.87
CA LEU B 383 -39.48 7.85 -17.94
C LEU B 383 -39.71 8.60 -19.25
N GLU B 384 -40.97 8.99 -19.56
CA GLU B 384 -41.32 9.74 -20.77
C GLU B 384 -40.81 11.18 -20.75
N LEU B 385 -40.94 11.87 -19.59
CA LEU B 385 -40.50 13.24 -19.41
C LEU B 385 -39.03 13.28 -18.97
N GLU B 415 -20.88 27.42 -8.94
CA GLU B 415 -21.94 28.31 -9.41
C GLU B 415 -22.31 27.98 -10.86
N HIS B 416 -21.40 28.28 -11.81
CA HIS B 416 -21.57 28.02 -13.24
C HIS B 416 -21.21 26.56 -13.56
N GLU B 417 -20.44 25.91 -12.66
CA GLU B 417 -19.99 24.52 -12.76
C GLU B 417 -21.20 23.57 -12.69
N LYS B 418 -22.17 23.88 -11.82
CA LYS B 418 -23.41 23.12 -11.61
C LYS B 418 -24.23 22.97 -12.89
N ASP B 419 -24.30 24.05 -13.70
CA ASP B 419 -25.01 24.08 -14.98
C ASP B 419 -24.27 23.26 -16.04
N LEU B 420 -22.93 23.26 -16.00
CA LEU B 420 -22.05 22.52 -16.92
C LEU B 420 -22.14 21.02 -16.68
N VAL B 421 -22.20 20.61 -15.38
CA VAL B 421 -22.31 19.20 -14.96
C VAL B 421 -23.66 18.61 -15.40
N TRP B 422 -24.76 19.38 -15.25
CA TRP B 422 -26.10 18.99 -15.66
C TRP B 422 -26.24 18.92 -17.19
N LYS B 423 -25.46 19.76 -17.92
CA LYS B 423 -25.41 19.81 -19.38
C LYS B 423 -24.75 18.53 -19.92
N MET B 424 -23.69 18.06 -19.21
CA MET B 424 -22.90 16.88 -19.56
C MET B 424 -23.44 15.56 -18.95
N ARG B 425 -24.70 15.57 -18.41
CA ARG B 425 -25.36 14.43 -17.78
C ARG B 425 -25.29 13.08 -18.51
N HIS B 426 -25.31 13.10 -19.86
CA HIS B 426 -25.22 11.90 -20.69
C HIS B 426 -23.79 11.35 -20.70
N GLU B 427 -22.79 12.25 -20.69
CA GLU B 427 -21.37 11.89 -20.67
C GLU B 427 -20.97 11.33 -19.30
N VAL B 428 -21.69 11.74 -18.24
CA VAL B 428 -21.48 11.27 -16.86
C VAL B 428 -21.95 9.80 -16.76
N GLN B 429 -23.13 9.49 -17.34
CA GLN B 429 -23.70 8.12 -17.36
C GLN B 429 -22.82 7.15 -18.15
N GLU B 430 -22.13 7.65 -19.20
CA GLU B 430 -21.27 6.88 -20.09
C GLU B 430 -19.81 6.77 -19.68
N HIS B 431 -19.21 7.86 -19.16
CA HIS B 431 -17.79 7.88 -18.79
C HIS B 431 -17.44 7.99 -17.31
N PHE B 432 -18.26 8.69 -16.50
CA PHE B 432 -18.00 8.88 -15.07
C PHE B 432 -19.14 8.33 -14.18
N PRO B 433 -19.31 6.98 -14.04
CA PRO B 433 -20.41 6.46 -13.21
C PRO B 433 -20.30 6.80 -11.73
N GLU B 434 -19.06 6.91 -11.21
CA GLU B 434 -18.74 7.25 -9.82
C GLU B 434 -19.17 8.68 -9.44
N ALA B 435 -19.29 9.58 -10.43
CA ALA B 435 -19.67 10.98 -10.27
C ALA B 435 -21.20 11.21 -10.16
N LEU B 436 -21.99 10.14 -9.90
CA LEU B 436 -23.45 10.21 -9.75
C LEU B 436 -23.87 11.07 -8.56
N ALA B 437 -23.12 10.97 -7.43
CA ALA B 437 -23.34 11.75 -6.21
C ALA B 437 -23.23 13.26 -6.46
N ARG B 438 -22.24 13.67 -7.27
CA ARG B 438 -22.03 15.08 -7.63
C ARG B 438 -23.09 15.55 -8.62
N LEU B 439 -23.60 14.63 -9.48
CA LEU B 439 -24.64 14.90 -10.46
C LEU B 439 -26.03 15.01 -9.81
N LEU B 440 -26.27 14.23 -8.75
CA LEU B 440 -27.55 14.23 -8.01
C LEU B 440 -27.74 15.47 -7.12
N LEU B 441 -26.64 16.18 -6.79
CA LEU B 441 -26.68 17.39 -5.97
C LEU B 441 -26.91 18.65 -6.81
N VAL B 442 -26.45 18.63 -8.09
CA VAL B 442 -26.59 19.75 -9.03
C VAL B 442 -27.97 19.85 -9.68
N THR B 443 -28.69 18.70 -9.81
CA THR B 443 -30.03 18.62 -10.41
C THR B 443 -31.09 19.38 -9.61
N LYS B 444 -31.92 20.16 -10.30
CA LYS B 444 -32.98 20.96 -9.68
C LYS B 444 -34.18 20.11 -9.28
N TRP B 445 -34.28 19.80 -7.97
CA TRP B 445 -35.36 19.00 -7.40
C TRP B 445 -36.67 19.79 -7.29
N ASN B 446 -36.59 21.13 -7.35
CA ASN B 446 -37.73 22.04 -7.30
C ASN B 446 -38.51 22.11 -8.63
N LYS B 447 -37.92 21.57 -9.71
CA LYS B 447 -38.51 21.51 -11.05
C LYS B 447 -38.74 20.04 -11.41
N HIS B 448 -40.00 19.66 -11.70
CA HIS B 448 -40.37 18.27 -12.04
C HIS B 448 -39.78 17.74 -13.36
N GLU B 449 -39.37 18.66 -14.26
CA GLU B 449 -38.77 18.34 -15.56
C GLU B 449 -37.37 17.74 -15.37
N ASP B 450 -36.55 18.36 -14.48
CA ASP B 450 -35.18 17.92 -14.16
C ASP B 450 -35.17 16.58 -13.41
N VAL B 451 -36.17 16.35 -12.53
CA VAL B 451 -36.32 15.12 -11.74
C VAL B 451 -36.58 13.91 -12.66
N ALA B 452 -37.53 14.06 -13.61
CA ALA B 452 -37.90 13.03 -14.58
C ALA B 452 -36.78 12.69 -15.56
N GLN B 453 -35.96 13.70 -15.94
CA GLN B 453 -34.82 13.54 -16.84
C GLN B 453 -33.68 12.78 -16.16
N MET B 454 -33.44 13.07 -14.86
CA MET B 454 -32.42 12.42 -14.03
C MET B 454 -32.80 10.96 -13.75
N LEU B 455 -34.09 10.70 -13.43
CA LEU B 455 -34.64 9.39 -13.13
C LEU B 455 -34.55 8.41 -14.32
N TYR B 456 -34.63 8.93 -15.56
CA TYR B 456 -34.52 8.14 -16.79
C TYR B 456 -33.09 7.59 -16.92
N LEU B 457 -32.09 8.40 -16.54
CA LEU B 457 -30.67 8.02 -16.55
C LEU B 457 -30.35 7.06 -15.41
N LEU B 458 -30.98 7.26 -14.23
CA LEU B 458 -30.80 6.46 -13.02
C LEU B 458 -31.27 5.01 -13.21
N CYS B 459 -32.35 4.81 -13.99
CA CYS B 459 -32.91 3.47 -14.29
C CYS B 459 -32.00 2.67 -15.22
N SER B 460 -31.17 3.37 -16.03
CA SER B 460 -30.22 2.78 -16.97
C SER B 460 -28.76 2.93 -16.48
N TRP B 461 -28.55 3.55 -15.29
CA TRP B 461 -27.25 3.79 -14.68
C TRP B 461 -26.56 2.47 -14.27
N PRO B 462 -25.26 2.28 -14.61
CA PRO B 462 -24.57 1.03 -14.22
C PRO B 462 -24.39 0.88 -12.71
N GLU B 463 -24.22 -0.37 -12.25
CA GLU B 463 -24.04 -0.73 -10.83
C GLU B 463 -22.79 -0.07 -10.24
N LEU B 464 -22.96 0.65 -9.12
CA LEU B 464 -21.90 1.36 -8.42
C LEU B 464 -21.22 0.50 -7.34
N PRO B 465 -19.89 0.65 -7.11
CA PRO B 465 -19.24 -0.14 -6.05
C PRO B 465 -19.68 0.25 -4.64
N VAL B 466 -19.45 -0.63 -3.65
CA VAL B 466 -19.79 -0.51 -2.23
C VAL B 466 -19.51 0.90 -1.65
N LEU B 467 -18.30 1.45 -1.90
CA LEU B 467 -17.86 2.78 -1.45
C LEU B 467 -18.77 3.90 -1.96
N SER B 468 -19.19 3.83 -3.24
CA SER B 468 -20.05 4.82 -3.88
C SER B 468 -21.50 4.73 -3.36
N ALA B 469 -21.99 3.50 -3.10
CA ALA B 469 -23.35 3.23 -2.61
C ALA B 469 -23.58 3.76 -1.19
N LEU B 470 -22.52 3.71 -0.33
CA LEU B 470 -22.57 4.19 1.06
C LEU B 470 -22.70 5.71 1.14
N GLU B 471 -22.17 6.42 0.13
CA GLU B 471 -22.22 7.89 0.00
C GLU B 471 -23.66 8.34 -0.31
N LEU B 472 -24.39 7.54 -1.12
CA LEU B 472 -25.76 7.81 -1.54
C LEU B 472 -26.82 7.59 -0.43
N LEU B 473 -26.46 6.86 0.64
CA LEU B 473 -27.36 6.58 1.76
C LEU B 473 -27.56 7.81 2.69
N ASP B 474 -26.71 8.84 2.53
CA ASP B 474 -26.72 10.09 3.28
C ASP B 474 -28.03 10.88 3.10
N PHE B 475 -28.35 11.77 4.05
CA PHE B 475 -29.56 12.61 4.05
C PHE B 475 -29.64 13.59 2.86
N SER B 476 -28.48 13.90 2.23
CA SER B 476 -28.38 14.78 1.05
C SER B 476 -29.09 14.19 -0.19
N PHE B 477 -29.31 12.86 -0.19
CA PHE B 477 -29.98 12.12 -1.26
C PHE B 477 -31.27 11.48 -0.67
N PRO B 478 -32.39 12.23 -0.58
CA PRO B 478 -33.60 11.66 0.05
C PRO B 478 -34.51 10.82 -0.86
N ASP B 479 -34.43 11.03 -2.19
CA ASP B 479 -35.25 10.36 -3.20
C ASP B 479 -35.24 8.83 -3.06
N CYS B 480 -36.46 8.23 -3.06
CA CYS B 480 -36.69 6.79 -2.91
C CYS B 480 -36.05 5.95 -4.01
N TYR B 481 -35.99 6.49 -5.24
CA TYR B 481 -35.38 5.84 -6.40
C TYR B 481 -33.86 5.78 -6.26
N VAL B 482 -33.27 6.82 -5.63
CA VAL B 482 -31.84 6.92 -5.35
C VAL B 482 -31.52 5.91 -4.23
N GLY B 483 -32.41 5.83 -3.25
CA GLY B 483 -32.33 4.91 -2.12
C GLY B 483 -32.43 3.46 -2.57
N SER B 484 -33.33 3.19 -3.54
CA SER B 484 -33.54 1.85 -4.13
C SER B 484 -32.32 1.45 -4.98
N PHE B 485 -31.71 2.42 -5.69
CA PHE B 485 -30.51 2.20 -6.51
C PHE B 485 -29.30 1.87 -5.62
N ALA B 486 -29.24 2.50 -4.43
CA ALA B 486 -28.19 2.27 -3.44
C ALA B 486 -28.28 0.83 -2.91
N ILE B 487 -29.51 0.38 -2.53
CA ILE B 487 -29.80 -0.98 -2.05
C ILE B 487 -29.43 -2.03 -3.11
N LYS B 488 -29.75 -1.72 -4.40
CA LYS B 488 -29.44 -2.56 -5.56
C LYS B 488 -27.92 -2.75 -5.70
N SER B 489 -27.14 -1.70 -5.37
CA SER B 489 -25.68 -1.71 -5.38
C SER B 489 -25.12 -2.36 -4.11
N LEU B 490 -25.87 -2.29 -3.00
CA LEU B 490 -25.47 -2.89 -1.70
C LEU B 490 -25.77 -4.40 -1.65
N ARG B 491 -26.48 -4.94 -2.65
CA ARG B 491 -26.83 -6.37 -2.75
C ARG B 491 -25.61 -7.29 -2.89
N LYS B 492 -24.49 -6.76 -3.43
CA LYS B 492 -23.24 -7.49 -3.62
C LYS B 492 -22.37 -7.60 -2.35
N LEU B 493 -22.81 -6.96 -1.23
CA LEU B 493 -22.10 -6.98 0.05
C LEU B 493 -22.04 -8.39 0.64
N THR B 494 -20.86 -8.76 1.17
CA THR B 494 -20.67 -10.05 1.83
C THR B 494 -21.12 -9.90 3.29
N ASP B 495 -21.42 -11.03 3.96
CA ASP B 495 -21.86 -11.04 5.36
C ASP B 495 -20.87 -10.42 6.33
N ASP B 496 -19.56 -10.46 5.99
CA ASP B 496 -18.49 -9.87 6.79
C ASP B 496 -18.44 -8.36 6.58
N GLU B 497 -18.61 -7.89 5.32
CA GLU B 497 -18.63 -6.47 4.94
C GLU B 497 -19.87 -5.78 5.50
N LEU B 498 -21.03 -6.46 5.47
CA LEU B 498 -22.31 -5.96 5.98
C LEU B 498 -22.26 -5.77 7.50
N PHE B 499 -21.58 -6.70 8.22
CA PHE B 499 -21.39 -6.68 9.67
C PHE B 499 -20.54 -5.47 10.10
N GLN B 500 -19.59 -5.05 9.25
CA GLN B 500 -18.69 -3.93 9.47
C GLN B 500 -19.42 -2.58 9.42
N TYR B 501 -20.38 -2.42 8.47
CA TYR B 501 -21.14 -1.18 8.30
C TYR B 501 -22.59 -1.23 8.83
N LEU B 502 -22.96 -2.33 9.53
CA LEU B 502 -24.30 -2.56 10.09
C LEU B 502 -24.80 -1.43 11.00
N LEU B 503 -23.92 -0.88 11.86
CA LEU B 503 -24.22 0.22 12.78
C LEU B 503 -24.67 1.47 12.02
N GLN B 504 -23.98 1.79 10.91
CA GLN B 504 -24.27 2.95 10.05
C GLN B 504 -25.58 2.76 9.27
N LEU B 505 -25.88 1.53 8.83
CA LEU B 505 -27.10 1.18 8.07
C LEU B 505 -28.36 1.32 8.93
N VAL B 506 -28.25 1.02 10.24
CA VAL B 506 -29.35 1.12 11.21
C VAL B 506 -29.67 2.62 11.46
N GLN B 507 -28.64 3.48 11.39
CA GLN B 507 -28.78 4.93 11.55
C GLN B 507 -29.52 5.59 10.39
N VAL B 508 -29.43 5.01 9.17
CA VAL B 508 -30.10 5.49 7.95
C VAL B 508 -31.64 5.39 8.11
N LEU B 509 -32.12 4.43 8.93
CA LEU B 509 -33.55 4.21 9.25
C LEU B 509 -34.17 5.44 9.90
N LYS B 510 -33.37 6.21 10.67
CA LYS B 510 -33.80 7.44 11.35
C LYS B 510 -34.09 8.54 10.33
N TYR B 511 -33.30 8.59 9.23
CA TYR B 511 -33.45 9.55 8.14
C TYR B 511 -34.64 9.22 7.23
N GLU B 512 -35.06 7.94 7.19
CA GLU B 512 -36.17 7.43 6.37
C GLU B 512 -37.50 8.13 6.63
N SER B 513 -38.32 8.27 5.57
CA SER B 513 -39.62 8.93 5.61
C SER B 513 -40.78 8.01 5.99
N TYR B 514 -40.77 6.77 5.48
CA TYR B 514 -41.84 5.80 5.74
C TYR B 514 -41.32 4.51 6.35
N LEU B 515 -42.20 3.78 7.07
CA LEU B 515 -41.88 2.51 7.74
C LEU B 515 -41.51 1.43 6.72
N ASP B 516 -42.36 1.24 5.68
CA ASP B 516 -42.14 0.26 4.62
C ASP B 516 -41.18 0.86 3.58
N CYS B 517 -39.90 0.48 3.65
CA CYS B 517 -38.84 0.96 2.74
C CYS B 517 -37.89 -0.16 2.34
N GLU B 518 -37.12 0.07 1.25
CA GLU B 518 -36.14 -0.89 0.71
C GLU B 518 -35.01 -1.26 1.67
N LEU B 519 -34.59 -0.29 2.51
CA LEU B 519 -33.53 -0.48 3.51
C LEU B 519 -33.98 -1.47 4.60
N THR B 520 -35.27 -1.38 5.03
CA THR B 520 -35.87 -2.27 6.02
C THR B 520 -35.93 -3.69 5.45
N LYS B 521 -36.36 -3.82 4.17
CA LYS B 521 -36.46 -5.10 3.45
C LYS B 521 -35.08 -5.76 3.28
N PHE B 522 -34.05 -4.93 3.00
CA PHE B 522 -32.67 -5.38 2.83
C PHE B 522 -32.04 -5.83 4.15
N LEU B 523 -32.20 -5.02 5.23
CA LEU B 523 -31.67 -5.33 6.55
C LEU B 523 -32.33 -6.56 7.16
N LEU B 524 -33.65 -6.72 6.97
CA LEU B 524 -34.44 -7.85 7.47
C LEU B 524 -34.16 -9.14 6.70
N GLY B 525 -34.04 -9.02 5.37
CA GLY B 525 -33.75 -10.13 4.47
C GLY B 525 -32.39 -10.76 4.69
N ARG B 526 -31.40 -9.94 5.06
CA ARG B 526 -30.02 -10.38 5.35
C ARG B 526 -29.89 -10.88 6.79
N ALA B 527 -30.73 -10.36 7.71
CA ALA B 527 -30.75 -10.74 9.13
C ALA B 527 -31.32 -12.15 9.30
N LEU B 528 -32.27 -12.54 8.42
CA LEU B 528 -32.90 -13.86 8.44
C LEU B 528 -32.09 -14.88 7.64
N ALA B 529 -31.10 -14.39 6.85
CA ALA B 529 -30.21 -15.23 6.04
C ALA B 529 -28.92 -15.53 6.80
N ASN B 530 -28.59 -14.72 7.83
CA ASN B 530 -27.41 -14.86 8.68
C ASN B 530 -27.78 -14.49 10.13
N ARG B 531 -27.74 -15.49 11.04
CA ARG B 531 -28.09 -15.36 12.45
C ARG B 531 -27.21 -14.38 13.25
N LYS B 532 -25.91 -14.24 12.87
CA LYS B 532 -24.97 -13.32 13.52
C LYS B 532 -25.37 -11.87 13.23
N ILE B 533 -25.81 -11.59 11.99
CA ILE B 533 -26.29 -10.27 11.56
C ILE B 533 -27.62 -9.95 12.24
N GLY B 534 -28.50 -10.96 12.32
CA GLY B 534 -29.80 -10.87 12.99
C GLY B 534 -29.70 -10.61 14.48
N HIS B 535 -28.60 -11.09 15.09
CA HIS B 535 -28.28 -10.90 16.51
C HIS B 535 -27.95 -9.44 16.79
N PHE B 536 -27.02 -8.86 16.00
CA PHE B 536 -26.59 -7.47 16.14
C PHE B 536 -27.60 -6.43 15.67
N LEU B 537 -28.39 -6.74 14.62
CA LEU B 537 -29.44 -5.84 14.11
C LEU B 537 -30.46 -5.59 15.22
N PHE B 538 -30.89 -6.66 15.92
CA PHE B 538 -31.83 -6.62 17.04
C PHE B 538 -31.33 -5.70 18.16
N TRP B 539 -30.07 -5.88 18.59
CA TRP B 539 -29.46 -5.08 19.65
C TRP B 539 -29.23 -3.61 19.30
N HIS B 540 -29.09 -3.29 18.00
CA HIS B 540 -28.93 -1.90 17.54
C HIS B 540 -30.28 -1.19 17.58
N LEU B 541 -31.38 -1.95 17.41
CA LEU B 541 -32.77 -1.45 17.45
C LEU B 541 -33.29 -1.37 18.89
N ARG B 542 -33.00 -2.40 19.72
CA ARG B 542 -33.44 -2.51 21.12
C ARG B 542 -32.80 -1.46 22.04
N SER B 543 -31.51 -1.16 21.82
CA SER B 543 -30.74 -0.17 22.62
C SER B 543 -31.25 1.27 22.49
N GLU B 544 -32.02 1.57 21.43
CA GLU B 544 -32.57 2.89 21.17
C GLU B 544 -34.11 2.98 21.32
N MET B 545 -34.72 1.94 21.93
CA MET B 545 -36.18 1.87 22.17
C MET B 545 -36.67 2.92 23.16
N HIS B 546 -35.81 3.37 24.08
CA HIS B 546 -36.12 4.39 25.08
C HIS B 546 -36.34 5.78 24.44
N VAL B 547 -35.75 6.00 23.25
CA VAL B 547 -35.89 7.24 22.47
C VAL B 547 -37.27 7.22 21.78
N PRO B 548 -38.18 8.19 22.08
CA PRO B 548 -39.53 8.14 21.49
C PRO B 548 -39.62 8.35 19.97
N SER B 549 -38.63 9.02 19.35
CA SER B 549 -38.60 9.30 17.92
C SER B 549 -38.41 8.04 17.06
N VAL B 550 -37.72 7.02 17.60
CA VAL B 550 -37.45 5.76 16.90
C VAL B 550 -38.14 4.53 17.51
N ALA B 551 -38.82 4.70 18.67
CA ALA B 551 -39.53 3.65 19.41
C ALA B 551 -40.53 2.84 18.58
N LEU B 552 -41.29 3.52 17.69
CA LEU B 552 -42.28 2.84 16.83
C LEU B 552 -41.62 2.08 15.68
N ARG B 553 -40.74 2.74 14.91
CA ARG B 553 -40.04 2.14 13.76
C ARG B 553 -39.20 0.92 14.14
N PHE B 554 -38.25 1.09 15.08
CA PHE B 554 -37.34 0.05 15.57
C PHE B 554 -38.07 -1.17 16.16
N GLY B 555 -39.14 -0.91 16.90
CA GLY B 555 -39.98 -1.92 17.52
C GLY B 555 -40.75 -2.75 16.52
N LEU B 556 -41.20 -2.11 15.42
CA LEU B 556 -41.94 -2.77 14.32
C LEU B 556 -41.03 -3.67 13.49
N ILE B 557 -39.74 -3.28 13.33
CA ILE B 557 -38.72 -4.05 12.58
C ILE B 557 -38.39 -5.32 13.39
N MET B 558 -38.19 -5.17 14.72
CA MET B 558 -37.90 -6.27 15.65
C MET B 558 -39.05 -7.28 15.71
N GLU B 559 -40.31 -6.77 15.72
CA GLU B 559 -41.53 -7.58 15.75
C GLU B 559 -41.61 -8.46 14.50
N ALA B 560 -41.29 -7.89 13.33
CA ALA B 560 -41.28 -8.57 12.03
C ALA B 560 -40.21 -9.66 12.00
N TYR B 561 -39.00 -9.38 12.53
CA TYR B 561 -37.88 -10.32 12.61
C TYR B 561 -38.22 -11.54 13.47
N CYS B 562 -38.95 -11.31 14.59
CA CYS B 562 -39.37 -12.35 15.53
C CYS B 562 -40.35 -13.35 14.90
N ARG B 563 -41.15 -12.89 13.91
CA ARG B 563 -42.12 -13.73 13.17
C ARG B 563 -41.38 -14.71 12.26
N GLY B 564 -40.25 -14.26 11.70
CA GLY B 564 -39.39 -15.06 10.84
C GLY B 564 -38.54 -16.04 11.61
N SER B 565 -37.91 -15.57 12.71
CA SER B 565 -37.07 -16.40 13.57
C SER B 565 -37.67 -16.55 14.97
N THR B 566 -38.43 -17.65 15.17
CA THR B 566 -39.11 -17.99 16.42
C THR B 566 -38.12 -18.52 17.47
N HIS B 567 -37.13 -19.34 17.04
CA HIS B 567 -36.12 -19.91 17.95
C HIS B 567 -35.14 -18.85 18.45
N HIS B 568 -34.66 -17.96 17.56
CA HIS B 568 -33.73 -16.88 17.91
C HIS B 568 -34.36 -15.88 18.88
N MET B 569 -35.69 -15.68 18.78
CA MET B 569 -36.51 -14.83 19.64
C MET B 569 -36.41 -15.32 21.09
N LYS B 570 -36.46 -16.66 21.29
CA LYS B 570 -36.34 -17.32 22.59
C LYS B 570 -34.91 -17.23 23.15
N VAL B 571 -33.90 -17.29 22.24
CA VAL B 571 -32.47 -17.19 22.57
C VAL B 571 -32.16 -15.77 23.08
N LEU B 572 -32.70 -14.74 22.38
CA LEU B 572 -32.54 -13.33 22.74
C LEU B 572 -33.29 -12.97 24.03
N MET B 573 -34.36 -13.74 24.36
CA MET B 573 -35.15 -13.55 25.58
C MET B 573 -34.34 -13.90 26.83
N LYS B 574 -33.48 -14.93 26.74
CA LYS B 574 -32.58 -15.36 27.82
C LYS B 574 -31.53 -14.27 28.08
N GLN B 575 -31.09 -13.58 27.01
CA GLN B 575 -30.14 -12.46 27.06
C GLN B 575 -30.81 -11.26 27.75
N GLY B 576 -32.09 -11.04 27.41
CA GLY B 576 -32.91 -9.98 27.97
C GLY B 576 -33.21 -10.17 29.44
N GLU B 577 -33.40 -11.44 29.86
CA GLU B 577 -33.65 -11.83 31.25
C GLU B 577 -32.39 -11.64 32.09
N ALA B 578 -31.22 -11.98 31.52
CA ALA B 578 -29.91 -11.86 32.17
C ALA B 578 -29.54 -10.39 32.41
N LEU B 579 -29.84 -9.51 31.43
CA LEU B 579 -29.58 -8.07 31.52
C LEU B 579 -30.52 -7.38 32.51
N SER B 580 -31.75 -7.89 32.64
CA SER B 580 -32.76 -7.40 33.59
C SER B 580 -32.31 -7.68 35.02
N LYS B 581 -31.70 -8.86 35.24
CA LYS B 581 -31.15 -9.30 36.52
C LYS B 581 -29.88 -8.50 36.84
N LEU B 582 -29.08 -8.16 35.80
CA LEU B 582 -27.86 -7.37 35.93
C LEU B 582 -28.17 -5.94 36.37
N LYS B 583 -29.29 -5.37 35.89
CA LYS B 583 -29.79 -4.04 36.23
C LYS B 583 -30.18 -4.01 37.72
N ALA B 584 -30.90 -5.06 38.18
CA ALA B 584 -31.35 -5.21 39.57
C ALA B 584 -30.16 -5.43 40.51
N LEU B 585 -29.12 -6.15 40.03
CA LEU B 585 -27.89 -6.42 40.79
C LEU B 585 -27.05 -5.13 40.89
N ASN B 586 -27.03 -4.31 39.81
CA ASN B 586 -26.32 -3.03 39.77
C ASN B 586 -27.00 -2.01 40.66
N ASP B 587 -28.35 -1.98 40.67
CA ASP B 587 -29.17 -1.08 41.50
C ASP B 587 -28.91 -1.32 42.99
N PHE B 588 -28.69 -2.59 43.38
CA PHE B 588 -28.37 -2.99 44.75
C PHE B 588 -26.96 -2.52 45.11
N VAL B 589 -25.97 -2.76 44.21
CA VAL B 589 -24.57 -2.38 44.37
C VAL B 589 -24.42 -0.85 44.51
N LYS B 590 -25.15 -0.07 43.67
CA LYS B 590 -25.18 1.39 43.69
C LYS B 590 -25.65 1.97 45.04
N VAL B 591 -26.57 1.25 45.72
CA VAL B 591 -27.12 1.63 47.02
C VAL B 591 -26.21 1.13 48.17
N SER B 592 -25.83 -0.16 48.15
CA SER B 592 -25.00 -0.83 49.15
C SER B 592 -23.60 -0.25 49.34
N SER B 593 -22.98 0.29 48.25
CA SER B 593 -21.65 0.89 48.28
C SER B 593 -21.61 2.20 49.07
N GLN B 594 -22.76 2.90 49.14
CA GLN B 594 -22.92 4.16 49.87
C GLN B 594 -23.12 3.90 51.36
N LYS B 595 -23.87 2.84 51.71
CA LYS B 595 -24.18 2.45 53.09
C LYS B 595 -22.99 1.77 53.78
N THR B 596 -22.30 0.85 53.08
CA THR B 596 -21.15 0.11 53.61
C THR B 596 -19.84 0.47 52.88
N THR B 597 -18.81 -0.40 52.97
CA THR B 597 -17.51 -0.23 52.33
C THR B 597 -17.34 -1.22 51.17
N LYS B 598 -16.30 -1.01 50.33
CA LYS B 598 -15.97 -1.85 49.17
C LYS B 598 -15.82 -3.37 49.44
N PRO B 599 -15.08 -3.86 50.48
CA PRO B 599 -14.98 -5.32 50.68
C PRO B 599 -16.28 -5.97 51.15
N GLN B 600 -17.09 -5.25 51.95
CA GLN B 600 -18.37 -5.74 52.47
C GLN B 600 -19.43 -5.82 51.37
N THR B 601 -19.52 -4.78 50.51
CA THR B 601 -20.46 -4.68 49.38
C THR B 601 -20.24 -5.82 48.38
N LYS B 602 -18.97 -6.23 48.18
CA LYS B 602 -18.55 -7.32 47.29
C LYS B 602 -19.19 -8.65 47.73
N GLU B 603 -19.17 -8.95 49.04
CA GLU B 603 -19.76 -10.16 49.62
C GLU B 603 -21.29 -10.09 49.57
N MET B 604 -21.85 -8.87 49.73
CA MET B 604 -23.29 -8.59 49.66
C MET B 604 -23.82 -8.82 48.23
N MET B 605 -22.96 -8.51 47.23
CA MET B 605 -23.23 -8.70 45.80
C MET B 605 -23.25 -10.21 45.51
N HIS B 606 -22.29 -10.96 46.09
CA HIS B 606 -22.15 -12.42 45.94
C HIS B 606 -23.35 -13.17 46.52
N MET B 607 -23.85 -12.72 47.70
CA MET B 607 -25.00 -13.30 48.40
C MET B 607 -26.27 -13.18 47.55
N CYS B 608 -26.47 -12.01 46.92
CA CYS B 608 -27.61 -11.71 46.04
C CYS B 608 -27.50 -12.52 44.74
N MET B 609 -26.27 -12.73 44.25
CA MET B 609 -25.96 -13.48 43.03
C MET B 609 -26.16 -14.99 43.20
N ARG B 610 -25.91 -15.51 44.41
CA ARG B 610 -26.03 -16.95 44.74
C ARG B 610 -27.49 -17.45 44.77
N GLN B 611 -28.47 -16.53 44.76
CA GLN B 611 -29.91 -16.83 44.77
C GLN B 611 -30.37 -17.59 43.53
N GLU B 612 -31.48 -18.36 43.66
CA GLU B 612 -32.09 -19.20 42.62
C GLU B 612 -32.41 -18.42 41.33
N THR B 613 -33.11 -17.27 41.45
CA THR B 613 -33.50 -16.41 40.33
C THR B 613 -32.31 -15.84 39.56
N TYR B 614 -31.24 -15.45 40.28
CA TYR B 614 -30.03 -14.90 39.69
C TYR B 614 -29.16 -15.98 39.02
N MET B 615 -29.01 -17.14 39.68
CA MET B 615 -28.21 -18.27 39.17
C MET B 615 -28.83 -18.97 37.95
N GLU B 616 -30.15 -18.83 37.74
CA GLU B 616 -30.86 -19.44 36.62
C GLU B 616 -30.90 -18.53 35.38
N ALA B 617 -31.17 -17.22 35.58
CA ALA B 617 -31.26 -16.23 34.50
C ALA B 617 -29.91 -15.81 33.93
N LEU B 618 -28.87 -15.67 34.79
CA LEU B 618 -27.53 -15.26 34.38
C LEU B 618 -26.65 -16.40 33.84
N SER B 619 -27.15 -17.64 33.84
CA SER B 619 -26.41 -18.81 33.35
C SER B 619 -27.05 -19.46 32.12
N HIS B 620 -26.22 -20.15 31.31
CA HIS B 620 -26.56 -20.88 30.09
C HIS B 620 -27.22 -20.01 29.00
N LEU B 621 -26.42 -19.10 28.42
CA LEU B 621 -26.87 -18.17 27.38
C LEU B 621 -25.76 -17.75 26.42
N GLN B 622 -26.15 -17.26 25.22
CA GLN B 622 -25.23 -16.73 24.20
C GLN B 622 -24.86 -15.30 24.64
N SER B 623 -23.60 -14.91 24.41
CA SER B 623 -23.14 -13.57 24.77
C SER B 623 -23.69 -12.51 23.80
N PRO B 624 -24.27 -11.39 24.30
CA PRO B 624 -24.79 -10.35 23.39
C PRO B 624 -23.70 -9.63 22.60
N LEU B 625 -22.45 -9.65 23.13
CA LEU B 625 -21.27 -9.03 22.51
C LEU B 625 -20.71 -9.89 21.38
N ASP B 626 -20.90 -11.23 21.46
CA ASP B 626 -20.46 -12.21 20.47
C ASP B 626 -21.33 -13.48 20.57
N PRO B 627 -22.22 -13.76 19.58
CA PRO B 627 -23.10 -14.95 19.68
C PRO B 627 -22.37 -16.30 19.65
N SER B 628 -21.11 -16.33 19.16
CA SER B 628 -20.27 -17.52 19.11
C SER B 628 -19.83 -17.97 20.52
N THR B 629 -19.67 -17.01 21.44
CA THR B 629 -19.26 -17.24 22.83
C THR B 629 -20.48 -17.63 23.67
N LEU B 630 -20.39 -18.75 24.41
CA LEU B 630 -21.45 -19.24 25.28
C LEU B 630 -21.14 -18.99 26.75
N LEU B 631 -21.99 -18.22 27.42
CA LEU B 631 -21.84 -17.91 28.81
C LEU B 631 -22.60 -18.94 29.57
N GLU B 632 -21.89 -19.72 30.36
CA GLU B 632 -22.54 -20.79 31.08
C GLU B 632 -22.59 -20.64 32.57
N GLU B 633 -21.54 -21.06 33.23
CA GLU B 633 -21.49 -21.04 34.68
C GLU B 633 -20.92 -19.74 35.10
N VAL B 634 -21.45 -19.17 36.15
CA VAL B 634 -20.96 -17.89 36.58
C VAL B 634 -20.13 -17.97 37.83
N CYS B 635 -18.93 -17.44 37.73
CA CYS B 635 -17.98 -17.48 38.80
C CYS B 635 -18.18 -16.38 39.75
N VAL B 636 -19.10 -16.63 40.62
CA VAL B 636 -19.56 -15.69 41.66
C VAL B 636 -18.40 -15.10 42.47
N GLU B 637 -17.45 -15.95 42.92
CA GLU B 637 -16.27 -15.52 43.71
C GLU B 637 -15.33 -14.59 42.95
N GLN B 638 -15.27 -14.71 41.61
CA GLN B 638 -14.44 -13.86 40.74
C GLN B 638 -15.19 -12.60 40.27
N CYS B 639 -16.50 -12.54 40.41
CA CYS B 639 -17.27 -11.36 39.98
C CYS B 639 -17.08 -10.18 40.92
N THR B 640 -17.06 -8.96 40.40
CA THR B 640 -16.87 -7.79 41.24
C THR B 640 -17.39 -6.49 40.63
N PHE B 641 -17.19 -5.37 41.32
CA PHE B 641 -17.65 -4.06 40.87
C PHE B 641 -16.61 -2.98 41.08
N MET B 642 -16.74 -1.87 40.37
CA MET B 642 -15.80 -0.74 40.41
C MET B 642 -16.43 0.44 41.16
N ASP B 643 -15.67 1.00 42.07
CA ASP B 643 -16.15 2.10 42.83
C ASP B 643 -15.69 3.34 42.16
N SER B 644 -16.63 3.96 41.48
CA SER B 644 -16.45 5.16 40.73
C SER B 644 -17.87 5.56 40.63
N LYS B 645 -18.19 6.67 39.99
CA LYS B 645 -19.56 7.13 40.00
C LYS B 645 -20.60 6.10 39.54
N MET B 646 -20.35 5.36 38.48
CA MET B 646 -21.39 4.46 38.02
C MET B 646 -21.45 3.02 38.48
N LYS B 647 -20.46 2.57 39.24
CA LYS B 647 -20.48 1.21 39.76
C LYS B 647 -20.70 0.05 38.80
N PRO B 648 -19.87 -0.08 37.78
CA PRO B 648 -19.97 -1.13 36.80
C PRO B 648 -19.64 -2.49 37.36
N LEU B 649 -20.23 -3.51 36.77
CA LEU B 649 -20.11 -4.87 37.23
C LEU B 649 -19.19 -5.72 36.44
N TRP B 650 -18.31 -6.42 37.13
CA TRP B 650 -17.34 -7.34 36.53
C TRP B 650 -17.95 -8.73 36.66
N ILE B 651 -18.36 -9.35 35.55
CA ILE B 651 -19.00 -10.67 35.57
C ILE B 651 -18.14 -11.72 34.85
N MET B 652 -17.65 -12.71 35.61
CA MET B 652 -16.81 -13.80 35.09
C MET B 652 -17.60 -15.08 34.81
N TYR B 653 -17.18 -15.82 33.77
CA TYR B 653 -17.80 -17.07 33.34
C TYR B 653 -16.78 -18.18 33.12
N SER B 654 -17.25 -19.45 33.11
CA SER B 654 -16.43 -20.65 32.90
C SER B 654 -17.26 -21.78 32.30
N SER B 655 -16.67 -22.53 31.36
CA SER B 655 -17.31 -23.67 30.70
C SER B 655 -16.42 -24.89 30.77
N GLU B 656 -16.97 -26.01 31.30
CA GLU B 656 -16.27 -27.29 31.45
C GLU B 656 -15.94 -27.94 30.10
N GLU B 657 -16.87 -27.82 29.13
CA GLU B 657 -16.73 -28.36 27.77
C GLU B 657 -15.67 -27.58 26.98
N ALA B 658 -15.68 -26.24 27.07
CA ALA B 658 -14.75 -25.35 26.37
C ALA B 658 -13.37 -25.25 27.03
N GLY B 659 -13.34 -25.39 28.36
CA GLY B 659 -12.11 -25.31 29.14
C GLY B 659 -11.67 -23.89 29.38
N SER B 660 -10.46 -23.54 28.92
CA SER B 660 -9.90 -22.20 29.05
C SER B 660 -10.55 -21.20 28.08
N ALA B 661 -11.12 -21.71 26.97
CA ALA B 661 -11.84 -20.90 25.97
C ALA B 661 -13.17 -20.40 26.54
N GLY B 662 -13.75 -21.16 27.47
CA GLY B 662 -14.98 -20.82 28.16
C GLY B 662 -14.82 -19.77 29.24
N ASN B 663 -13.55 -19.54 29.67
CA ASN B 663 -13.21 -18.53 30.67
C ASN B 663 -13.30 -17.16 30.00
N VAL B 664 -14.47 -16.52 30.13
CA VAL B 664 -14.77 -15.21 29.55
C VAL B 664 -15.38 -14.25 30.59
N GLY B 665 -15.15 -12.96 30.39
CA GLY B 665 -15.65 -11.92 31.27
C GLY B 665 -16.46 -10.85 30.56
N ILE B 666 -17.46 -10.29 31.26
CA ILE B 666 -18.34 -9.24 30.73
C ILE B 666 -18.50 -8.09 31.73
N ILE B 667 -18.23 -6.84 31.29
CA ILE B 667 -18.39 -5.63 32.09
C ILE B 667 -19.78 -5.07 31.81
N PHE B 668 -20.62 -4.98 32.85
CA PHE B 668 -21.97 -4.43 32.74
C PHE B 668 -21.96 -2.99 33.27
N LYS B 669 -22.25 -2.03 32.38
CA LYS B 669 -22.26 -0.60 32.73
C LYS B 669 -23.66 -0.02 32.65
N ASN B 670 -24.03 0.80 33.65
CA ASN B 670 -25.33 1.47 33.74
C ASN B 670 -25.18 2.89 34.29
N GLY B 671 -25.68 3.85 33.51
CA GLY B 671 -25.63 5.27 33.86
C GLY B 671 -24.99 6.15 32.79
N ASP B 672 -23.95 5.62 32.12
CA ASP B 672 -23.22 6.33 31.06
C ASP B 672 -23.50 5.73 29.68
N ASP B 673 -23.60 6.59 28.65
CA ASP B 673 -23.85 6.20 27.26
C ASP B 673 -22.61 5.54 26.66
N LEU B 674 -22.81 4.41 25.96
CA LEU B 674 -21.71 3.65 25.34
C LEU B 674 -21.77 3.58 23.80
N ARG B 675 -22.61 4.43 23.17
CA ARG B 675 -22.76 4.52 21.71
C ARG B 675 -21.49 5.08 21.07
N GLN B 676 -20.87 6.08 21.73
CA GLN B 676 -19.63 6.73 21.28
C GLN B 676 -18.44 5.79 21.49
N ASP B 677 -18.48 4.97 22.57
CA ASP B 677 -17.45 3.99 22.91
C ASP B 677 -17.40 2.86 21.89
N MET B 678 -18.59 2.35 21.47
CA MET B 678 -18.75 1.28 20.48
C MET B 678 -18.24 1.73 19.10
N LEU B 679 -18.68 2.92 18.63
CA LEU B 679 -18.30 3.50 17.34
C LEU B 679 -16.79 3.66 17.20
N THR B 680 -16.12 4.17 18.26
CA THR B 680 -14.66 4.35 18.31
C THR B 680 -13.96 2.99 18.21
N LEU B 681 -14.47 1.98 18.95
CA LEU B 681 -13.94 0.61 18.95
C LEU B 681 -14.19 -0.09 17.62
N GLN B 682 -15.29 0.25 16.92
CA GLN B 682 -15.65 -0.29 15.61
C GLN B 682 -14.74 0.28 14.53
N MET B 683 -14.33 1.57 14.68
CA MET B 683 -13.43 2.25 13.75
C MET B 683 -12.01 1.71 13.88
N ILE B 684 -11.58 1.37 15.12
CA ILE B 684 -10.28 0.76 15.43
C ILE B 684 -10.27 -0.66 14.83
N GLN B 685 -11.43 -1.37 14.92
CA GLN B 685 -11.65 -2.70 14.35
C GLN B 685 -11.53 -2.60 12.82
N LEU B 686 -12.12 -1.55 12.22
CA LEU B 686 -12.08 -1.26 10.79
C LEU B 686 -10.65 -0.97 10.33
N MET B 687 -9.89 -0.18 11.14
CA MET B 687 -8.49 0.17 10.89
C MET B 687 -7.63 -1.10 10.80
N ASP B 688 -7.83 -2.03 11.77
CA ASP B 688 -7.14 -3.32 11.86
C ASP B 688 -7.45 -4.21 10.65
N VAL B 689 -8.71 -4.18 10.15
CA VAL B 689 -9.18 -4.94 8.99
C VAL B 689 -8.50 -4.41 7.71
N LEU B 690 -8.46 -3.07 7.55
CA LEU B 690 -7.85 -2.39 6.40
C LEU B 690 -6.32 -2.59 6.35
N TRP B 691 -5.68 -2.71 7.54
CA TRP B 691 -4.25 -2.96 7.66
C TRP B 691 -3.92 -4.42 7.34
N LYS B 692 -4.79 -5.37 7.78
CA LYS B 692 -4.65 -6.82 7.54
C LYS B 692 -4.84 -7.16 6.06
N GLN B 693 -5.62 -6.34 5.33
CA GLN B 693 -5.89 -6.48 3.90
C GLN B 693 -4.62 -6.26 3.07
N GLU B 694 -3.72 -5.39 3.56
CA GLU B 694 -2.44 -5.08 2.90
C GLU B 694 -1.25 -5.86 3.52
N GLY B 695 -1.56 -6.92 4.25
CA GLY B 695 -0.58 -7.81 4.88
C GLY B 695 0.21 -7.21 6.04
N LEU B 696 -0.40 -6.25 6.78
CA LEU B 696 0.24 -5.61 7.92
C LEU B 696 -0.58 -5.81 9.20
N ASP B 697 -0.15 -6.75 10.05
CA ASP B 697 -0.83 -7.04 11.32
C ASP B 697 -0.16 -6.25 12.45
N LEU B 698 -0.81 -5.16 12.89
CA LEU B 698 -0.33 -4.30 13.96
C LEU B 698 -0.85 -4.73 15.35
N ARG B 699 -1.20 -6.03 15.49
CA ARG B 699 -1.69 -6.71 16.70
C ARG B 699 -2.64 -5.89 17.58
N MET B 700 -3.73 -5.39 16.96
CA MET B 700 -4.75 -4.58 17.64
C MET B 700 -5.66 -5.45 18.52
N THR B 701 -6.27 -4.86 19.56
CA THR B 701 -7.17 -5.56 20.47
C THR B 701 -8.60 -4.96 20.32
N PRO B 702 -9.40 -5.43 19.34
CA PRO B 702 -10.74 -4.85 19.16
C PRO B 702 -11.81 -5.60 19.96
N TYR B 703 -11.87 -5.33 21.27
CA TYR B 703 -12.83 -5.95 22.18
C TYR B 703 -14.25 -5.43 21.94
N GLY B 704 -15.23 -6.30 22.17
CA GLY B 704 -16.64 -6.00 21.99
C GLY B 704 -17.22 -5.01 22.96
N CYS B 705 -17.96 -4.03 22.44
CA CYS B 705 -18.68 -3.00 23.20
C CYS B 705 -20.06 -2.85 22.56
N LEU B 706 -21.13 -3.05 23.34
CA LEU B 706 -22.49 -3.00 22.81
C LEU B 706 -23.52 -2.43 23.81
N PRO B 707 -24.17 -1.28 23.47
CA PRO B 707 -25.24 -0.77 24.35
C PRO B 707 -26.47 -1.66 24.23
N THR B 708 -27.19 -1.88 25.34
CA THR B 708 -28.35 -2.76 25.37
C THR B 708 -29.70 -2.07 25.60
N GLY B 709 -29.68 -0.90 26.23
CA GLY B 709 -30.89 -0.12 26.51
C GLY B 709 -30.63 1.32 26.90
N ASP B 710 -31.49 1.86 27.79
CA ASP B 710 -31.41 3.24 28.28
C ASP B 710 -30.20 3.38 29.20
N ARG B 711 -29.09 3.97 28.66
CA ARG B 711 -27.80 4.18 29.34
C ARG B 711 -27.20 2.87 29.90
N THR B 712 -27.60 1.74 29.30
CA THR B 712 -27.19 0.37 29.66
C THR B 712 -26.37 -0.22 28.51
N GLY B 713 -25.29 -0.93 28.85
CA GLY B 713 -24.41 -1.55 27.88
C GLY B 713 -23.50 -2.64 28.41
N LEU B 714 -22.73 -3.27 27.50
CA LEU B 714 -21.80 -4.34 27.82
C LEU B 714 -20.42 -4.11 27.20
N ILE B 715 -19.36 -4.53 27.92
CA ILE B 715 -17.96 -4.42 27.49
C ILE B 715 -17.28 -5.79 27.69
N GLU B 716 -16.66 -6.32 26.63
CA GLU B 716 -15.97 -7.61 26.66
C GLU B 716 -14.64 -7.46 27.41
N VAL B 717 -14.38 -8.37 28.37
CA VAL B 717 -13.16 -8.37 29.18
C VAL B 717 -12.02 -9.03 28.42
N VAL B 718 -10.89 -8.30 28.29
CA VAL B 718 -9.68 -8.81 27.67
C VAL B 718 -8.90 -9.43 28.84
N LEU B 719 -9.05 -10.76 29.02
CA LEU B 719 -8.39 -11.48 30.12
C LEU B 719 -6.88 -11.55 29.96
N HIS B 720 -6.16 -11.62 31.09
CA HIS B 720 -4.70 -11.66 31.21
C HIS B 720 -4.09 -10.34 30.71
N SER B 721 -4.57 -9.21 31.28
CA SER B 721 -4.14 -7.86 30.96
C SER B 721 -4.36 -6.90 32.14
N ASP B 722 -3.48 -5.89 32.28
CA ASP B 722 -3.56 -4.90 33.35
C ASP B 722 -3.20 -3.49 32.86
N THR B 723 -3.66 -2.46 33.59
CA THR B 723 -3.40 -1.05 33.29
C THR B 723 -1.94 -0.68 33.57
N ILE B 724 -1.45 0.43 32.96
CA ILE B 724 -0.08 0.94 33.16
C ILE B 724 0.13 1.35 34.63
N ALA B 725 -0.90 1.99 35.24
CA ALA B 725 -0.91 2.46 36.63
C ALA B 725 -0.76 1.31 37.65
N ASN B 726 -1.46 0.18 37.41
CA ASN B 726 -1.41 -1.01 38.28
C ASN B 726 -0.04 -1.68 38.26
N ILE B 727 0.64 -1.67 37.09
CA ILE B 727 1.96 -2.25 36.88
C ILE B 727 3.06 -1.35 37.48
N GLN B 728 2.90 -0.01 37.34
CA GLN B 728 3.84 0.99 37.87
C GLN B 728 3.90 0.99 39.40
N LEU B 729 2.76 0.70 40.07
CA LEU B 729 2.67 0.63 41.54
C LEU B 729 3.36 -0.62 42.08
N THR B 737 11.37 -7.01 41.55
CA THR B 737 10.82 -5.66 41.58
C THR B 737 11.64 -4.67 40.76
N ALA B 738 11.01 -3.56 40.34
CA ALA B 738 11.64 -2.52 39.52
C ALA B 738 12.17 -1.34 40.35
N ALA B 739 13.31 -0.78 39.93
CA ALA B 739 13.98 0.36 40.58
C ALA B 739 13.46 1.70 40.07
N PHE B 740 13.12 1.77 38.77
CA PHE B 740 12.61 2.99 38.12
C PHE B 740 11.29 2.73 37.37
N ASN B 741 10.57 3.81 36.99
CA ASN B 741 9.31 3.77 36.25
C ASN B 741 9.46 3.14 34.86
N LYS B 742 10.62 3.39 34.21
CA LYS B 742 10.97 2.84 32.89
C LYS B 742 11.17 1.32 32.92
N ASP B 743 11.58 0.79 34.09
CA ASP B 743 11.82 -0.64 34.33
C ASP B 743 10.54 -1.40 34.66
N ALA B 744 9.53 -0.72 35.26
CA ALA B 744 8.25 -1.28 35.69
C ALA B 744 7.51 -2.07 34.60
N LEU B 745 7.43 -1.51 33.38
CA LEU B 745 6.77 -2.14 32.23
C LEU B 745 7.60 -3.30 31.67
N LEU B 746 8.93 -3.11 31.59
CA LEU B 746 9.89 -4.10 31.07
C LEU B 746 10.00 -5.34 31.96
N ASN B 747 10.03 -5.15 33.31
CA ASN B 747 10.13 -6.23 34.30
C ASN B 747 8.85 -7.08 34.34
N TRP B 748 7.69 -6.45 34.06
CA TRP B 748 6.39 -7.12 34.02
C TRP B 748 6.33 -8.04 32.79
N LEU B 749 6.94 -7.61 31.67
CA LEU B 749 7.03 -8.38 30.43
C LEU B 749 8.02 -9.53 30.58
N LYS B 750 9.08 -9.34 31.40
CA LYS B 750 10.10 -10.35 31.69
C LYS B 750 9.54 -11.47 32.56
N SER B 751 8.53 -11.15 33.39
CA SER B 751 7.86 -12.08 34.29
C SER B 751 6.83 -12.94 33.55
N LYS B 752 6.04 -12.32 32.64
CA LYS B 752 5.00 -13.00 31.86
C LYS B 752 5.56 -13.72 30.63
N ASN B 753 6.67 -13.22 30.06
CA ASN B 753 7.34 -13.80 28.90
C ASN B 753 8.83 -14.05 29.23
N PRO B 754 9.18 -15.20 29.87
CA PRO B 754 10.58 -15.44 30.23
C PRO B 754 11.44 -16.06 29.12
N GLY B 755 12.74 -15.79 29.19
CA GLY B 755 13.73 -16.30 28.24
C GLY B 755 13.65 -15.65 26.88
N GLU B 756 13.46 -16.46 25.83
CA GLU B 756 13.36 -16.00 24.45
C GLU B 756 11.95 -15.54 24.06
N ALA B 757 10.96 -15.77 24.95
CA ALA B 757 9.55 -15.37 24.76
C ALA B 757 9.39 -13.84 24.84
N LEU B 758 10.34 -13.15 25.51
CA LEU B 758 10.39 -11.70 25.69
C LEU B 758 10.59 -10.99 24.35
N ASP B 759 11.39 -11.60 23.43
CA ASP B 759 11.68 -11.08 22.09
C ASP B 759 10.41 -10.88 21.26
N ARG B 760 9.42 -11.78 21.43
CA ARG B 760 8.12 -11.71 20.74
C ARG B 760 7.27 -10.60 21.37
N ALA B 761 7.28 -10.49 22.72
CA ALA B 761 6.54 -9.49 23.50
C ALA B 761 6.89 -8.04 23.14
N ILE B 762 8.18 -7.78 22.82
CA ILE B 762 8.67 -6.45 22.40
C ILE B 762 8.10 -6.13 21.01
N GLU B 763 8.12 -7.12 20.09
CA GLU B 763 7.58 -7.01 18.73
C GLU B 763 6.05 -6.79 18.78
N GLU B 764 5.36 -7.51 19.69
CA GLU B 764 3.91 -7.40 19.90
C GLU B 764 3.54 -6.01 20.43
N PHE B 765 4.42 -5.44 21.30
CA PHE B 765 4.26 -4.11 21.88
C PHE B 765 4.47 -3.03 20.83
N THR B 766 5.57 -3.12 20.05
CA THR B 766 5.96 -2.18 18.99
C THR B 766 4.87 -2.04 17.93
N LEU B 767 4.29 -3.18 17.48
CA LEU B 767 3.22 -3.22 16.47
C LEU B 767 1.93 -2.60 17.01
N SER B 768 1.54 -2.95 18.25
CA SER B 768 0.34 -2.45 18.91
C SER B 768 0.42 -0.96 19.26
N CYS B 769 1.61 -0.49 19.70
CA CYS B 769 1.86 0.92 20.03
C CYS B 769 1.76 1.79 18.78
N ALA B 770 2.36 1.33 17.66
CA ALA B 770 2.34 2.01 16.37
C ALA B 770 0.93 2.07 15.77
N GLY B 771 0.16 1.00 15.96
CA GLY B 771 -1.23 0.89 15.49
C GLY B 771 -2.16 1.83 16.23
N TYR B 772 -2.07 1.85 17.57
CA TYR B 772 -2.88 2.71 18.41
C TYR B 772 -2.46 4.19 18.38
N CYS B 773 -1.18 4.49 18.04
CA CYS B 773 -0.65 5.85 17.91
C CYS B 773 -1.35 6.59 16.77
N VAL B 774 -1.53 5.90 15.63
CA VAL B 774 -2.21 6.43 14.44
C VAL B 774 -3.71 6.51 14.72
N ALA B 775 -4.27 5.46 15.38
CA ALA B 775 -5.68 5.34 15.75
C ALA B 775 -6.14 6.47 16.67
N THR B 776 -5.34 6.82 17.70
CA THR B 776 -5.65 7.90 18.65
C THR B 776 -5.46 9.29 18.03
N TYR B 777 -4.66 9.39 16.95
CA TYR B 777 -4.38 10.64 16.24
C TYR B 777 -5.48 10.94 15.20
N VAL B 778 -5.85 9.93 14.38
CA VAL B 778 -6.86 10.02 13.32
C VAL B 778 -8.25 10.26 13.93
N LEU B 779 -8.64 9.46 14.93
CA LEU B 779 -9.93 9.58 15.62
C LEU B 779 -9.95 10.73 16.63
N GLY B 780 -8.77 11.20 17.04
CA GLY B 780 -8.60 12.29 17.99
C GLY B 780 -9.04 11.99 19.40
N ILE B 781 -8.55 10.86 19.94
CA ILE B 781 -8.89 10.40 21.29
C ILE B 781 -8.04 11.13 22.35
N GLY B 782 -8.69 12.03 23.09
CA GLY B 782 -8.08 12.79 24.16
C GLY B 782 -8.26 12.11 25.50
N ASP B 783 -7.90 12.80 26.61
CA ASP B 783 -7.99 12.31 27.99
C ASP B 783 -7.28 10.94 28.14
N ARG B 784 -5.97 10.91 27.83
CA ARG B 784 -5.17 9.69 27.88
C ARG B 784 -4.15 9.69 29.01
N HIS B 785 -4.34 8.76 29.96
CA HIS B 785 -3.47 8.58 31.14
C HIS B 785 -3.18 7.08 31.36
N SER B 786 -2.31 6.76 32.35
CA SER B 786 -1.90 5.39 32.70
C SER B 786 -3.05 4.44 33.08
N ASP B 787 -4.17 4.99 33.58
CA ASP B 787 -5.36 4.21 33.98
C ASP B 787 -6.22 3.74 32.81
N ASN B 788 -6.30 4.53 31.71
CA ASN B 788 -7.09 4.17 30.53
C ASN B 788 -6.28 3.48 29.40
N ILE B 789 -5.02 3.11 29.68
CA ILE B 789 -4.14 2.41 28.75
C ILE B 789 -3.81 1.05 29.38
N MET B 790 -4.08 -0.05 28.64
CA MET B 790 -3.86 -1.41 29.10
C MET B 790 -2.87 -2.19 28.25
N ILE B 791 -2.22 -3.22 28.87
CA ILE B 791 -1.23 -4.08 28.21
C ILE B 791 -1.50 -5.56 28.52
N ARG B 792 -1.61 -6.38 27.47
CA ARG B 792 -1.83 -7.82 27.56
C ARG B 792 -0.57 -8.55 28.04
N GLU B 793 -0.72 -9.78 28.57
CA GLU B 793 0.38 -10.62 29.04
C GLU B 793 1.32 -11.05 27.90
N SER B 794 0.79 -11.05 26.65
CA SER B 794 1.54 -11.38 25.44
C SER B 794 2.39 -10.21 24.96
N GLY B 795 2.09 -9.00 25.45
CA GLY B 795 2.82 -7.79 25.12
C GLY B 795 2.02 -6.70 24.41
N GLN B 796 0.83 -7.06 23.87
CA GLN B 796 -0.05 -6.16 23.13
C GLN B 796 -0.61 -5.00 23.97
N LEU B 797 -0.39 -3.77 23.48
CA LEU B 797 -0.82 -2.50 24.09
C LEU B 797 -2.15 -2.06 23.47
N PHE B 798 -3.12 -1.63 24.31
CA PHE B 798 -4.44 -1.19 23.88
C PHE B 798 -5.09 -0.15 24.79
N HIS B 799 -5.87 0.77 24.20
CA HIS B 799 -6.58 1.84 24.89
C HIS B 799 -7.99 1.44 25.29
N ILE B 800 -8.47 1.97 26.41
CA ILE B 800 -9.81 1.70 26.85
C ILE B 800 -10.49 2.96 27.26
N ASP B 801 -11.77 2.84 27.51
CA ASP B 801 -12.62 3.94 27.94
C ASP B 801 -12.69 5.18 27.09
N PHE B 802 -13.27 5.06 25.92
CA PHE B 802 -13.38 6.15 25.00
C PHE B 802 -14.60 7.06 25.22
N GLY B 803 -14.39 8.11 26.00
CA GLY B 803 -15.39 9.10 26.40
C GLY B 803 -15.42 10.35 25.54
N HIS B 804 -14.24 10.83 25.12
CA HIS B 804 -14.10 12.04 24.29
C HIS B 804 -13.25 11.76 23.05
N PHE B 805 -13.76 12.14 21.86
CA PHE B 805 -13.08 11.95 20.59
C PHE B 805 -13.20 13.16 19.65
N LEU B 806 -12.35 13.21 18.58
CA LEU B 806 -12.26 14.28 17.58
C LEU B 806 -11.85 15.64 18.19
N GLY B 807 -10.74 15.63 18.91
CA GLY B 807 -10.19 16.80 19.57
C GLY B 807 -10.40 16.78 21.08
N PRO B 821 -2.53 16.00 18.32
CA PRO B 821 -1.32 15.20 18.55
C PRO B 821 -1.60 13.85 19.22
N PHE B 822 -0.60 12.95 19.18
CA PHE B 822 -0.68 11.61 19.78
C PHE B 822 0.44 11.38 20.79
N ILE B 823 0.09 10.82 21.97
CA ILE B 823 1.02 10.55 23.07
C ILE B 823 2.10 9.52 22.72
N LEU B 824 3.37 9.93 22.89
CA LEU B 824 4.56 9.11 22.63
C LEU B 824 5.52 9.24 23.83
N THR B 825 5.01 8.97 25.06
CA THR B 825 5.78 9.04 26.31
C THR B 825 6.92 8.03 26.32
N TYR B 826 8.08 8.44 26.87
CA TYR B 826 9.31 7.64 26.94
C TYR B 826 9.17 6.27 27.64
N ASP B 827 8.11 6.08 28.44
CA ASP B 827 7.81 4.82 29.15
C ASP B 827 7.56 3.68 28.14
N PHE B 828 6.88 3.99 27.01
CA PHE B 828 6.58 3.04 25.94
C PHE B 828 7.77 2.94 24.98
N VAL B 829 8.46 4.07 24.70
CA VAL B 829 9.62 4.19 23.81
C VAL B 829 10.81 3.34 24.35
N HIS B 830 10.95 3.26 25.69
CA HIS B 830 11.98 2.47 26.39
C HIS B 830 11.82 0.98 26.09
N VAL B 831 10.56 0.50 25.99
CA VAL B 831 10.22 -0.89 25.69
C VAL B 831 10.55 -1.21 24.23
N ILE B 832 10.19 -0.28 23.29
CA ILE B 832 10.43 -0.38 21.85
C ILE B 832 11.95 -0.47 21.57
N GLN B 833 12.76 0.33 22.30
CA GLN B 833 14.22 0.38 22.19
C GLN B 833 14.92 -0.76 22.96
N GLN B 834 14.16 -1.81 23.37
CA GLN B 834 14.61 -3.01 24.10
C GLN B 834 15.22 -2.76 25.50
N GLY B 835 15.08 -1.55 26.01
CA GLY B 835 15.62 -1.15 27.31
C GLY B 835 16.84 -0.26 27.21
N LYS B 836 17.35 -0.06 25.98
CA LYS B 836 18.51 0.77 25.69
C LYS B 836 18.11 2.24 25.63
N THR B 837 19.01 3.15 26.09
CA THR B 837 18.80 4.59 26.09
C THR B 837 18.80 5.13 24.64
N ASN B 838 19.70 4.61 23.80
CA ASN B 838 19.83 4.98 22.39
C ASN B 838 19.87 3.75 21.48
N ASN B 839 18.77 3.50 20.76
CA ASN B 839 18.61 2.39 19.83
C ASN B 839 17.86 2.90 18.59
N SER B 840 18.63 3.37 17.59
CA SER B 840 18.11 3.94 16.35
C SER B 840 17.46 2.91 15.43
N GLU B 841 18.11 1.73 15.26
CA GLU B 841 17.64 0.64 14.40
C GLU B 841 16.27 0.08 14.81
N LYS B 842 15.96 0.08 16.11
CA LYS B 842 14.68 -0.39 16.64
C LYS B 842 13.61 0.70 16.63
N PHE B 843 14.02 1.98 16.75
CA PHE B 843 13.12 3.13 16.74
C PHE B 843 12.70 3.54 15.32
N GLU B 844 13.66 3.56 14.36
CA GLU B 844 13.37 3.91 12.96
C GLU B 844 12.46 2.88 12.29
N ARG B 845 12.45 1.65 12.83
CA ARG B 845 11.60 0.54 12.42
C ARG B 845 10.15 0.90 12.83
N PHE B 846 9.96 1.35 14.09
CA PHE B 846 8.69 1.78 14.68
C PHE B 846 8.15 3.03 13.96
N ARG B 847 9.05 3.94 13.53
CA ARG B 847 8.73 5.17 12.79
C ARG B 847 8.13 4.81 11.41
N GLY B 848 8.64 3.74 10.80
CA GLY B 848 8.18 3.22 9.51
C GLY B 848 6.81 2.60 9.60
N TYR B 849 6.51 1.90 10.72
CA TYR B 849 5.22 1.26 10.99
C TYR B 849 4.11 2.31 11.15
N CYS B 850 4.42 3.45 11.78
CA CYS B 850 3.50 4.57 12.00
C CYS B 850 3.18 5.26 10.67
N GLU B 851 4.21 5.45 9.82
CA GLU B 851 4.10 6.08 8.51
C GLU B 851 3.29 5.24 7.51
N ARG B 852 3.50 3.90 7.51
CA ARG B 852 2.78 2.99 6.62
C ARG B 852 1.30 2.89 7.01
N ALA B 853 1.00 2.80 8.33
CA ALA B 853 -0.35 2.72 8.87
C ALA B 853 -1.17 3.98 8.53
N TYR B 854 -0.51 5.14 8.54
CA TYR B 854 -1.10 6.44 8.22
C TYR B 854 -1.46 6.54 6.72
N THR B 855 -0.57 6.04 5.84
CA THR B 855 -0.77 6.06 4.38
C THR B 855 -1.87 5.10 3.91
N ILE B 856 -2.00 3.92 4.57
CA ILE B 856 -3.02 2.91 4.27
C ILE B 856 -4.42 3.49 4.56
N LEU B 857 -4.57 4.22 5.68
CA LEU B 857 -5.82 4.86 6.09
C LEU B 857 -6.18 6.04 5.19
N ARG B 858 -5.17 6.70 4.57
CA ARG B 858 -5.35 7.83 3.65
C ARG B 858 -5.96 7.34 2.34
N ARG B 859 -5.57 6.12 1.89
CA ARG B 859 -6.07 5.45 0.68
C ARG B 859 -7.54 5.09 0.84
N HIS B 860 -7.93 4.70 2.07
CA HIS B 860 -9.31 4.37 2.45
C HIS B 860 -9.94 5.56 3.22
N GLY B 861 -9.45 6.77 2.94
CA GLY B 861 -9.87 8.02 3.55
C GLY B 861 -11.34 8.35 3.35
N LEU B 862 -11.88 8.06 2.16
CA LEU B 862 -13.29 8.30 1.81
C LEU B 862 -14.23 7.40 2.60
N LEU B 863 -13.81 6.14 2.88
CA LEU B 863 -14.58 5.16 3.66
C LEU B 863 -14.89 5.69 5.06
N PHE B 864 -13.90 6.34 5.71
CA PHE B 864 -14.06 6.95 7.03
C PHE B 864 -14.95 8.19 6.94
N LEU B 865 -14.90 8.92 5.82
CA LEU B 865 -15.72 10.12 5.58
C LEU B 865 -17.19 9.78 5.34
N HIS B 866 -17.47 8.70 4.58
CA HIS B 866 -18.84 8.26 4.28
C HIS B 866 -19.54 7.68 5.50
N LEU B 867 -18.84 6.82 6.28
CA LEU B 867 -19.38 6.17 7.47
C LEU B 867 -19.68 7.14 8.62
N PHE B 868 -18.80 8.14 8.83
CA PHE B 868 -18.97 9.15 9.88
C PHE B 868 -20.11 10.13 9.56
N ALA B 869 -20.38 10.36 8.26
CA ALA B 869 -21.46 11.23 7.78
C ALA B 869 -22.82 10.58 8.02
N LEU B 870 -22.88 9.23 7.96
CA LEU B 870 -24.09 8.44 8.19
C LEU B 870 -24.40 8.33 9.69
N MET B 871 -23.36 8.46 10.55
CA MET B 871 -23.48 8.39 12.01
C MET B 871 -24.02 9.68 12.65
N ARG B 872 -24.25 10.73 11.85
CA ARG B 872 -24.79 12.02 12.28
C ARG B 872 -26.26 11.90 12.71
N ALA B 873 -26.97 10.89 12.17
CA ALA B 873 -28.38 10.58 12.45
C ALA B 873 -28.61 10.11 13.89
N ALA B 874 -27.60 9.45 14.50
CA ALA B 874 -27.63 8.91 15.87
C ALA B 874 -27.88 9.98 16.94
N GLY B 875 -27.37 11.19 16.71
CA GLY B 875 -27.51 12.31 17.63
C GLY B 875 -26.44 12.31 18.71
N LEU B 876 -25.18 12.07 18.30
CA LEU B 876 -24.02 12.03 19.19
C LEU B 876 -23.64 13.45 19.64
N PRO B 877 -23.24 13.64 20.93
CA PRO B 877 -22.88 15.00 21.39
C PRO B 877 -21.58 15.54 20.80
N GLU B 878 -20.64 14.63 20.45
CA GLU B 878 -19.35 14.99 19.86
C GLU B 878 -19.28 14.74 18.34
N LEU B 879 -20.39 14.35 17.75
CA LEU B 879 -20.43 14.12 16.33
C LEU B 879 -21.69 14.63 15.70
N SER B 880 -21.88 15.93 15.69
CA SER B 880 -23.09 16.52 15.14
C SER B 880 -22.89 17.54 14.03
N CYS B 881 -22.01 18.48 14.28
CA CYS B 881 -21.74 19.55 13.34
C CYS B 881 -20.78 19.21 12.25
N SER B 882 -20.74 20.07 11.25
CA SER B 882 -19.77 19.90 10.16
C SER B 882 -18.30 19.99 10.63
N LYS B 883 -18.06 20.64 11.79
CA LYS B 883 -16.74 20.81 12.41
C LYS B 883 -16.13 19.48 12.88
N ASP B 884 -17.00 18.51 13.24
CA ASP B 884 -16.60 17.17 13.72
C ASP B 884 -15.99 16.31 12.61
N ILE B 885 -16.60 16.32 11.41
CA ILE B 885 -16.15 15.57 10.23
C ILE B 885 -14.87 16.21 9.67
N GLN B 886 -14.71 17.54 9.86
CA GLN B 886 -13.55 18.34 9.44
C GLN B 886 -12.25 17.86 10.11
N TYR B 887 -12.34 17.32 11.35
CA TYR B 887 -11.21 16.79 12.10
C TYR B 887 -10.51 15.64 11.36
N LEU B 888 -11.28 14.76 10.70
CA LEU B 888 -10.77 13.64 9.90
C LEU B 888 -10.07 14.16 8.65
N LYS B 889 -10.58 15.28 8.07
CA LYS B 889 -10.01 15.94 6.90
C LYS B 889 -8.71 16.67 7.24
N ASP B 890 -8.53 17.04 8.53
CA ASP B 890 -7.34 17.72 9.04
C ASP B 890 -6.28 16.74 9.54
N SER B 891 -6.70 15.65 10.22
CA SER B 891 -5.80 14.63 10.76
C SER B 891 -5.19 13.75 9.65
N LEU B 892 -6.02 13.26 8.71
CA LEU B 892 -5.58 12.41 7.60
C LEU B 892 -5.05 13.22 6.41
N ALA B 893 -5.46 14.51 6.29
CA ALA B 893 -5.10 15.44 5.21
C ALA B 893 -5.45 14.89 3.81
N LEU B 894 -6.76 14.82 3.52
CA LEU B 894 -7.31 14.31 2.27
C LEU B 894 -7.07 15.24 1.08
N GLY B 895 -7.09 16.55 1.33
CA GLY B 895 -6.87 17.59 0.32
C GLY B 895 -5.46 17.60 -0.23
N LYS B 896 -4.47 17.30 0.63
CA LYS B 896 -3.04 17.25 0.28
C LYS B 896 -2.69 15.94 -0.44
N THR B 897 -1.51 15.90 -1.11
CA THR B 897 -1.00 14.73 -1.83
C THR B 897 -0.36 13.72 -0.85
N GLU B 898 0.06 12.54 -1.37
CA GLU B 898 0.67 11.46 -0.57
C GLU B 898 1.97 11.89 0.12
N GLU B 899 2.84 12.66 -0.58
CA GLU B 899 4.12 13.14 -0.05
C GLU B 899 3.94 14.36 0.88
N GLU B 900 3.02 15.28 0.53
CA GLU B 900 2.72 16.49 1.31
C GLU B 900 2.14 16.17 2.69
N ALA B 901 1.29 15.12 2.78
CA ALA B 901 0.68 14.67 4.03
C ALA B 901 1.67 13.88 4.88
N LEU B 902 2.58 13.13 4.24
CA LEU B 902 3.62 12.32 4.90
C LEU B 902 4.66 13.22 5.57
N LYS B 903 5.03 14.34 4.90
CA LYS B 903 5.97 15.34 5.40
C LYS B 903 5.36 16.08 6.59
N HIS B 904 4.03 16.34 6.52
CA HIS B 904 3.24 16.99 7.56
C HIS B 904 3.11 16.08 8.79
N PHE B 905 3.02 14.75 8.56
CA PHE B 905 2.94 13.72 9.59
C PHE B 905 4.27 13.59 10.33
N ARG B 906 5.40 13.81 9.63
CA ARG B 906 6.77 13.77 10.17
C ARG B 906 7.01 14.89 11.17
N VAL B 907 6.36 16.05 10.98
CA VAL B 907 6.45 17.22 11.87
C VAL B 907 5.71 16.88 13.18
N LYS B 908 4.52 16.24 13.05
CA LYS B 908 3.66 15.82 14.17
C LYS B 908 4.31 14.69 14.98
N PHE B 909 5.05 13.78 14.29
CA PHE B 909 5.77 12.66 14.92
C PHE B 909 6.94 13.17 15.76
N ASN B 910 7.68 14.17 15.24
CA ASN B 910 8.82 14.79 15.92
C ASN B 910 8.36 15.67 17.09
N GLU B 911 7.15 16.26 16.99
CA GLU B 911 6.53 17.09 18.03
C GLU B 911 6.26 16.27 19.30
N ALA B 912 5.80 15.02 19.14
CA ALA B 912 5.52 14.09 20.23
C ALA B 912 6.81 13.55 20.84
N LEU B 913 7.88 13.42 20.02
CA LEU B 913 9.20 12.94 20.45
C LEU B 913 9.95 14.02 21.23
N ARG B 914 9.76 15.31 20.86
CA ARG B 914 10.36 16.46 21.53
C ARG B 914 9.75 16.68 22.92
N GLU B 915 8.45 16.35 23.07
CA GLU B 915 7.70 16.46 24.32
C GLU B 915 7.96 15.26 25.25
N SER B 916 8.48 14.15 24.69
CA SER B 916 8.79 12.91 25.41
C SER B 916 9.98 13.10 26.36
C1 VWN C . 19.49 -15.48 -23.54
N2 VWN C . 19.52 -16.08 -22.26
C3 VWN C . 19.13 -15.30 -21.08
C4 VWN C . 19.75 -15.88 -19.83
O5 VWN C . 19.42 -17.26 -19.68
C6 VWN C . 19.90 -17.99 -20.81
C7 VWN C . 19.27 -17.52 -22.09
N8 VWN C . 19.46 -16.35 -24.60
C9 VWN C . 19.42 -15.83 -25.82
N10 VWN C . 19.41 -14.47 -26.09
C11 VWN C . 19.44 -13.53 -25.06
C12 VWN C . 19.48 -14.09 -23.75
O13 VWN C . 19.43 -12.33 -25.34
C14 VWN C . 20.69 -17.49 -27.18
C15 VWN C . 19.38 -16.79 -27.00
N16 VWN C . 20.79 -18.87 -27.40
N17 VWN C . 21.85 -16.88 -27.16
C18 VWN C . 22.79 -17.88 -27.38
C19 VWN C . 22.15 -19.11 -27.54
C20 VWN C . 22.87 -20.28 -27.79
C21 VWN C . 24.25 -20.19 -27.87
C22 VWN C . 24.90 -18.96 -27.72
C23 VWN C . 24.18 -17.80 -27.48
C24 VWN C . 19.76 -19.89 -27.50
C1 VWN D . -12.43 -1.88 30.48
N2 VWN D . -11.90 -3.11 30.00
C3 VWN D . -11.70 -3.31 28.56
C4 VWN D . -11.63 -4.78 28.25
O5 VWN D . -10.60 -5.43 29.00
C6 VWN D . -10.86 -5.28 30.39
C7 VWN D . -10.89 -3.83 30.80
N8 VWN D . -12.23 -1.62 31.80
C9 VWN D . -12.69 -0.47 32.28
N10 VWN D . -13.39 0.47 31.51
C11 VWN D . -13.63 0.26 30.17
C12 VWN D . -13.13 -0.98 29.66
O13 VWN D . -14.25 1.11 29.52
C14 VWN D . -13.19 -1.09 34.64
C15 VWN D . -12.45 -0.15 33.74
N16 VWN D . -12.63 -1.63 35.80
N17 VWN D . -14.43 -1.47 34.43
C18 VWN D . -14.73 -2.30 35.50
C19 VWN D . -13.64 -2.42 36.37
C20 VWN D . -13.68 -3.19 37.52
C21 VWN D . -14.86 -3.86 37.81
C22 VWN D . -15.97 -3.75 36.96
C23 VWN D . -15.91 -2.98 35.80
C24 VWN D . -11.31 -1.45 36.39
#